data_5GOT
# 
_entry.id   5GOT 
# 
_audit_conform.dict_name       mmcif_pdbx.dic 
_audit_conform.dict_version    5.387 
_audit_conform.dict_location   http://mmcif.pdb.org/dictionaries/ascii/mmcif_pdbx.dic 
# 
loop_
_database_2.database_id 
_database_2.database_code 
_database_2.pdbx_database_accession 
_database_2.pdbx_DOI 
PDB   5GOT         pdb_00005got 10.2210/pdb5got/pdb 
WWPDB D_1300001196 ?            ?                   
# 
loop_
_pdbx_audit_revision_history.ordinal 
_pdbx_audit_revision_history.data_content_type 
_pdbx_audit_revision_history.major_revision 
_pdbx_audit_revision_history.minor_revision 
_pdbx_audit_revision_history.revision_date 
1 'Structure model' 1 0 2016-09-07 
2 'Structure model' 1 1 2016-09-28 
3 'Structure model' 1 2 2024-03-20 
# 
_pdbx_audit_revision_details.ordinal             1 
_pdbx_audit_revision_details.revision_ordinal    1 
_pdbx_audit_revision_details.data_content_type   'Structure model' 
_pdbx_audit_revision_details.provider            repository 
_pdbx_audit_revision_details.type                'Initial release' 
_pdbx_audit_revision_details.description         ? 
_pdbx_audit_revision_details.details             ? 
# 
loop_
_pdbx_audit_revision_group.ordinal 
_pdbx_audit_revision_group.revision_ordinal 
_pdbx_audit_revision_group.data_content_type 
_pdbx_audit_revision_group.group 
1 2 'Structure model' 'Database references'  
2 3 'Structure model' 'Data collection'      
3 3 'Structure model' 'Database references'  
4 3 'Structure model' 'Derived calculations' 
# 
loop_
_pdbx_audit_revision_category.ordinal 
_pdbx_audit_revision_category.revision_ordinal 
_pdbx_audit_revision_category.data_content_type 
_pdbx_audit_revision_category.category 
1 3 'Structure model' chem_comp_atom        
2 3 'Structure model' chem_comp_bond        
3 3 'Structure model' citation              
4 3 'Structure model' database_2            
5 3 'Structure model' pdbx_struct_oper_list 
# 
loop_
_pdbx_audit_revision_item.ordinal 
_pdbx_audit_revision_item.revision_ordinal 
_pdbx_audit_revision_item.data_content_type 
_pdbx_audit_revision_item.item 
1 3 'Structure model' '_citation.journal_id_CSD'                  
2 3 'Structure model' '_database_2.pdbx_DOI'                      
3 3 'Structure model' '_database_2.pdbx_database_accession'       
4 3 'Structure model' '_pdbx_struct_oper_list.symmetry_operation' 
# 
_pdbx_database_status.status_code                     REL 
_pdbx_database_status.status_code_sf                  REL 
_pdbx_database_status.status_code_mr                  ? 
_pdbx_database_status.entry_id                        5GOT 
_pdbx_database_status.recvd_initial_deposition_date   2016-07-29 
_pdbx_database_status.SG_entry                        N 
_pdbx_database_status.deposit_site                    PDBJ 
_pdbx_database_status.process_site                    PDBJ 
_pdbx_database_status.status_code_cs                  ? 
_pdbx_database_status.methods_development_category    ? 
_pdbx_database_status.pdb_format_compatible           Y 
_pdbx_database_status.status_code_nmr_data            ? 
# 
loop_
_audit_author.name 
_audit_author.pdbx_ordinal 
'Ku, B.'     1 
'Keum, C.W.' 2 
'KIim, S.J.' 3 
# 
_citation.abstract                  ? 
_citation.abstract_id_CAS           ? 
_citation.book_id_ISBN              ? 
_citation.book_publisher            ? 
_citation.book_publisher_city       ? 
_citation.book_title                ? 
_citation.coordinate_linkage        ? 
_citation.country                   US 
_citation.database_id_Medline       ? 
_citation.details                   ? 
_citation.id                        primary 
_citation.journal_abbrev            Biochem.Biophys.Res.Commun. 
_citation.journal_id_ASTM           BBRCA9 
_citation.journal_id_CSD            0146 
_citation.journal_id_ISSN           1090-2104 
_citation.journal_full              ? 
_citation.journal_issue             ? 
_citation.journal_volume            478 
_citation.language                  ? 
_citation.page_first                1217 
_citation.page_last                 1222 
_citation.title                     
'Crystal structure of SP-PTP, a low molecular weight protein tyrosine phosphatase from Streptococcus pyogenes' 
_citation.year                      2016 
_citation.database_id_CSD           ? 
_citation.pdbx_database_id_DOI      10.1016/j.bbrc.2016.08.097 
_citation.pdbx_database_id_PubMed   27545603 
_citation.unpublished_flag          ? 
# 
loop_
_citation_author.citation_id 
_citation_author.name 
_citation_author.ordinal 
_citation_author.identifier_ORCID 
primary 'Ku, B.'      1 ? 
primary 'Keum, C.W.'  2 ? 
primary 'Lee, H.S.'   3 ? 
primary 'Yun, H.-Y.'  4 ? 
primary 'Shin, H.-C.' 5 ? 
primary 'Kim, B.Y.'   6 ? 
primary 'Kim, S.J.'   7 ? 
# 
loop_
_entity.id 
_entity.type 
_entity.src_method 
_entity.pdbx_description 
_entity.formula_weight 
_entity.pdbx_number_of_molecules 
_entity.pdbx_ec 
_entity.pdbx_mutation 
_entity.pdbx_fragment 
_entity.details 
1 polymer     man 'Low molecular weight phosphotyrosine phosphatase family protein' 18042.484 1   3.1.3.48 ? ? ? 
2 non-polymer syn 'CHLORIDE ION'                                                    35.453    3   ?        ? ? ? 
3 water       nat water                                                             18.015    161 ?        ? ? ? 
# 
_entity_name_com.entity_id   1 
_entity_name_com.name        'Protein tyrosine phosphatase, SP-PTP' 
# 
_entity_poly.entity_id                      1 
_entity_poly.type                           'polypeptide(L)' 
_entity_poly.nstd_linkage                   no 
_entity_poly.nstd_monomer                   no 
_entity_poly.pdbx_seq_one_letter_code       
;MKKVCFVCLGNICRSPMAEFVMKSIVSSDVMMIESRATSDWEHGNPIHSGTQSILKTYQINYDITKCSKQITITDFNTFD
YIIGMDSDNVKNLKEMSQHQWDSKIYLFREGGVPDPWYTNDFEETYQLVRKGCQDWLSRLMSKEYLEHHHHHH
;
_entity_poly.pdbx_seq_one_letter_code_can   
;MKKVCFVCLGNICRSPMAEFVMKSIVSSDVMMIESRATSDWEHGNPIHSGTQSILKTYQINYDITKCSKQITITDFNTFD
YIIGMDSDNVKNLKEMSQHQWDSKIYLFREGGVPDPWYTNDFEETYQLVRKGCQDWLSRLMSKEYLEHHHHHH
;
_entity_poly.pdbx_strand_id                 A 
_entity_poly.pdbx_target_identifier         ? 
# 
loop_
_pdbx_entity_nonpoly.entity_id 
_pdbx_entity_nonpoly.name 
_pdbx_entity_nonpoly.comp_id 
2 'CHLORIDE ION' CL  
3 water          HOH 
# 
loop_
_entity_poly_seq.entity_id 
_entity_poly_seq.num 
_entity_poly_seq.mon_id 
_entity_poly_seq.hetero 
1 1   MET n 
1 2   LYS n 
1 3   LYS n 
1 4   VAL n 
1 5   CYS n 
1 6   PHE n 
1 7   VAL n 
1 8   CYS n 
1 9   LEU n 
1 10  GLY n 
1 11  ASN n 
1 12  ILE n 
1 13  CYS n 
1 14  ARG n 
1 15  SER n 
1 16  PRO n 
1 17  MET n 
1 18  ALA n 
1 19  GLU n 
1 20  PHE n 
1 21  VAL n 
1 22  MET n 
1 23  LYS n 
1 24  SER n 
1 25  ILE n 
1 26  VAL n 
1 27  SER n 
1 28  SER n 
1 29  ASP n 
1 30  VAL n 
1 31  MET n 
1 32  MET n 
1 33  ILE n 
1 34  GLU n 
1 35  SER n 
1 36  ARG n 
1 37  ALA n 
1 38  THR n 
1 39  SER n 
1 40  ASP n 
1 41  TRP n 
1 42  GLU n 
1 43  HIS n 
1 44  GLY n 
1 45  ASN n 
1 46  PRO n 
1 47  ILE n 
1 48  HIS n 
1 49  SER n 
1 50  GLY n 
1 51  THR n 
1 52  GLN n 
1 53  SER n 
1 54  ILE n 
1 55  LEU n 
1 56  LYS n 
1 57  THR n 
1 58  TYR n 
1 59  GLN n 
1 60  ILE n 
1 61  ASN n 
1 62  TYR n 
1 63  ASP n 
1 64  ILE n 
1 65  THR n 
1 66  LYS n 
1 67  CYS n 
1 68  SER n 
1 69  LYS n 
1 70  GLN n 
1 71  ILE n 
1 72  THR n 
1 73  ILE n 
1 74  THR n 
1 75  ASP n 
1 76  PHE n 
1 77  ASN n 
1 78  THR n 
1 79  PHE n 
1 80  ASP n 
1 81  TYR n 
1 82  ILE n 
1 83  ILE n 
1 84  GLY n 
1 85  MET n 
1 86  ASP n 
1 87  SER n 
1 88  ASP n 
1 89  ASN n 
1 90  VAL n 
1 91  LYS n 
1 92  ASN n 
1 93  LEU n 
1 94  LYS n 
1 95  GLU n 
1 96  MET n 
1 97  SER n 
1 98  GLN n 
1 99  HIS n 
1 100 GLN n 
1 101 TRP n 
1 102 ASP n 
1 103 SER n 
1 104 LYS n 
1 105 ILE n 
1 106 TYR n 
1 107 LEU n 
1 108 PHE n 
1 109 ARG n 
1 110 GLU n 
1 111 GLY n 
1 112 GLY n 
1 113 VAL n 
1 114 PRO n 
1 115 ASP n 
1 116 PRO n 
1 117 TRP n 
1 118 TYR n 
1 119 THR n 
1 120 ASN n 
1 121 ASP n 
1 122 PHE n 
1 123 GLU n 
1 124 GLU n 
1 125 THR n 
1 126 TYR n 
1 127 GLN n 
1 128 LEU n 
1 129 VAL n 
1 130 ARG n 
1 131 LYS n 
1 132 GLY n 
1 133 CYS n 
1 134 GLN n 
1 135 ASP n 
1 136 TRP n 
1 137 LEU n 
1 138 SER n 
1 139 ARG n 
1 140 LEU n 
1 141 MET n 
1 142 SER n 
1 143 LYS n 
1 144 GLU n 
1 145 TYR n 
1 146 LEU n 
1 147 GLU n 
1 148 HIS n 
1 149 HIS n 
1 150 HIS n 
1 151 HIS n 
1 152 HIS n 
1 153 HIS n 
# 
_entity_src_gen.entity_id                          1 
_entity_src_gen.pdbx_src_id                        1 
_entity_src_gen.pdbx_alt_source_flag               sample 
_entity_src_gen.pdbx_seq_type                      'Biological sequence' 
_entity_src_gen.pdbx_beg_seq_num                   1 
_entity_src_gen.pdbx_end_seq_num                   153 
_entity_src_gen.gene_src_common_name               ? 
_entity_src_gen.gene_src_genus                     ? 
_entity_src_gen.pdbx_gene_src_gene                 ptpA 
_entity_src_gen.gene_src_species                   ? 
_entity_src_gen.gene_src_strain                    ? 
_entity_src_gen.gene_src_tissue                    ? 
_entity_src_gen.gene_src_tissue_fraction           ? 
_entity_src_gen.gene_src_details                   ? 
_entity_src_gen.pdbx_gene_src_fragment             ? 
_entity_src_gen.pdbx_gene_src_scientific_name      'Streptococcus pyogenes' 
_entity_src_gen.pdbx_gene_src_ncbi_taxonomy_id     1314 
_entity_src_gen.pdbx_gene_src_variant              ? 
_entity_src_gen.pdbx_gene_src_cell_line            ? 
_entity_src_gen.pdbx_gene_src_atcc                 ? 
_entity_src_gen.pdbx_gene_src_organ                ? 
_entity_src_gen.pdbx_gene_src_organelle            ? 
_entity_src_gen.pdbx_gene_src_cell                 ? 
_entity_src_gen.pdbx_gene_src_cellular_location    ? 
_entity_src_gen.host_org_common_name               ? 
_entity_src_gen.pdbx_host_org_scientific_name      'Escherichia coli' 
_entity_src_gen.pdbx_host_org_ncbi_taxonomy_id     562 
_entity_src_gen.host_org_genus                     ? 
_entity_src_gen.pdbx_host_org_gene                 ? 
_entity_src_gen.pdbx_host_org_organ                ? 
_entity_src_gen.host_org_species                   ? 
_entity_src_gen.pdbx_host_org_tissue               ? 
_entity_src_gen.pdbx_host_org_tissue_fraction      ? 
_entity_src_gen.pdbx_host_org_strain               ? 
_entity_src_gen.pdbx_host_org_variant              ? 
_entity_src_gen.pdbx_host_org_cell_line            ? 
_entity_src_gen.pdbx_host_org_atcc                 ? 
_entity_src_gen.pdbx_host_org_culture_collection   ? 
_entity_src_gen.pdbx_host_org_cell                 ? 
_entity_src_gen.pdbx_host_org_organelle            ? 
_entity_src_gen.pdbx_host_org_cellular_location    ? 
_entity_src_gen.pdbx_host_org_vector_type          ? 
_entity_src_gen.pdbx_host_org_vector               ? 
_entity_src_gen.host_org_details                   ? 
_entity_src_gen.expression_system_id               ? 
_entity_src_gen.plasmid_name                       ? 
_entity_src_gen.plasmid_details                    ? 
_entity_src_gen.pdbx_description                   ? 
# 
loop_
_chem_comp.id 
_chem_comp.type 
_chem_comp.mon_nstd_flag 
_chem_comp.name 
_chem_comp.pdbx_synonyms 
_chem_comp.formula 
_chem_comp.formula_weight 
ALA 'L-peptide linking' y ALANINE         ? 'C3 H7 N O2'     89.093  
ARG 'L-peptide linking' y ARGININE        ? 'C6 H15 N4 O2 1' 175.209 
ASN 'L-peptide linking' y ASPARAGINE      ? 'C4 H8 N2 O3'    132.118 
ASP 'L-peptide linking' y 'ASPARTIC ACID' ? 'C4 H7 N O4'     133.103 
CL  non-polymer         . 'CHLORIDE ION'  ? 'Cl -1'          35.453  
CYS 'L-peptide linking' y CYSTEINE        ? 'C3 H7 N O2 S'   121.158 
GLN 'L-peptide linking' y GLUTAMINE       ? 'C5 H10 N2 O3'   146.144 
GLU 'L-peptide linking' y 'GLUTAMIC ACID' ? 'C5 H9 N O4'     147.129 
GLY 'peptide linking'   y GLYCINE         ? 'C2 H5 N O2'     75.067  
HIS 'L-peptide linking' y HISTIDINE       ? 'C6 H10 N3 O2 1' 156.162 
HOH non-polymer         . WATER           ? 'H2 O'           18.015  
ILE 'L-peptide linking' y ISOLEUCINE      ? 'C6 H13 N O2'    131.173 
LEU 'L-peptide linking' y LEUCINE         ? 'C6 H13 N O2'    131.173 
LYS 'L-peptide linking' y LYSINE          ? 'C6 H15 N2 O2 1' 147.195 
MET 'L-peptide linking' y METHIONINE      ? 'C5 H11 N O2 S'  149.211 
PHE 'L-peptide linking' y PHENYLALANINE   ? 'C9 H11 N O2'    165.189 
PRO 'L-peptide linking' y PROLINE         ? 'C5 H9 N O2'     115.130 
SER 'L-peptide linking' y SERINE          ? 'C3 H7 N O3'     105.093 
THR 'L-peptide linking' y THREONINE       ? 'C4 H9 N O3'     119.119 
TRP 'L-peptide linking' y TRYPTOPHAN      ? 'C11 H12 N2 O2'  204.225 
TYR 'L-peptide linking' y TYROSINE        ? 'C9 H11 N O3'    181.189 
VAL 'L-peptide linking' y VALINE          ? 'C5 H11 N O2'    117.146 
# 
loop_
_pdbx_poly_seq_scheme.asym_id 
_pdbx_poly_seq_scheme.entity_id 
_pdbx_poly_seq_scheme.seq_id 
_pdbx_poly_seq_scheme.mon_id 
_pdbx_poly_seq_scheme.ndb_seq_num 
_pdbx_poly_seq_scheme.pdb_seq_num 
_pdbx_poly_seq_scheme.auth_seq_num 
_pdbx_poly_seq_scheme.pdb_mon_id 
_pdbx_poly_seq_scheme.auth_mon_id 
_pdbx_poly_seq_scheme.pdb_strand_id 
_pdbx_poly_seq_scheme.pdb_ins_code 
_pdbx_poly_seq_scheme.hetero 
A 1 1   MET 1   1   1   MET MET A . n 
A 1 2   LYS 2   2   2   LYS LYS A . n 
A 1 3   LYS 3   3   3   LYS LYS A . n 
A 1 4   VAL 4   4   4   VAL VAL A . n 
A 1 5   CYS 5   5   5   CYS CYS A . n 
A 1 6   PHE 6   6   6   PHE PHE A . n 
A 1 7   VAL 7   7   7   VAL VAL A . n 
A 1 8   CYS 8   8   8   CYS CYS A . n 
A 1 9   LEU 9   9   9   LEU LEU A . n 
A 1 10  GLY 10  10  10  GLY GLY A . n 
A 1 11  ASN 11  11  11  ASN ASN A . n 
A 1 12  ILE 12  12  12  ILE ILE A . n 
A 1 13  CYS 13  13  13  CYS CYS A . n 
A 1 14  ARG 14  14  14  ARG ARG A . n 
A 1 15  SER 15  15  15  SER SER A . n 
A 1 16  PRO 16  16  16  PRO PRO A . n 
A 1 17  MET 17  17  17  MET MET A . n 
A 1 18  ALA 18  18  18  ALA ALA A . n 
A 1 19  GLU 19  19  19  GLU GLU A . n 
A 1 20  PHE 20  20  20  PHE PHE A . n 
A 1 21  VAL 21  21  21  VAL VAL A . n 
A 1 22  MET 22  22  22  MET MET A . n 
A 1 23  LYS 23  23  23  LYS LYS A . n 
A 1 24  SER 24  24  24  SER SER A . n 
A 1 25  ILE 25  25  25  ILE ILE A . n 
A 1 26  VAL 26  26  26  VAL VAL A . n 
A 1 27  SER 27  27  27  SER SER A . n 
A 1 28  SER 28  28  28  SER SER A . n 
A 1 29  ASP 29  29  29  ASP ASP A . n 
A 1 30  VAL 30  30  30  VAL VAL A . n 
A 1 31  MET 31  31  31  MET MET A . n 
A 1 32  MET 32  32  32  MET MET A . n 
A 1 33  ILE 33  33  33  ILE ILE A . n 
A 1 34  GLU 34  34  34  GLU GLU A . n 
A 1 35  SER 35  35  35  SER SER A . n 
A 1 36  ARG 36  36  36  ARG ARG A . n 
A 1 37  ALA 37  37  37  ALA ALA A . n 
A 1 38  THR 38  38  38  THR THR A . n 
A 1 39  SER 39  39  39  SER SER A . n 
A 1 40  ASP 40  40  40  ASP ASP A . n 
A 1 41  TRP 41  41  41  TRP TRP A . n 
A 1 42  GLU 42  42  42  GLU GLU A . n 
A 1 43  HIS 43  43  43  HIS HIS A . n 
A 1 44  GLY 44  44  44  GLY GLY A . n 
A 1 45  ASN 45  45  45  ASN ASN A . n 
A 1 46  PRO 46  46  46  PRO PRO A . n 
A 1 47  ILE 47  47  47  ILE ILE A . n 
A 1 48  HIS 48  48  48  HIS HIS A . n 
A 1 49  SER 49  49  49  SER SER A . n 
A 1 50  GLY 50  50  50  GLY GLY A . n 
A 1 51  THR 51  51  51  THR THR A . n 
A 1 52  GLN 52  52  52  GLN GLN A . n 
A 1 53  SER 53  53  53  SER SER A . n 
A 1 54  ILE 54  54  54  ILE ILE A . n 
A 1 55  LEU 55  55  55  LEU LEU A . n 
A 1 56  LYS 56  56  56  LYS LYS A . n 
A 1 57  THR 57  57  57  THR THR A . n 
A 1 58  TYR 58  58  58  TYR TYR A . n 
A 1 59  GLN 59  59  59  GLN GLN A . n 
A 1 60  ILE 60  60  60  ILE ILE A . n 
A 1 61  ASN 61  61  61  ASN ASN A . n 
A 1 62  TYR 62  62  62  TYR TYR A . n 
A 1 63  ASP 63  63  63  ASP ASP A . n 
A 1 64  ILE 64  64  64  ILE ILE A . n 
A 1 65  THR 65  65  65  THR THR A . n 
A 1 66  LYS 66  66  66  LYS LYS A . n 
A 1 67  CYS 67  67  67  CYS CYS A . n 
A 1 68  SER 68  68  68  SER SER A . n 
A 1 69  LYS 69  69  69  LYS LYS A . n 
A 1 70  GLN 70  70  70  GLN GLN A . n 
A 1 71  ILE 71  71  71  ILE ILE A . n 
A 1 72  THR 72  72  72  THR THR A . n 
A 1 73  ILE 73  73  73  ILE ILE A . n 
A 1 74  THR 74  74  74  THR THR A . n 
A 1 75  ASP 75  75  75  ASP ASP A . n 
A 1 76  PHE 76  76  76  PHE PHE A . n 
A 1 77  ASN 77  77  77  ASN ASN A . n 
A 1 78  THR 78  78  78  THR THR A . n 
A 1 79  PHE 79  79  79  PHE PHE A . n 
A 1 80  ASP 80  80  80  ASP ASP A . n 
A 1 81  TYR 81  81  81  TYR TYR A . n 
A 1 82  ILE 82  82  82  ILE ILE A . n 
A 1 83  ILE 83  83  83  ILE ILE A . n 
A 1 84  GLY 84  84  84  GLY GLY A . n 
A 1 85  MET 85  85  85  MET MET A . n 
A 1 86  ASP 86  86  86  ASP ASP A . n 
A 1 87  SER 87  87  87  SER SER A . n 
A 1 88  ASP 88  88  88  ASP ASP A . n 
A 1 89  ASN 89  89  89  ASN ASN A . n 
A 1 90  VAL 90  90  90  VAL VAL A . n 
A 1 91  LYS 91  91  91  LYS LYS A . n 
A 1 92  ASN 92  92  92  ASN ASN A . n 
A 1 93  LEU 93  93  93  LEU LEU A . n 
A 1 94  LYS 94  94  94  LYS LYS A . n 
A 1 95  GLU 95  95  95  GLU GLU A . n 
A 1 96  MET 96  96  96  MET MET A . n 
A 1 97  SER 97  97  97  SER SER A . n 
A 1 98  GLN 98  98  98  GLN GLN A . n 
A 1 99  HIS 99  99  99  HIS HIS A . n 
A 1 100 GLN 100 100 100 GLN GLN A . n 
A 1 101 TRP 101 101 101 TRP TRP A . n 
A 1 102 ASP 102 102 102 ASP ASP A . n 
A 1 103 SER 103 103 103 SER SER A . n 
A 1 104 LYS 104 104 104 LYS LYS A . n 
A 1 105 ILE 105 105 105 ILE ILE A . n 
A 1 106 TYR 106 106 106 TYR TYR A . n 
A 1 107 LEU 107 107 107 LEU LEU A . n 
A 1 108 PHE 108 108 108 PHE PHE A . n 
A 1 109 ARG 109 109 109 ARG ARG A . n 
A 1 110 GLU 110 110 110 GLU GLU A . n 
A 1 111 GLY 111 111 111 GLY GLY A . n 
A 1 112 GLY 112 112 112 GLY GLY A . n 
A 1 113 VAL 113 113 113 VAL VAL A . n 
A 1 114 PRO 114 114 114 PRO PRO A . n 
A 1 115 ASP 115 115 115 ASP ASP A . n 
A 1 116 PRO 116 116 116 PRO PRO A . n 
A 1 117 TRP 117 117 117 TRP TRP A . n 
A 1 118 TYR 118 118 118 TYR TYR A . n 
A 1 119 THR 119 119 119 THR THR A . n 
A 1 120 ASN 120 120 120 ASN ASN A . n 
A 1 121 ASP 121 121 121 ASP ASP A . n 
A 1 122 PHE 122 122 122 PHE PHE A . n 
A 1 123 GLU 123 123 123 GLU GLU A . n 
A 1 124 GLU 124 124 124 GLU GLU A . n 
A 1 125 THR 125 125 125 THR THR A . n 
A 1 126 TYR 126 126 126 TYR TYR A . n 
A 1 127 GLN 127 127 127 GLN GLN A . n 
A 1 128 LEU 128 128 128 LEU LEU A . n 
A 1 129 VAL 129 129 129 VAL VAL A . n 
A 1 130 ARG 130 130 130 ARG ARG A . n 
A 1 131 LYS 131 131 131 LYS LYS A . n 
A 1 132 GLY 132 132 132 GLY GLY A . n 
A 1 133 CYS 133 133 133 CYS CYS A . n 
A 1 134 GLN 134 134 134 GLN GLN A . n 
A 1 135 ASP 135 135 135 ASP ASP A . n 
A 1 136 TRP 136 136 136 TRP TRP A . n 
A 1 137 LEU 137 137 137 LEU LEU A . n 
A 1 138 SER 138 138 138 SER SER A . n 
A 1 139 ARG 139 139 139 ARG ARG A . n 
A 1 140 LEU 140 140 140 LEU LEU A . n 
A 1 141 MET 141 141 141 MET MET A . n 
A 1 142 SER 142 142 142 SER SER A . n 
A 1 143 LYS 143 143 143 LYS LYS A . n 
A 1 144 GLU 144 144 144 GLU GLU A . n 
A 1 145 TYR 145 145 145 TYR TYR A . n 
A 1 146 LEU 146 146 146 LEU LEU A . n 
A 1 147 GLU 147 147 147 GLU GLU A . n 
A 1 148 HIS 148 148 148 HIS HIS A . n 
A 1 149 HIS 149 149 149 HIS HIS A . n 
A 1 150 HIS 150 150 150 HIS HIS A . n 
A 1 151 HIS 151 151 ?   ?   ?   A . n 
A 1 152 HIS 152 152 ?   ?   ?   A . n 
A 1 153 HIS 153 153 ?   ?   ?   A . n 
# 
loop_
_pdbx_nonpoly_scheme.asym_id 
_pdbx_nonpoly_scheme.entity_id 
_pdbx_nonpoly_scheme.mon_id 
_pdbx_nonpoly_scheme.ndb_seq_num 
_pdbx_nonpoly_scheme.pdb_seq_num 
_pdbx_nonpoly_scheme.auth_seq_num 
_pdbx_nonpoly_scheme.pdb_mon_id 
_pdbx_nonpoly_scheme.auth_mon_id 
_pdbx_nonpoly_scheme.pdb_strand_id 
_pdbx_nonpoly_scheme.pdb_ins_code 
B 2 CL  1   201 1   CL  CL  A . 
C 2 CL  1   202 2   CL  CL  A . 
D 2 CL  1   203 3   CL  CL  A . 
E 3 HOH 1   301 63  HOH HOH A . 
E 3 HOH 2   302 108 HOH HOH A . 
E 3 HOH 3   303 44  HOH HOH A . 
E 3 HOH 4   304 106 HOH HOH A . 
E 3 HOH 5   305 3   HOH HOH A . 
E 3 HOH 6   306 21  HOH HOH A . 
E 3 HOH 7   307 11  HOH HOH A . 
E 3 HOH 8   308 73  HOH HOH A . 
E 3 HOH 9   309 160 HOH HOH A . 
E 3 HOH 10  310 1   HOH HOH A . 
E 3 HOH 11  311 15  HOH HOH A . 
E 3 HOH 12  312 20  HOH HOH A . 
E 3 HOH 13  313 76  HOH HOH A . 
E 3 HOH 14  314 60  HOH HOH A . 
E 3 HOH 15  315 91  HOH HOH A . 
E 3 HOH 16  316 111 HOH HOH A . 
E 3 HOH 17  317 141 HOH HOH A . 
E 3 HOH 18  318 26  HOH HOH A . 
E 3 HOH 19  319 139 HOH HOH A . 
E 3 HOH 20  320 135 HOH HOH A . 
E 3 HOH 21  321 50  HOH HOH A . 
E 3 HOH 22  322 17  HOH HOH A . 
E 3 HOH 23  323 46  HOH HOH A . 
E 3 HOH 24  324 35  HOH HOH A . 
E 3 HOH 25  325 9   HOH HOH A . 
E 3 HOH 26  326 47  HOH HOH A . 
E 3 HOH 27  327 10  HOH HOH A . 
E 3 HOH 28  328 5   HOH HOH A . 
E 3 HOH 29  329 109 HOH HOH A . 
E 3 HOH 30  330 122 HOH HOH A . 
E 3 HOH 31  331 143 HOH HOH A . 
E 3 HOH 32  332 54  HOH HOH A . 
E 3 HOH 33  333 45  HOH HOH A . 
E 3 HOH 34  334 34  HOH HOH A . 
E 3 HOH 35  335 27  HOH HOH A . 
E 3 HOH 36  336 138 HOH HOH A . 
E 3 HOH 37  337 30  HOH HOH A . 
E 3 HOH 38  338 100 HOH HOH A . 
E 3 HOH 39  339 2   HOH HOH A . 
E 3 HOH 40  340 29  HOH HOH A . 
E 3 HOH 41  341 96  HOH HOH A . 
E 3 HOH 42  342 56  HOH HOH A . 
E 3 HOH 43  343 41  HOH HOH A . 
E 3 HOH 44  344 81  HOH HOH A . 
E 3 HOH 45  345 68  HOH HOH A . 
E 3 HOH 46  346 24  HOH HOH A . 
E 3 HOH 47  347 18  HOH HOH A . 
E 3 HOH 48  348 62  HOH HOH A . 
E 3 HOH 49  349 33  HOH HOH A . 
E 3 HOH 50  350 87  HOH HOH A . 
E 3 HOH 51  351 99  HOH HOH A . 
E 3 HOH 52  352 7   HOH HOH A . 
E 3 HOH 53  353 95  HOH HOH A . 
E 3 HOH 54  354 13  HOH HOH A . 
E 3 HOH 55  355 6   HOH HOH A . 
E 3 HOH 56  356 48  HOH HOH A . 
E 3 HOH 57  357 39  HOH HOH A . 
E 3 HOH 58  358 23  HOH HOH A . 
E 3 HOH 59  359 137 HOH HOH A . 
E 3 HOH 60  360 8   HOH HOH A . 
E 3 HOH 61  361 58  HOH HOH A . 
E 3 HOH 62  362 118 HOH HOH A . 
E 3 HOH 63  363 16  HOH HOH A . 
E 3 HOH 64  364 94  HOH HOH A . 
E 3 HOH 65  365 12  HOH HOH A . 
E 3 HOH 66  366 74  HOH HOH A . 
E 3 HOH 67  367 52  HOH HOH A . 
E 3 HOH 68  368 67  HOH HOH A . 
E 3 HOH 69  369 25  HOH HOH A . 
E 3 HOH 70  370 103 HOH HOH A . 
E 3 HOH 71  371 85  HOH HOH A . 
E 3 HOH 72  372 102 HOH HOH A . 
E 3 HOH 73  373 78  HOH HOH A . 
E 3 HOH 74  374 64  HOH HOH A . 
E 3 HOH 75  375 43  HOH HOH A . 
E 3 HOH 76  376 86  HOH HOH A . 
E 3 HOH 77  377 112 HOH HOH A . 
E 3 HOH 78  378 92  HOH HOH A . 
E 3 HOH 79  379 113 HOH HOH A . 
E 3 HOH 80  380 22  HOH HOH A . 
E 3 HOH 81  381 93  HOH HOH A . 
E 3 HOH 82  382 127 HOH HOH A . 
E 3 HOH 83  383 42  HOH HOH A . 
E 3 HOH 84  384 49  HOH HOH A . 
E 3 HOH 85  385 77  HOH HOH A . 
E 3 HOH 86  386 51  HOH HOH A . 
E 3 HOH 87  387 155 HOH HOH A . 
E 3 HOH 88  388 14  HOH HOH A . 
E 3 HOH 89  389 156 HOH HOH A . 
E 3 HOH 90  390 53  HOH HOH A . 
E 3 HOH 91  391 107 HOH HOH A . 
E 3 HOH 92  392 75  HOH HOH A . 
E 3 HOH 93  393 40  HOH HOH A . 
E 3 HOH 94  394 36  HOH HOH A . 
E 3 HOH 95  395 110 HOH HOH A . 
E 3 HOH 96  396 119 HOH HOH A . 
E 3 HOH 97  397 19  HOH HOH A . 
E 3 HOH 98  398 134 HOH HOH A . 
E 3 HOH 99  399 125 HOH HOH A . 
E 3 HOH 100 400 55  HOH HOH A . 
E 3 HOH 101 401 146 HOH HOH A . 
E 3 HOH 102 402 80  HOH HOH A . 
E 3 HOH 103 403 4   HOH HOH A . 
E 3 HOH 104 404 59  HOH HOH A . 
E 3 HOH 105 405 142 HOH HOH A . 
E 3 HOH 106 406 105 HOH HOH A . 
E 3 HOH 107 407 145 HOH HOH A . 
E 3 HOH 108 408 152 HOH HOH A . 
E 3 HOH 109 409 157 HOH HOH A . 
E 3 HOH 110 410 117 HOH HOH A . 
E 3 HOH 111 411 129 HOH HOH A . 
E 3 HOH 112 412 66  HOH HOH A . 
E 3 HOH 113 413 144 HOH HOH A . 
E 3 HOH 114 414 124 HOH HOH A . 
E 3 HOH 115 415 120 HOH HOH A . 
E 3 HOH 116 416 133 HOH HOH A . 
E 3 HOH 117 417 161 HOH HOH A . 
E 3 HOH 118 418 88  HOH HOH A . 
E 3 HOH 119 419 151 HOH HOH A . 
E 3 HOH 120 420 97  HOH HOH A . 
E 3 HOH 121 421 38  HOH HOH A . 
E 3 HOH 122 422 72  HOH HOH A . 
E 3 HOH 123 423 83  HOH HOH A . 
E 3 HOH 124 424 84  HOH HOH A . 
E 3 HOH 125 425 65  HOH HOH A . 
E 3 HOH 126 426 90  HOH HOH A . 
E 3 HOH 127 427 123 HOH HOH A . 
E 3 HOH 128 428 61  HOH HOH A . 
E 3 HOH 129 429 132 HOH HOH A . 
E 3 HOH 130 430 69  HOH HOH A . 
E 3 HOH 131 431 104 HOH HOH A . 
E 3 HOH 132 432 71  HOH HOH A . 
E 3 HOH 133 433 126 HOH HOH A . 
E 3 HOH 134 434 115 HOH HOH A . 
E 3 HOH 135 435 159 HOH HOH A . 
E 3 HOH 136 436 37  HOH HOH A . 
E 3 HOH 137 437 153 HOH HOH A . 
E 3 HOH 138 438 31  HOH HOH A . 
E 3 HOH 139 439 82  HOH HOH A . 
E 3 HOH 140 440 89  HOH HOH A . 
E 3 HOH 141 441 149 HOH HOH A . 
E 3 HOH 142 442 32  HOH HOH A . 
E 3 HOH 143 443 147 HOH HOH A . 
E 3 HOH 144 444 154 HOH HOH A . 
E 3 HOH 145 445 150 HOH HOH A . 
E 3 HOH 146 446 130 HOH HOH A . 
E 3 HOH 147 447 131 HOH HOH A . 
E 3 HOH 148 448 148 HOH HOH A . 
E 3 HOH 149 449 57  HOH HOH A . 
E 3 HOH 150 450 121 HOH HOH A . 
E 3 HOH 151 451 101 HOH HOH A . 
E 3 HOH 152 452 128 HOH HOH A . 
E 3 HOH 153 453 28  HOH HOH A . 
E 3 HOH 154 454 136 HOH HOH A . 
E 3 HOH 155 455 140 HOH HOH A . 
E 3 HOH 156 456 98  HOH HOH A . 
E 3 HOH 157 457 114 HOH HOH A . 
E 3 HOH 158 458 79  HOH HOH A . 
E 3 HOH 159 459 70  HOH HOH A . 
E 3 HOH 160 460 158 HOH HOH A . 
E 3 HOH 161 461 116 HOH HOH A . 
# 
loop_
_software.citation_id 
_software.classification 
_software.compiler_name 
_software.compiler_version 
_software.contact_author 
_software.contact_author_email 
_software.date 
_software.description 
_software.dependencies 
_software.hardware 
_software.language 
_software.location 
_software.mods 
_software.name 
_software.os 
_software.os_version 
_software.type 
_software.version 
_software.pdbx_ordinal 
? refinement       ? ? ? ? ? ? ? ? ? ? ? PHENIX   ? ? ? '(1.10.1_2155: ???)' 1 
? 'data reduction' ? ? ? ? ? ? ? ? ? ? ? HKL-2000 ? ? ? .                    2 
? 'data scaling'   ? ? ? ? ? ? ? ? ? ? ? HKL-2000 ? ? ? .                    3 
? phasing          ? ? ? ? ? ? ? ? ? ? ? PHENIX   ? ? ? .                    4 
# 
_cell.entry_id           5GOT 
_cell.length_a           58.003 
_cell.length_b           58.003 
_cell.length_c           218.229 
_cell.angle_alpha        90.00 
_cell.angle_beta         90.00 
_cell.angle_gamma        120.00 
_cell.Z_PDB              12 
_cell.pdbx_unique_axis   ? 
# 
_symmetry.entry_id                         5GOT 
_symmetry.space_group_name_H-M             'P 61 2 2' 
_symmetry.pdbx_full_space_group_name_H-M   ? 
_symmetry.cell_setting                     ? 
_symmetry.Int_Tables_number                178 
# 
_exptl.absorpt_coefficient_mu     ? 
_exptl.absorpt_correction_T_max   ? 
_exptl.absorpt_correction_T_min   ? 
_exptl.absorpt_correction_type    ? 
_exptl.absorpt_process_details    ? 
_exptl.entry_id                   5GOT 
_exptl.crystals_number            1 
_exptl.details                    ? 
_exptl.method                     'X-RAY DIFFRACTION' 
_exptl.method_details             ? 
# 
_exptl_crystal.colour                      ? 
_exptl_crystal.density_diffrn              ? 
_exptl_crystal.density_Matthews            2.94 
_exptl_crystal.density_method              ? 
_exptl_crystal.density_percent_sol         58.12 
_exptl_crystal.description                 ? 
_exptl_crystal.F_000                       ? 
_exptl_crystal.id                          1 
_exptl_crystal.preparation                 ? 
_exptl_crystal.size_max                    ? 
_exptl_crystal.size_mid                    ? 
_exptl_crystal.size_min                    ? 
_exptl_crystal.size_rad                    ? 
_exptl_crystal.colour_lustre               ? 
_exptl_crystal.colour_modifier             ? 
_exptl_crystal.colour_primary              ? 
_exptl_crystal.density_meas                ? 
_exptl_crystal.density_meas_esd            ? 
_exptl_crystal.density_meas_gt             ? 
_exptl_crystal.density_meas_lt             ? 
_exptl_crystal.density_meas_temp           ? 
_exptl_crystal.density_meas_temp_esd       ? 
_exptl_crystal.density_meas_temp_gt        ? 
_exptl_crystal.density_meas_temp_lt        ? 
_exptl_crystal.pdbx_crystal_image_url      ? 
_exptl_crystal.pdbx_crystal_image_format   ? 
_exptl_crystal.pdbx_mosaicity              ? 
_exptl_crystal.pdbx_mosaicity_esd          ? 
# 
_exptl_crystal_grow.apparatus       ? 
_exptl_crystal_grow.atmosphere      ? 
_exptl_crystal_grow.crystal_id      1 
_exptl_crystal_grow.details         ? 
_exptl_crystal_grow.method          'VAPOR DIFFUSION, SITTING DROP' 
_exptl_crystal_grow.method_ref      ? 
_exptl_crystal_grow.pH              6.25 
_exptl_crystal_grow.pressure        ? 
_exptl_crystal_grow.pressure_esd    ? 
_exptl_crystal_grow.seeding         ? 
_exptl_crystal_grow.seeding_ref     ? 
_exptl_crystal_grow.temp            293 
_exptl_crystal_grow.temp_details    ? 
_exptl_crystal_grow.temp_esd        ? 
_exptl_crystal_grow.time            ? 
_exptl_crystal_grow.pdbx_details    '150 mM potassium thiocyanate, 100 mM Bis-Tris, 8% polyethylene glycol 3350, 2% D-sorbitol' 
_exptl_crystal_grow.pdbx_pH_range   ? 
# 
_diffrn.ambient_environment    ? 
_diffrn.ambient_temp           100 
_diffrn.ambient_temp_details   ? 
_diffrn.ambient_temp_esd       ? 
_diffrn.crystal_id             1 
_diffrn.crystal_support        ? 
_diffrn.crystal_treatment      ? 
_diffrn.details                ? 
_diffrn.id                     1 
_diffrn.ambient_pressure       ? 
_diffrn.ambient_pressure_esd   ? 
_diffrn.ambient_pressure_gt    ? 
_diffrn.ambient_pressure_lt    ? 
_diffrn.ambient_temp_gt        ? 
_diffrn.ambient_temp_lt        ? 
# 
_diffrn_detector.details                      ? 
_diffrn_detector.detector                     CCD 
_diffrn_detector.diffrn_id                    1 
_diffrn_detector.type                         'ADSC QUANTUM 210' 
_diffrn_detector.area_resol_mean              ? 
_diffrn_detector.dtime                        ? 
_diffrn_detector.pdbx_frames_total            ? 
_diffrn_detector.pdbx_collection_time_total   ? 
_diffrn_detector.pdbx_collection_date         2016-03-10 
# 
_diffrn_radiation.collimation                      ? 
_diffrn_radiation.diffrn_id                        1 
_diffrn_radiation.filter_edge                      ? 
_diffrn_radiation.inhomogeneity                    ? 
_diffrn_radiation.monochromator                    ? 
_diffrn_radiation.polarisn_norm                    ? 
_diffrn_radiation.polarisn_ratio                   ? 
_diffrn_radiation.probe                            ? 
_diffrn_radiation.type                             ? 
_diffrn_radiation.xray_symbol                      ? 
_diffrn_radiation.wavelength_id                    1 
_diffrn_radiation.pdbx_monochromatic_or_laue_m_l   M 
_diffrn_radiation.pdbx_wavelength_list             ? 
_diffrn_radiation.pdbx_wavelength                  ? 
_diffrn_radiation.pdbx_diffrn_protocol             'SINGLE WAVELENGTH' 
_diffrn_radiation.pdbx_analyzer                    ? 
_diffrn_radiation.pdbx_scattering_type             x-ray 
# 
_diffrn_radiation_wavelength.id           1 
_diffrn_radiation_wavelength.wavelength   0.9793 
_diffrn_radiation_wavelength.wt           1.0 
# 
_diffrn_source.current                     ? 
_diffrn_source.details                     ? 
_diffrn_source.diffrn_id                   1 
_diffrn_source.power                       ? 
_diffrn_source.size                        ? 
_diffrn_source.source                      SYNCHROTRON 
_diffrn_source.target                      ? 
_diffrn_source.type                        'PAL/PLS BEAMLINE 7A (6B, 6C1)' 
_diffrn_source.voltage                     ? 
_diffrn_source.take-off_angle              ? 
_diffrn_source.pdbx_wavelength_list        0.9793 
_diffrn_source.pdbx_wavelength             ? 
_diffrn_source.pdbx_synchrotron_beamline   '7A (6B, 6C1)' 
_diffrn_source.pdbx_synchrotron_site       PAL/PLS 
# 
_reflns.B_iso_Wilson_estimate            ? 
_reflns.entry_id                         5GOT 
_reflns.data_reduction_details           ? 
_reflns.data_reduction_method            ? 
_reflns.d_resolution_high                1.9 
_reflns.d_resolution_low                 50.0 
_reflns.details                          ? 
_reflns.limit_h_max                      ? 
_reflns.limit_h_min                      ? 
_reflns.limit_k_max                      ? 
_reflns.limit_k_min                      ? 
_reflns.limit_l_max                      ? 
_reflns.limit_l_min                      ? 
_reflns.number_all                       ? 
_reflns.number_obs                       18189 
_reflns.observed_criterion               ? 
_reflns.observed_criterion_F_max         ? 
_reflns.observed_criterion_F_min         ? 
_reflns.observed_criterion_I_max         ? 
_reflns.observed_criterion_I_min         ? 
_reflns.observed_criterion_sigma_F       ? 
_reflns.observed_criterion_sigma_I       ? 
_reflns.percent_possible_obs             98.5 
_reflns.R_free_details                   ? 
_reflns.Rmerge_F_all                     ? 
_reflns.Rmerge_F_obs                     ? 
_reflns.Friedel_coverage                 ? 
_reflns.number_gt                        ? 
_reflns.threshold_expression             ? 
_reflns.pdbx_redundancy                  10.5 
_reflns.pdbx_Rmerge_I_obs                ? 
_reflns.pdbx_Rmerge_I_all                ? 
_reflns.pdbx_Rsym_value                  ? 
_reflns.pdbx_netI_over_av_sigmaI         ? 
_reflns.pdbx_netI_over_sigmaI            37.6 
_reflns.pdbx_res_netI_over_av_sigmaI_2   ? 
_reflns.pdbx_res_netI_over_sigmaI_2      ? 
_reflns.pdbx_chi_squared                 ? 
_reflns.pdbx_scaling_rejects             ? 
_reflns.pdbx_d_res_high_opt              ? 
_reflns.pdbx_d_res_low_opt               ? 
_reflns.pdbx_d_res_opt_method            ? 
_reflns.phase_calculation_details        ? 
_reflns.pdbx_Rrim_I_all                  ? 
_reflns.pdbx_Rpim_I_all                  ? 
_reflns.pdbx_d_opt                       ? 
_reflns.pdbx_number_measured_all         ? 
_reflns.pdbx_diffrn_id                   1 
_reflns.pdbx_ordinal                     1 
_reflns.pdbx_CC_half                     ? 
_reflns.pdbx_R_split                     ? 
# 
_reflns_shell.d_res_high                  . 
_reflns_shell.d_res_low                   ? 
_reflns_shell.meanI_over_sigI_all         ? 
_reflns_shell.meanI_over_sigI_obs         ? 
_reflns_shell.number_measured_all         ? 
_reflns_shell.number_measured_obs         ? 
_reflns_shell.number_possible             ? 
_reflns_shell.number_unique_all           ? 
_reflns_shell.number_unique_obs           ? 
_reflns_shell.percent_possible_all        ? 
_reflns_shell.percent_possible_obs        ? 
_reflns_shell.Rmerge_F_all                ? 
_reflns_shell.Rmerge_F_obs                ? 
_reflns_shell.Rmerge_I_all                ? 
_reflns_shell.Rmerge_I_obs                ? 
_reflns_shell.meanI_over_sigI_gt          ? 
_reflns_shell.meanI_over_uI_all           ? 
_reflns_shell.meanI_over_uI_gt            ? 
_reflns_shell.number_measured_gt          ? 
_reflns_shell.number_unique_gt            ? 
_reflns_shell.percent_possible_gt         ? 
_reflns_shell.Rmerge_F_gt                 ? 
_reflns_shell.Rmerge_I_gt                 ? 
_reflns_shell.pdbx_redundancy             ? 
_reflns_shell.pdbx_Rsym_value             ? 
_reflns_shell.pdbx_chi_squared            ? 
_reflns_shell.pdbx_netI_over_sigmaI_all   ? 
_reflns_shell.pdbx_netI_over_sigmaI_obs   ? 
_reflns_shell.pdbx_Rrim_I_all             ? 
_reflns_shell.pdbx_Rpim_I_all             ? 
_reflns_shell.pdbx_rejects                ? 
_reflns_shell.pdbx_ordinal                1 
_reflns_shell.pdbx_diffrn_id              1 
_reflns_shell.pdbx_CC_half                ? 
_reflns_shell.pdbx_R_split                ? 
# 
_refine.pdbx_refine_id                           'X-RAY DIFFRACTION' 
_refine.entry_id                                 5GOT 
_refine.pdbx_diffrn_id                           1 
_refine.pdbx_TLS_residual_ADP_flag               ? 
_refine.ls_number_reflns_obs                     17897 
_refine.ls_number_reflns_all                     ? 
_refine.pdbx_ls_sigma_I                          ? 
_refine.pdbx_ls_sigma_F                          1.49 
_refine.pdbx_data_cutoff_high_absF               ? 
_refine.pdbx_data_cutoff_low_absF                ? 
_refine.pdbx_data_cutoff_high_rms_absF           ? 
_refine.ls_d_res_low                             32.946 
_refine.ls_d_res_high                            1.902 
_refine.ls_percent_reflns_obs                    98.95 
_refine.ls_R_factor_obs                          0.2004 
_refine.ls_R_factor_all                          ? 
_refine.ls_R_factor_R_work                       0.1963 
_refine.ls_R_factor_R_free                       0.2378 
_refine.ls_R_factor_R_free_error                 ? 
_refine.ls_R_factor_R_free_error_details         ? 
_refine.ls_percent_reflns_R_free                 10.00 
_refine.ls_number_reflns_R_free                  1789 
_refine.ls_number_parameters                     ? 
_refine.ls_number_restraints                     ? 
_refine.occupancy_min                            ? 
_refine.occupancy_max                            ? 
_refine.correlation_coeff_Fo_to_Fc               ? 
_refine.correlation_coeff_Fo_to_Fc_free          ? 
_refine.B_iso_mean                               ? 
_refine.aniso_B[1][1]                            ? 
_refine.aniso_B[2][2]                            ? 
_refine.aniso_B[3][3]                            ? 
_refine.aniso_B[1][2]                            ? 
_refine.aniso_B[1][3]                            ? 
_refine.aniso_B[2][3]                            ? 
_refine.solvent_model_details                    'FLAT BULK SOLVENT MODEL' 
_refine.solvent_model_param_ksol                 ? 
_refine.solvent_model_param_bsol                 ? 
_refine.pdbx_solvent_vdw_probe_radii             1.11 
_refine.pdbx_solvent_ion_probe_radii             ? 
_refine.pdbx_solvent_shrinkage_radii             0.90 
_refine.pdbx_ls_cross_valid_method               THROUGHOUT 
_refine.details                                  ? 
_refine.pdbx_starting_model                      ? 
_refine.pdbx_method_to_determine_struct          'MOLECULAR REPLACEMENT' 
_refine.pdbx_isotropic_thermal_model             ? 
_refine.pdbx_stereochemistry_target_values       ML 
_refine.pdbx_stereochem_target_val_spec_case     ? 
_refine.pdbx_R_Free_selection_details            ? 
_refine.pdbx_overall_ESU_R                       ? 
_refine.pdbx_overall_ESU_R_Free                  ? 
_refine.overall_SU_ML                            0.22 
_refine.pdbx_overall_phase_error                 21.55 
_refine.overall_SU_B                             ? 
_refine.overall_SU_R_Cruickshank_DPI             ? 
_refine.pdbx_overall_SU_R_free_Cruickshank_DPI   ? 
_refine.pdbx_overall_SU_R_Blow_DPI               ? 
_refine.pdbx_overall_SU_R_free_Blow_DPI          ? 
# 
_refine_hist.pdbx_refine_id                   'X-RAY DIFFRACTION' 
_refine_hist.cycle_id                         LAST 
_refine_hist.pdbx_number_atoms_protein        1231 
_refine_hist.pdbx_number_atoms_nucleic_acid   0 
_refine_hist.pdbx_number_atoms_ligand         3 
_refine_hist.number_atoms_solvent             161 
_refine_hist.number_atoms_total               1395 
_refine_hist.d_res_high                       1.902 
_refine_hist.d_res_low                        32.946 
# 
loop_
_refine_ls_restr.type 
_refine_ls_restr.dev_ideal 
_refine_ls_restr.dev_ideal_target 
_refine_ls_restr.weight 
_refine_ls_restr.number 
_refine_ls_restr.pdbx_refine_id 
_refine_ls_restr.pdbx_restraint_function 
f_bond_d           0.007  ? ? 1261 'X-RAY DIFFRACTION' ? 
f_angle_d          0.860  ? ? 1701 'X-RAY DIFFRACTION' ? 
f_dihedral_angle_d 14.159 ? ? 753  'X-RAY DIFFRACTION' ? 
f_chiral_restr     0.050  ? ? 180  'X-RAY DIFFRACTION' ? 
f_plane_restr      0.004  ? ? 215  'X-RAY DIFFRACTION' ? 
# 
loop_
_refine_ls_shell.pdbx_refine_id 
_refine_ls_shell.pdbx_total_number_of_bins_used 
_refine_ls_shell.d_res_high 
_refine_ls_shell.d_res_low 
_refine_ls_shell.number_reflns_R_work 
_refine_ls_shell.R_factor_R_work 
_refine_ls_shell.percent_reflns_obs 
_refine_ls_shell.R_factor_R_free 
_refine_ls_shell.R_factor_R_free_error 
_refine_ls_shell.percent_reflns_R_free 
_refine_ls_shell.number_reflns_R_free 
_refine_ls_shell.number_reflns_all 
_refine_ls_shell.R_factor_all 
_refine_ls_shell.R_factor_obs 
_refine_ls_shell.number_reflns_obs 
'X-RAY DIFFRACTION' . 1.9015 1.9529  1193 0.3100 99.00  0.3414 . . 133 . . . . 
'X-RAY DIFFRACTION' . 1.9529 2.0104  1206 0.2722 99.00  0.2895 . . 133 . . . . 
'X-RAY DIFFRACTION' . 2.0104 2.0753  1207 0.2444 98.00  0.2997 . . 135 . . . . 
'X-RAY DIFFRACTION' . 2.0753 2.1494  1199 0.2299 99.00  0.2518 . . 133 . . . . 
'X-RAY DIFFRACTION' . 2.1494 2.2355  1211 0.2140 99.00  0.2676 . . 134 . . . . 
'X-RAY DIFFRACTION' . 2.2355 2.3372  1204 0.2140 99.00  0.2480 . . 135 . . . . 
'X-RAY DIFFRACTION' . 2.3372 2.4604  1206 0.2046 98.00  0.2669 . . 133 . . . . 
'X-RAY DIFFRACTION' . 2.4604 2.6144  1222 0.1972 99.00  0.2893 . . 135 . . . . 
'X-RAY DIFFRACTION' . 2.6144 2.8162  1225 0.2172 99.00  0.2404 . . 136 . . . . 
'X-RAY DIFFRACTION' . 2.8162 3.0994  1249 0.2081 99.00  0.2261 . . 139 . . . . 
'X-RAY DIFFRACTION' . 3.0994 3.5475  1271 0.1831 99.00  0.2672 . . 141 . . . . 
'X-RAY DIFFRACTION' . 3.5475 4.4677  1302 0.1576 100.00 0.1849 . . 144 . . . . 
'X-RAY DIFFRACTION' . 4.4677 32.9514 1413 0.1774 99.00  0.2072 . . 158 . . . . 
# 
_struct.entry_id                     5GOT 
_struct.title                        
'Crystal structure of SP-PTP, low molecular weight protein tyrosine phosphatase from Streptococcus pyogenes' 
_struct.pdbx_model_details           ? 
_struct.pdbx_formula_weight          ? 
_struct.pdbx_formula_weight_method   ? 
_struct.pdbx_model_type_details      ? 
_struct.pdbx_CASP_flag               N 
# 
_struct_keywords.entry_id        5GOT 
_struct_keywords.text            'SP-PTP, LMWPTP, Streptococcus pyogenes, HYDROLASE' 
_struct_keywords.pdbx_keywords   HYDROLASE 
# 
loop_
_struct_asym.id 
_struct_asym.pdbx_blank_PDB_chainid_flag 
_struct_asym.pdbx_modified 
_struct_asym.entity_id 
_struct_asym.details 
A N N 1 ? 
B N N 2 ? 
C N N 2 ? 
D N N 2 ? 
E N N 3 ? 
# 
_struct_ref.id                         1 
_struct_ref.db_name                    UNP 
_struct_ref.db_code                    A0A0C6G2S1_STRPY 
_struct_ref.pdbx_db_accession          A0A0C6G2S1 
_struct_ref.pdbx_db_isoform            ? 
_struct_ref.entity_id                  1 
_struct_ref.pdbx_seq_one_letter_code   
;MKKVCFVCLGNICRSPMAEFVMKSIVSSDVMMIESRATSDWEHGNPIHSGTQSILKTYQINYDITKCSKQITITDFNTFD
YIIGMDSDNVKNLKEMSQHQWDSKIYLFREGGVPDPWYTNDFEETYQLVRKGCQDWLSRLMSKEY
;
_struct_ref.pdbx_align_begin           1 
# 
_struct_ref_seq.align_id                      1 
_struct_ref_seq.ref_id                        1 
_struct_ref_seq.pdbx_PDB_id_code              5GOT 
_struct_ref_seq.pdbx_strand_id                A 
_struct_ref_seq.seq_align_beg                 1 
_struct_ref_seq.pdbx_seq_align_beg_ins_code   ? 
_struct_ref_seq.seq_align_end                 145 
_struct_ref_seq.pdbx_seq_align_end_ins_code   ? 
_struct_ref_seq.pdbx_db_accession             A0A0C6G2S1 
_struct_ref_seq.db_align_beg                  1 
_struct_ref_seq.pdbx_db_align_beg_ins_code    ? 
_struct_ref_seq.db_align_end                  145 
_struct_ref_seq.pdbx_db_align_end_ins_code    ? 
_struct_ref_seq.pdbx_auth_seq_align_beg       1 
_struct_ref_seq.pdbx_auth_seq_align_end       145 
# 
loop_
_struct_ref_seq_dif.align_id 
_struct_ref_seq_dif.pdbx_pdb_id_code 
_struct_ref_seq_dif.mon_id 
_struct_ref_seq_dif.pdbx_pdb_strand_id 
_struct_ref_seq_dif.seq_num 
_struct_ref_seq_dif.pdbx_pdb_ins_code 
_struct_ref_seq_dif.pdbx_seq_db_name 
_struct_ref_seq_dif.pdbx_seq_db_accession_code 
_struct_ref_seq_dif.db_mon_id 
_struct_ref_seq_dif.pdbx_seq_db_seq_num 
_struct_ref_seq_dif.details 
_struct_ref_seq_dif.pdbx_auth_seq_num 
_struct_ref_seq_dif.pdbx_ordinal 
1 5GOT LEU A 146 ? UNP A0A0C6G2S1 ? ? 'expression tag' 146 1 
1 5GOT GLU A 147 ? UNP A0A0C6G2S1 ? ? 'expression tag' 147 2 
1 5GOT HIS A 148 ? UNP A0A0C6G2S1 ? ? 'expression tag' 148 3 
1 5GOT HIS A 149 ? UNP A0A0C6G2S1 ? ? 'expression tag' 149 4 
1 5GOT HIS A 150 ? UNP A0A0C6G2S1 ? ? 'expression tag' 150 5 
1 5GOT HIS A 151 ? UNP A0A0C6G2S1 ? ? 'expression tag' 151 6 
1 5GOT HIS A 152 ? UNP A0A0C6G2S1 ? ? 'expression tag' 152 7 
1 5GOT HIS A 153 ? UNP A0A0C6G2S1 ? ? 'expression tag' 153 8 
# 
_pdbx_struct_assembly.id                   1 
_pdbx_struct_assembly.details              author_and_software_defined_assembly 
_pdbx_struct_assembly.method_details       PISA 
_pdbx_struct_assembly.oligomeric_details   monomeric 
_pdbx_struct_assembly.oligomeric_count     1 
# 
loop_
_pdbx_struct_assembly_prop.biol_id 
_pdbx_struct_assembly_prop.type 
_pdbx_struct_assembly_prop.value 
_pdbx_struct_assembly_prop.details 
1 'ABSA (A^2)' 410  ? 
1 MORE         -27  ? 
1 'SSA (A^2)'  7980 ? 
# 
_pdbx_struct_assembly_gen.assembly_id       1 
_pdbx_struct_assembly_gen.oper_expression   1 
_pdbx_struct_assembly_gen.asym_id_list      A,B,C,D,E 
# 
_pdbx_struct_oper_list.id                   1 
_pdbx_struct_oper_list.type                 'identity operation' 
_pdbx_struct_oper_list.name                 1_555 
_pdbx_struct_oper_list.symmetry_operation   x,y,z 
_pdbx_struct_oper_list.matrix[1][1]         1.0000000000 
_pdbx_struct_oper_list.matrix[1][2]         0.0000000000 
_pdbx_struct_oper_list.matrix[1][3]         0.0000000000 
_pdbx_struct_oper_list.vector[1]            0.0000000000 
_pdbx_struct_oper_list.matrix[2][1]         0.0000000000 
_pdbx_struct_oper_list.matrix[2][2]         1.0000000000 
_pdbx_struct_oper_list.matrix[2][3]         0.0000000000 
_pdbx_struct_oper_list.vector[2]            0.0000000000 
_pdbx_struct_oper_list.matrix[3][1]         0.0000000000 
_pdbx_struct_oper_list.matrix[3][2]         0.0000000000 
_pdbx_struct_oper_list.matrix[3][3]         1.0000000000 
_pdbx_struct_oper_list.vector[3]            0.0000000000 
# 
loop_
_struct_conf.conf_type_id 
_struct_conf.id 
_struct_conf.pdbx_PDB_helix_id 
_struct_conf.beg_label_comp_id 
_struct_conf.beg_label_asym_id 
_struct_conf.beg_label_seq_id 
_struct_conf.pdbx_beg_PDB_ins_code 
_struct_conf.end_label_comp_id 
_struct_conf.end_label_asym_id 
_struct_conf.end_label_seq_id 
_struct_conf.pdbx_end_PDB_ins_code 
_struct_conf.beg_auth_comp_id 
_struct_conf.beg_auth_asym_id 
_struct_conf.beg_auth_seq_id 
_struct_conf.end_auth_comp_id 
_struct_conf.end_auth_asym_id 
_struct_conf.end_auth_seq_id 
_struct_conf.pdbx_PDB_helix_class 
_struct_conf.details 
_struct_conf.pdbx_PDB_helix_length 
HELX_P HELX_P1 AA1 CYS A 13  ? SER A 24  ? CYS A 13  SER A 24  1 ? 12 
HELX_P HELX_P2 AA2 HIS A 48  ? TYR A 58  ? HIS A 48  TYR A 58  1 ? 11 
HELX_P HELX_P3 AA3 THR A 72  ? PHE A 79  ? THR A 72  PHE A 79  1 ? 8  
HELX_P HELX_P4 AA4 ASP A 86  ? SER A 97  ? ASP A 86  SER A 97  1 ? 12 
HELX_P HELX_P5 AA5 TRP A 101 ? SER A 103 ? TRP A 101 SER A 103 5 ? 3  
HELX_P HELX_P6 AA6 ASP A 115 ? ASN A 120 ? ASP A 115 ASN A 120 1 ? 6  
HELX_P HELX_P7 AA7 ASP A 121 ? MET A 141 ? ASP A 121 MET A 141 1 ? 21 
HELX_P HELX_P8 AA8 SER A 142 ? HIS A 149 ? SER A 142 HIS A 149 1 ? 8  
# 
_struct_conf_type.id          HELX_P 
_struct_conf_type.criteria    ? 
_struct_conf_type.reference   ? 
# 
_struct_mon_prot_cis.pdbx_id                1 
_struct_mon_prot_cis.label_comp_id          HIS 
_struct_mon_prot_cis.label_seq_id           149 
_struct_mon_prot_cis.label_asym_id          A 
_struct_mon_prot_cis.label_alt_id           . 
_struct_mon_prot_cis.pdbx_PDB_ins_code      ? 
_struct_mon_prot_cis.auth_comp_id           HIS 
_struct_mon_prot_cis.auth_seq_id            149 
_struct_mon_prot_cis.auth_asym_id           A 
_struct_mon_prot_cis.pdbx_label_comp_id_2   HIS 
_struct_mon_prot_cis.pdbx_label_seq_id_2    150 
_struct_mon_prot_cis.pdbx_label_asym_id_2   A 
_struct_mon_prot_cis.pdbx_PDB_ins_code_2    ? 
_struct_mon_prot_cis.pdbx_auth_comp_id_2    HIS 
_struct_mon_prot_cis.pdbx_auth_seq_id_2     150 
_struct_mon_prot_cis.pdbx_auth_asym_id_2    A 
_struct_mon_prot_cis.pdbx_PDB_model_num     1 
_struct_mon_prot_cis.pdbx_omega_angle       13.81 
# 
_struct_sheet.id               AA1 
_struct_sheet.type             ? 
_struct_sheet.number_strands   4 
_struct_sheet.details          ? 
# 
loop_
_struct_sheet_order.sheet_id 
_struct_sheet_order.range_id_1 
_struct_sheet_order.range_id_2 
_struct_sheet_order.offset 
_struct_sheet_order.sense 
AA1 1 2 ? parallel 
AA1 2 3 ? parallel 
AA1 3 4 ? parallel 
# 
loop_
_struct_sheet_range.sheet_id 
_struct_sheet_range.id 
_struct_sheet_range.beg_label_comp_id 
_struct_sheet_range.beg_label_asym_id 
_struct_sheet_range.beg_label_seq_id 
_struct_sheet_range.pdbx_beg_PDB_ins_code 
_struct_sheet_range.end_label_comp_id 
_struct_sheet_range.end_label_asym_id 
_struct_sheet_range.end_label_seq_id 
_struct_sheet_range.pdbx_end_PDB_ins_code 
_struct_sheet_range.beg_auth_comp_id 
_struct_sheet_range.beg_auth_asym_id 
_struct_sheet_range.beg_auth_seq_id 
_struct_sheet_range.end_auth_comp_id 
_struct_sheet_range.end_auth_asym_id 
_struct_sheet_range.end_auth_seq_id 
AA1 1 MET A 31  ? ALA A 37  ? MET A 31  ALA A 37  
AA1 2 LYS A 2   ? CYS A 8   ? LYS A 2   CYS A 8   
AA1 3 TYR A 81  ? GLY A 84  ? TYR A 81  GLY A 84  
AA1 4 ILE A 105 ? LEU A 107 ? ILE A 105 LEU A 107 
# 
loop_
_pdbx_struct_sheet_hbond.sheet_id 
_pdbx_struct_sheet_hbond.range_id_1 
_pdbx_struct_sheet_hbond.range_id_2 
_pdbx_struct_sheet_hbond.range_1_label_atom_id 
_pdbx_struct_sheet_hbond.range_1_label_comp_id 
_pdbx_struct_sheet_hbond.range_1_label_asym_id 
_pdbx_struct_sheet_hbond.range_1_label_seq_id 
_pdbx_struct_sheet_hbond.range_1_PDB_ins_code 
_pdbx_struct_sheet_hbond.range_1_auth_atom_id 
_pdbx_struct_sheet_hbond.range_1_auth_comp_id 
_pdbx_struct_sheet_hbond.range_1_auth_asym_id 
_pdbx_struct_sheet_hbond.range_1_auth_seq_id 
_pdbx_struct_sheet_hbond.range_2_label_atom_id 
_pdbx_struct_sheet_hbond.range_2_label_comp_id 
_pdbx_struct_sheet_hbond.range_2_label_asym_id 
_pdbx_struct_sheet_hbond.range_2_label_seq_id 
_pdbx_struct_sheet_hbond.range_2_PDB_ins_code 
_pdbx_struct_sheet_hbond.range_2_auth_atom_id 
_pdbx_struct_sheet_hbond.range_2_auth_comp_id 
_pdbx_struct_sheet_hbond.range_2_auth_asym_id 
_pdbx_struct_sheet_hbond.range_2_auth_seq_id 
AA1 1 2 O MET A 32 ? O MET A 32 N VAL A 4   ? N VAL A 4   
AA1 2 3 N VAL A 7  ? N VAL A 7  O ILE A 83  ? O ILE A 83  
AA1 3 4 N GLY A 84 ? N GLY A 84 O TYR A 106 ? O TYR A 106 
# 
loop_
_struct_site.id 
_struct_site.pdbx_evidence_code 
_struct_site.pdbx_auth_asym_id 
_struct_site.pdbx_auth_comp_id 
_struct_site.pdbx_auth_seq_id 
_struct_site.pdbx_auth_ins_code 
_struct_site.pdbx_num_residues 
_struct_site.details 
AC1 Software A CL 201 ? 3 'binding site for residue CL A 201' 
AC2 Software A CL 202 ? 3 'binding site for residue CL A 202' 
AC3 Software A CL 203 ? 2 'binding site for residue CL A 203' 
# 
loop_
_struct_site_gen.id 
_struct_site_gen.site_id 
_struct_site_gen.pdbx_num_res 
_struct_site_gen.label_comp_id 
_struct_site_gen.label_asym_id 
_struct_site_gen.label_seq_id 
_struct_site_gen.pdbx_auth_ins_code 
_struct_site_gen.auth_comp_id 
_struct_site_gen.auth_asym_id 
_struct_site_gen.auth_seq_id 
_struct_site_gen.label_atom_id 
_struct_site_gen.label_alt_id 
_struct_site_gen.symmetry 
_struct_site_gen.details 
1 AC1 3 GLY A 10  ? GLY A 10  . ? 1_555 ? 
2 AC1 3 HIS A 148 ? HIS A 148 . ? 6_555 ? 
3 AC1 3 HOH E .   ? HOH A 403 . ? 1_555 ? 
4 AC2 3 SER A 49  ? SER A 49  . ? 8_665 ? 
5 AC2 3 SER A 87  ? SER A 87  . ? 1_555 ? 
6 AC2 3 VAL A 90  ? VAL A 90  . ? 1_555 ? 
7 AC3 2 HOH E .   ? HOH A 309 . ? 1_555 ? 
8 AC3 2 HOH E .   ? HOH A 326 . ? 1_555 ? 
# 
loop_
_pdbx_validate_close_contact.id 
_pdbx_validate_close_contact.PDB_model_num 
_pdbx_validate_close_contact.auth_atom_id_1 
_pdbx_validate_close_contact.auth_asym_id_1 
_pdbx_validate_close_contact.auth_comp_id_1 
_pdbx_validate_close_contact.auth_seq_id_1 
_pdbx_validate_close_contact.PDB_ins_code_1 
_pdbx_validate_close_contact.label_alt_id_1 
_pdbx_validate_close_contact.auth_atom_id_2 
_pdbx_validate_close_contact.auth_asym_id_2 
_pdbx_validate_close_contact.auth_comp_id_2 
_pdbx_validate_close_contact.auth_seq_id_2 
_pdbx_validate_close_contact.PDB_ins_code_2 
_pdbx_validate_close_contact.label_alt_id_2 
_pdbx_validate_close_contact.dist 
1 1 NH2 A ARG 130 ? ? O A HOH 301 ? ? 1.99 
2 1 O   A HOH 330 ? ? O A HOH 427 ? ? 2.11 
# 
_pdbx_validate_symm_contact.id                1 
_pdbx_validate_symm_contact.PDB_model_num     1 
_pdbx_validate_symm_contact.auth_atom_id_1    O 
_pdbx_validate_symm_contact.auth_asym_id_1    A 
_pdbx_validate_symm_contact.auth_comp_id_1    HOH 
_pdbx_validate_symm_contact.auth_seq_id_1     421 
_pdbx_validate_symm_contact.PDB_ins_code_1    ? 
_pdbx_validate_symm_contact.label_alt_id_1    ? 
_pdbx_validate_symm_contact.site_symmetry_1   1_555 
_pdbx_validate_symm_contact.auth_atom_id_2    O 
_pdbx_validate_symm_contact.auth_asym_id_2    A 
_pdbx_validate_symm_contact.auth_comp_id_2    HOH 
_pdbx_validate_symm_contact.auth_seq_id_2     421 
_pdbx_validate_symm_contact.PDB_ins_code_2    ? 
_pdbx_validate_symm_contact.label_alt_id_2    ? 
_pdbx_validate_symm_contact.site_symmetry_2   8_555 
_pdbx_validate_symm_contact.dist              2.04 
# 
_pdbx_validate_torsion.id              1 
_pdbx_validate_torsion.PDB_model_num   1 
_pdbx_validate_torsion.auth_comp_id    CYS 
_pdbx_validate_torsion.auth_asym_id    A 
_pdbx_validate_torsion.auth_seq_id     13 
_pdbx_validate_torsion.PDB_ins_code    ? 
_pdbx_validate_torsion.label_alt_id    ? 
_pdbx_validate_torsion.phi             -112.49 
_pdbx_validate_torsion.psi             -85.53 
# 
_pdbx_distant_solvent_atoms.id                                1 
_pdbx_distant_solvent_atoms.PDB_model_num                     1 
_pdbx_distant_solvent_atoms.auth_atom_id                      O 
_pdbx_distant_solvent_atoms.label_alt_id                      ? 
_pdbx_distant_solvent_atoms.auth_asym_id                      A 
_pdbx_distant_solvent_atoms.auth_comp_id                      HOH 
_pdbx_distant_solvent_atoms.auth_seq_id                       461 
_pdbx_distant_solvent_atoms.PDB_ins_code                      ? 
_pdbx_distant_solvent_atoms.neighbor_macromolecule_distance   7.25 
_pdbx_distant_solvent_atoms.neighbor_ligand_distance          . 
# 
loop_
_pdbx_unobs_or_zero_occ_residues.id 
_pdbx_unobs_or_zero_occ_residues.PDB_model_num 
_pdbx_unobs_or_zero_occ_residues.polymer_flag 
_pdbx_unobs_or_zero_occ_residues.occupancy_flag 
_pdbx_unobs_or_zero_occ_residues.auth_asym_id 
_pdbx_unobs_or_zero_occ_residues.auth_comp_id 
_pdbx_unobs_or_zero_occ_residues.auth_seq_id 
_pdbx_unobs_or_zero_occ_residues.PDB_ins_code 
_pdbx_unobs_or_zero_occ_residues.label_asym_id 
_pdbx_unobs_or_zero_occ_residues.label_comp_id 
_pdbx_unobs_or_zero_occ_residues.label_seq_id 
1 1 Y 1 A HIS 151 ? A HIS 151 
2 1 Y 1 A HIS 152 ? A HIS 152 
3 1 Y 1 A HIS 153 ? A HIS 153 
# 
loop_
_chem_comp_atom.comp_id 
_chem_comp_atom.atom_id 
_chem_comp_atom.type_symbol 
_chem_comp_atom.pdbx_aromatic_flag 
_chem_comp_atom.pdbx_stereo_config 
_chem_comp_atom.pdbx_ordinal 
ALA N    N  N N 1   
ALA CA   C  N S 2   
ALA C    C  N N 3   
ALA O    O  N N 4   
ALA CB   C  N N 5   
ALA OXT  O  N N 6   
ALA H    H  N N 7   
ALA H2   H  N N 8   
ALA HA   H  N N 9   
ALA HB1  H  N N 10  
ALA HB2  H  N N 11  
ALA HB3  H  N N 12  
ALA HXT  H  N N 13  
ARG N    N  N N 14  
ARG CA   C  N S 15  
ARG C    C  N N 16  
ARG O    O  N N 17  
ARG CB   C  N N 18  
ARG CG   C  N N 19  
ARG CD   C  N N 20  
ARG NE   N  N N 21  
ARG CZ   C  N N 22  
ARG NH1  N  N N 23  
ARG NH2  N  N N 24  
ARG OXT  O  N N 25  
ARG H    H  N N 26  
ARG H2   H  N N 27  
ARG HA   H  N N 28  
ARG HB2  H  N N 29  
ARG HB3  H  N N 30  
ARG HG2  H  N N 31  
ARG HG3  H  N N 32  
ARG HD2  H  N N 33  
ARG HD3  H  N N 34  
ARG HE   H  N N 35  
ARG HH11 H  N N 36  
ARG HH12 H  N N 37  
ARG HH21 H  N N 38  
ARG HH22 H  N N 39  
ARG HXT  H  N N 40  
ASN N    N  N N 41  
ASN CA   C  N S 42  
ASN C    C  N N 43  
ASN O    O  N N 44  
ASN CB   C  N N 45  
ASN CG   C  N N 46  
ASN OD1  O  N N 47  
ASN ND2  N  N N 48  
ASN OXT  O  N N 49  
ASN H    H  N N 50  
ASN H2   H  N N 51  
ASN HA   H  N N 52  
ASN HB2  H  N N 53  
ASN HB3  H  N N 54  
ASN HD21 H  N N 55  
ASN HD22 H  N N 56  
ASN HXT  H  N N 57  
ASP N    N  N N 58  
ASP CA   C  N S 59  
ASP C    C  N N 60  
ASP O    O  N N 61  
ASP CB   C  N N 62  
ASP CG   C  N N 63  
ASP OD1  O  N N 64  
ASP OD2  O  N N 65  
ASP OXT  O  N N 66  
ASP H    H  N N 67  
ASP H2   H  N N 68  
ASP HA   H  N N 69  
ASP HB2  H  N N 70  
ASP HB3  H  N N 71  
ASP HD2  H  N N 72  
ASP HXT  H  N N 73  
CL  CL   CL N N 74  
CYS N    N  N N 75  
CYS CA   C  N R 76  
CYS C    C  N N 77  
CYS O    O  N N 78  
CYS CB   C  N N 79  
CYS SG   S  N N 80  
CYS OXT  O  N N 81  
CYS H    H  N N 82  
CYS H2   H  N N 83  
CYS HA   H  N N 84  
CYS HB2  H  N N 85  
CYS HB3  H  N N 86  
CYS HG   H  N N 87  
CYS HXT  H  N N 88  
GLN N    N  N N 89  
GLN CA   C  N S 90  
GLN C    C  N N 91  
GLN O    O  N N 92  
GLN CB   C  N N 93  
GLN CG   C  N N 94  
GLN CD   C  N N 95  
GLN OE1  O  N N 96  
GLN NE2  N  N N 97  
GLN OXT  O  N N 98  
GLN H    H  N N 99  
GLN H2   H  N N 100 
GLN HA   H  N N 101 
GLN HB2  H  N N 102 
GLN HB3  H  N N 103 
GLN HG2  H  N N 104 
GLN HG3  H  N N 105 
GLN HE21 H  N N 106 
GLN HE22 H  N N 107 
GLN HXT  H  N N 108 
GLU N    N  N N 109 
GLU CA   C  N S 110 
GLU C    C  N N 111 
GLU O    O  N N 112 
GLU CB   C  N N 113 
GLU CG   C  N N 114 
GLU CD   C  N N 115 
GLU OE1  O  N N 116 
GLU OE2  O  N N 117 
GLU OXT  O  N N 118 
GLU H    H  N N 119 
GLU H2   H  N N 120 
GLU HA   H  N N 121 
GLU HB2  H  N N 122 
GLU HB3  H  N N 123 
GLU HG2  H  N N 124 
GLU HG3  H  N N 125 
GLU HE2  H  N N 126 
GLU HXT  H  N N 127 
GLY N    N  N N 128 
GLY CA   C  N N 129 
GLY C    C  N N 130 
GLY O    O  N N 131 
GLY OXT  O  N N 132 
GLY H    H  N N 133 
GLY H2   H  N N 134 
GLY HA2  H  N N 135 
GLY HA3  H  N N 136 
GLY HXT  H  N N 137 
HIS N    N  N N 138 
HIS CA   C  N S 139 
HIS C    C  N N 140 
HIS O    O  N N 141 
HIS CB   C  N N 142 
HIS CG   C  Y N 143 
HIS ND1  N  Y N 144 
HIS CD2  C  Y N 145 
HIS CE1  C  Y N 146 
HIS NE2  N  Y N 147 
HIS OXT  O  N N 148 
HIS H    H  N N 149 
HIS H2   H  N N 150 
HIS HA   H  N N 151 
HIS HB2  H  N N 152 
HIS HB3  H  N N 153 
HIS HD1  H  N N 154 
HIS HD2  H  N N 155 
HIS HE1  H  N N 156 
HIS HE2  H  N N 157 
HIS HXT  H  N N 158 
HOH O    O  N N 159 
HOH H1   H  N N 160 
HOH H2   H  N N 161 
ILE N    N  N N 162 
ILE CA   C  N S 163 
ILE C    C  N N 164 
ILE O    O  N N 165 
ILE CB   C  N S 166 
ILE CG1  C  N N 167 
ILE CG2  C  N N 168 
ILE CD1  C  N N 169 
ILE OXT  O  N N 170 
ILE H    H  N N 171 
ILE H2   H  N N 172 
ILE HA   H  N N 173 
ILE HB   H  N N 174 
ILE HG12 H  N N 175 
ILE HG13 H  N N 176 
ILE HG21 H  N N 177 
ILE HG22 H  N N 178 
ILE HG23 H  N N 179 
ILE HD11 H  N N 180 
ILE HD12 H  N N 181 
ILE HD13 H  N N 182 
ILE HXT  H  N N 183 
LEU N    N  N N 184 
LEU CA   C  N S 185 
LEU C    C  N N 186 
LEU O    O  N N 187 
LEU CB   C  N N 188 
LEU CG   C  N N 189 
LEU CD1  C  N N 190 
LEU CD2  C  N N 191 
LEU OXT  O  N N 192 
LEU H    H  N N 193 
LEU H2   H  N N 194 
LEU HA   H  N N 195 
LEU HB2  H  N N 196 
LEU HB3  H  N N 197 
LEU HG   H  N N 198 
LEU HD11 H  N N 199 
LEU HD12 H  N N 200 
LEU HD13 H  N N 201 
LEU HD21 H  N N 202 
LEU HD22 H  N N 203 
LEU HD23 H  N N 204 
LEU HXT  H  N N 205 
LYS N    N  N N 206 
LYS CA   C  N S 207 
LYS C    C  N N 208 
LYS O    O  N N 209 
LYS CB   C  N N 210 
LYS CG   C  N N 211 
LYS CD   C  N N 212 
LYS CE   C  N N 213 
LYS NZ   N  N N 214 
LYS OXT  O  N N 215 
LYS H    H  N N 216 
LYS H2   H  N N 217 
LYS HA   H  N N 218 
LYS HB2  H  N N 219 
LYS HB3  H  N N 220 
LYS HG2  H  N N 221 
LYS HG3  H  N N 222 
LYS HD2  H  N N 223 
LYS HD3  H  N N 224 
LYS HE2  H  N N 225 
LYS HE3  H  N N 226 
LYS HZ1  H  N N 227 
LYS HZ2  H  N N 228 
LYS HZ3  H  N N 229 
LYS HXT  H  N N 230 
MET N    N  N N 231 
MET CA   C  N S 232 
MET C    C  N N 233 
MET O    O  N N 234 
MET CB   C  N N 235 
MET CG   C  N N 236 
MET SD   S  N N 237 
MET CE   C  N N 238 
MET OXT  O  N N 239 
MET H    H  N N 240 
MET H2   H  N N 241 
MET HA   H  N N 242 
MET HB2  H  N N 243 
MET HB3  H  N N 244 
MET HG2  H  N N 245 
MET HG3  H  N N 246 
MET HE1  H  N N 247 
MET HE2  H  N N 248 
MET HE3  H  N N 249 
MET HXT  H  N N 250 
PHE N    N  N N 251 
PHE CA   C  N S 252 
PHE C    C  N N 253 
PHE O    O  N N 254 
PHE CB   C  N N 255 
PHE CG   C  Y N 256 
PHE CD1  C  Y N 257 
PHE CD2  C  Y N 258 
PHE CE1  C  Y N 259 
PHE CE2  C  Y N 260 
PHE CZ   C  Y N 261 
PHE OXT  O  N N 262 
PHE H    H  N N 263 
PHE H2   H  N N 264 
PHE HA   H  N N 265 
PHE HB2  H  N N 266 
PHE HB3  H  N N 267 
PHE HD1  H  N N 268 
PHE HD2  H  N N 269 
PHE HE1  H  N N 270 
PHE HE2  H  N N 271 
PHE HZ   H  N N 272 
PHE HXT  H  N N 273 
PRO N    N  N N 274 
PRO CA   C  N S 275 
PRO C    C  N N 276 
PRO O    O  N N 277 
PRO CB   C  N N 278 
PRO CG   C  N N 279 
PRO CD   C  N N 280 
PRO OXT  O  N N 281 
PRO H    H  N N 282 
PRO HA   H  N N 283 
PRO HB2  H  N N 284 
PRO HB3  H  N N 285 
PRO HG2  H  N N 286 
PRO HG3  H  N N 287 
PRO HD2  H  N N 288 
PRO HD3  H  N N 289 
PRO HXT  H  N N 290 
SER N    N  N N 291 
SER CA   C  N S 292 
SER C    C  N N 293 
SER O    O  N N 294 
SER CB   C  N N 295 
SER OG   O  N N 296 
SER OXT  O  N N 297 
SER H    H  N N 298 
SER H2   H  N N 299 
SER HA   H  N N 300 
SER HB2  H  N N 301 
SER HB3  H  N N 302 
SER HG   H  N N 303 
SER HXT  H  N N 304 
THR N    N  N N 305 
THR CA   C  N S 306 
THR C    C  N N 307 
THR O    O  N N 308 
THR CB   C  N R 309 
THR OG1  O  N N 310 
THR CG2  C  N N 311 
THR OXT  O  N N 312 
THR H    H  N N 313 
THR H2   H  N N 314 
THR HA   H  N N 315 
THR HB   H  N N 316 
THR HG1  H  N N 317 
THR HG21 H  N N 318 
THR HG22 H  N N 319 
THR HG23 H  N N 320 
THR HXT  H  N N 321 
TRP N    N  N N 322 
TRP CA   C  N S 323 
TRP C    C  N N 324 
TRP O    O  N N 325 
TRP CB   C  N N 326 
TRP CG   C  Y N 327 
TRP CD1  C  Y N 328 
TRP CD2  C  Y N 329 
TRP NE1  N  Y N 330 
TRP CE2  C  Y N 331 
TRP CE3  C  Y N 332 
TRP CZ2  C  Y N 333 
TRP CZ3  C  Y N 334 
TRP CH2  C  Y N 335 
TRP OXT  O  N N 336 
TRP H    H  N N 337 
TRP H2   H  N N 338 
TRP HA   H  N N 339 
TRP HB2  H  N N 340 
TRP HB3  H  N N 341 
TRP HD1  H  N N 342 
TRP HE1  H  N N 343 
TRP HE3  H  N N 344 
TRP HZ2  H  N N 345 
TRP HZ3  H  N N 346 
TRP HH2  H  N N 347 
TRP HXT  H  N N 348 
TYR N    N  N N 349 
TYR CA   C  N S 350 
TYR C    C  N N 351 
TYR O    O  N N 352 
TYR CB   C  N N 353 
TYR CG   C  Y N 354 
TYR CD1  C  Y N 355 
TYR CD2  C  Y N 356 
TYR CE1  C  Y N 357 
TYR CE2  C  Y N 358 
TYR CZ   C  Y N 359 
TYR OH   O  N N 360 
TYR OXT  O  N N 361 
TYR H    H  N N 362 
TYR H2   H  N N 363 
TYR HA   H  N N 364 
TYR HB2  H  N N 365 
TYR HB3  H  N N 366 
TYR HD1  H  N N 367 
TYR HD2  H  N N 368 
TYR HE1  H  N N 369 
TYR HE2  H  N N 370 
TYR HH   H  N N 371 
TYR HXT  H  N N 372 
VAL N    N  N N 373 
VAL CA   C  N S 374 
VAL C    C  N N 375 
VAL O    O  N N 376 
VAL CB   C  N N 377 
VAL CG1  C  N N 378 
VAL CG2  C  N N 379 
VAL OXT  O  N N 380 
VAL H    H  N N 381 
VAL H2   H  N N 382 
VAL HA   H  N N 383 
VAL HB   H  N N 384 
VAL HG11 H  N N 385 
VAL HG12 H  N N 386 
VAL HG13 H  N N 387 
VAL HG21 H  N N 388 
VAL HG22 H  N N 389 
VAL HG23 H  N N 390 
VAL HXT  H  N N 391 
# 
loop_
_chem_comp_bond.comp_id 
_chem_comp_bond.atom_id_1 
_chem_comp_bond.atom_id_2 
_chem_comp_bond.value_order 
_chem_comp_bond.pdbx_aromatic_flag 
_chem_comp_bond.pdbx_stereo_config 
_chem_comp_bond.pdbx_ordinal 
ALA N   CA   sing N N 1   
ALA N   H    sing N N 2   
ALA N   H2   sing N N 3   
ALA CA  C    sing N N 4   
ALA CA  CB   sing N N 5   
ALA CA  HA   sing N N 6   
ALA C   O    doub N N 7   
ALA C   OXT  sing N N 8   
ALA CB  HB1  sing N N 9   
ALA CB  HB2  sing N N 10  
ALA CB  HB3  sing N N 11  
ALA OXT HXT  sing N N 12  
ARG N   CA   sing N N 13  
ARG N   H    sing N N 14  
ARG N   H2   sing N N 15  
ARG CA  C    sing N N 16  
ARG CA  CB   sing N N 17  
ARG CA  HA   sing N N 18  
ARG C   O    doub N N 19  
ARG C   OXT  sing N N 20  
ARG CB  CG   sing N N 21  
ARG CB  HB2  sing N N 22  
ARG CB  HB3  sing N N 23  
ARG CG  CD   sing N N 24  
ARG CG  HG2  sing N N 25  
ARG CG  HG3  sing N N 26  
ARG CD  NE   sing N N 27  
ARG CD  HD2  sing N N 28  
ARG CD  HD3  sing N N 29  
ARG NE  CZ   sing N N 30  
ARG NE  HE   sing N N 31  
ARG CZ  NH1  sing N N 32  
ARG CZ  NH2  doub N N 33  
ARG NH1 HH11 sing N N 34  
ARG NH1 HH12 sing N N 35  
ARG NH2 HH21 sing N N 36  
ARG NH2 HH22 sing N N 37  
ARG OXT HXT  sing N N 38  
ASN N   CA   sing N N 39  
ASN N   H    sing N N 40  
ASN N   H2   sing N N 41  
ASN CA  C    sing N N 42  
ASN CA  CB   sing N N 43  
ASN CA  HA   sing N N 44  
ASN C   O    doub N N 45  
ASN C   OXT  sing N N 46  
ASN CB  CG   sing N N 47  
ASN CB  HB2  sing N N 48  
ASN CB  HB3  sing N N 49  
ASN CG  OD1  doub N N 50  
ASN CG  ND2  sing N N 51  
ASN ND2 HD21 sing N N 52  
ASN ND2 HD22 sing N N 53  
ASN OXT HXT  sing N N 54  
ASP N   CA   sing N N 55  
ASP N   H    sing N N 56  
ASP N   H2   sing N N 57  
ASP CA  C    sing N N 58  
ASP CA  CB   sing N N 59  
ASP CA  HA   sing N N 60  
ASP C   O    doub N N 61  
ASP C   OXT  sing N N 62  
ASP CB  CG   sing N N 63  
ASP CB  HB2  sing N N 64  
ASP CB  HB3  sing N N 65  
ASP CG  OD1  doub N N 66  
ASP CG  OD2  sing N N 67  
ASP OD2 HD2  sing N N 68  
ASP OXT HXT  sing N N 69  
CYS N   CA   sing N N 70  
CYS N   H    sing N N 71  
CYS N   H2   sing N N 72  
CYS CA  C    sing N N 73  
CYS CA  CB   sing N N 74  
CYS CA  HA   sing N N 75  
CYS C   O    doub N N 76  
CYS C   OXT  sing N N 77  
CYS CB  SG   sing N N 78  
CYS CB  HB2  sing N N 79  
CYS CB  HB3  sing N N 80  
CYS SG  HG   sing N N 81  
CYS OXT HXT  sing N N 82  
GLN N   CA   sing N N 83  
GLN N   H    sing N N 84  
GLN N   H2   sing N N 85  
GLN CA  C    sing N N 86  
GLN CA  CB   sing N N 87  
GLN CA  HA   sing N N 88  
GLN C   O    doub N N 89  
GLN C   OXT  sing N N 90  
GLN CB  CG   sing N N 91  
GLN CB  HB2  sing N N 92  
GLN CB  HB3  sing N N 93  
GLN CG  CD   sing N N 94  
GLN CG  HG2  sing N N 95  
GLN CG  HG3  sing N N 96  
GLN CD  OE1  doub N N 97  
GLN CD  NE2  sing N N 98  
GLN NE2 HE21 sing N N 99  
GLN NE2 HE22 sing N N 100 
GLN OXT HXT  sing N N 101 
GLU N   CA   sing N N 102 
GLU N   H    sing N N 103 
GLU N   H2   sing N N 104 
GLU CA  C    sing N N 105 
GLU CA  CB   sing N N 106 
GLU CA  HA   sing N N 107 
GLU C   O    doub N N 108 
GLU C   OXT  sing N N 109 
GLU CB  CG   sing N N 110 
GLU CB  HB2  sing N N 111 
GLU CB  HB3  sing N N 112 
GLU CG  CD   sing N N 113 
GLU CG  HG2  sing N N 114 
GLU CG  HG3  sing N N 115 
GLU CD  OE1  doub N N 116 
GLU CD  OE2  sing N N 117 
GLU OE2 HE2  sing N N 118 
GLU OXT HXT  sing N N 119 
GLY N   CA   sing N N 120 
GLY N   H    sing N N 121 
GLY N   H2   sing N N 122 
GLY CA  C    sing N N 123 
GLY CA  HA2  sing N N 124 
GLY CA  HA3  sing N N 125 
GLY C   O    doub N N 126 
GLY C   OXT  sing N N 127 
GLY OXT HXT  sing N N 128 
HIS N   CA   sing N N 129 
HIS N   H    sing N N 130 
HIS N   H2   sing N N 131 
HIS CA  C    sing N N 132 
HIS CA  CB   sing N N 133 
HIS CA  HA   sing N N 134 
HIS C   O    doub N N 135 
HIS C   OXT  sing N N 136 
HIS CB  CG   sing N N 137 
HIS CB  HB2  sing N N 138 
HIS CB  HB3  sing N N 139 
HIS CG  ND1  sing Y N 140 
HIS CG  CD2  doub Y N 141 
HIS ND1 CE1  doub Y N 142 
HIS ND1 HD1  sing N N 143 
HIS CD2 NE2  sing Y N 144 
HIS CD2 HD2  sing N N 145 
HIS CE1 NE2  sing Y N 146 
HIS CE1 HE1  sing N N 147 
HIS NE2 HE2  sing N N 148 
HIS OXT HXT  sing N N 149 
HOH O   H1   sing N N 150 
HOH O   H2   sing N N 151 
ILE N   CA   sing N N 152 
ILE N   H    sing N N 153 
ILE N   H2   sing N N 154 
ILE CA  C    sing N N 155 
ILE CA  CB   sing N N 156 
ILE CA  HA   sing N N 157 
ILE C   O    doub N N 158 
ILE C   OXT  sing N N 159 
ILE CB  CG1  sing N N 160 
ILE CB  CG2  sing N N 161 
ILE CB  HB   sing N N 162 
ILE CG1 CD1  sing N N 163 
ILE CG1 HG12 sing N N 164 
ILE CG1 HG13 sing N N 165 
ILE CG2 HG21 sing N N 166 
ILE CG2 HG22 sing N N 167 
ILE CG2 HG23 sing N N 168 
ILE CD1 HD11 sing N N 169 
ILE CD1 HD12 sing N N 170 
ILE CD1 HD13 sing N N 171 
ILE OXT HXT  sing N N 172 
LEU N   CA   sing N N 173 
LEU N   H    sing N N 174 
LEU N   H2   sing N N 175 
LEU CA  C    sing N N 176 
LEU CA  CB   sing N N 177 
LEU CA  HA   sing N N 178 
LEU C   O    doub N N 179 
LEU C   OXT  sing N N 180 
LEU CB  CG   sing N N 181 
LEU CB  HB2  sing N N 182 
LEU CB  HB3  sing N N 183 
LEU CG  CD1  sing N N 184 
LEU CG  CD2  sing N N 185 
LEU CG  HG   sing N N 186 
LEU CD1 HD11 sing N N 187 
LEU CD1 HD12 sing N N 188 
LEU CD1 HD13 sing N N 189 
LEU CD2 HD21 sing N N 190 
LEU CD2 HD22 sing N N 191 
LEU CD2 HD23 sing N N 192 
LEU OXT HXT  sing N N 193 
LYS N   CA   sing N N 194 
LYS N   H    sing N N 195 
LYS N   H2   sing N N 196 
LYS CA  C    sing N N 197 
LYS CA  CB   sing N N 198 
LYS CA  HA   sing N N 199 
LYS C   O    doub N N 200 
LYS C   OXT  sing N N 201 
LYS CB  CG   sing N N 202 
LYS CB  HB2  sing N N 203 
LYS CB  HB3  sing N N 204 
LYS CG  CD   sing N N 205 
LYS CG  HG2  sing N N 206 
LYS CG  HG3  sing N N 207 
LYS CD  CE   sing N N 208 
LYS CD  HD2  sing N N 209 
LYS CD  HD3  sing N N 210 
LYS CE  NZ   sing N N 211 
LYS CE  HE2  sing N N 212 
LYS CE  HE3  sing N N 213 
LYS NZ  HZ1  sing N N 214 
LYS NZ  HZ2  sing N N 215 
LYS NZ  HZ3  sing N N 216 
LYS OXT HXT  sing N N 217 
MET N   CA   sing N N 218 
MET N   H    sing N N 219 
MET N   H2   sing N N 220 
MET CA  C    sing N N 221 
MET CA  CB   sing N N 222 
MET CA  HA   sing N N 223 
MET C   O    doub N N 224 
MET C   OXT  sing N N 225 
MET CB  CG   sing N N 226 
MET CB  HB2  sing N N 227 
MET CB  HB3  sing N N 228 
MET CG  SD   sing N N 229 
MET CG  HG2  sing N N 230 
MET CG  HG3  sing N N 231 
MET SD  CE   sing N N 232 
MET CE  HE1  sing N N 233 
MET CE  HE2  sing N N 234 
MET CE  HE3  sing N N 235 
MET OXT HXT  sing N N 236 
PHE N   CA   sing N N 237 
PHE N   H    sing N N 238 
PHE N   H2   sing N N 239 
PHE CA  C    sing N N 240 
PHE CA  CB   sing N N 241 
PHE CA  HA   sing N N 242 
PHE C   O    doub N N 243 
PHE C   OXT  sing N N 244 
PHE CB  CG   sing N N 245 
PHE CB  HB2  sing N N 246 
PHE CB  HB3  sing N N 247 
PHE CG  CD1  doub Y N 248 
PHE CG  CD2  sing Y N 249 
PHE CD1 CE1  sing Y N 250 
PHE CD1 HD1  sing N N 251 
PHE CD2 CE2  doub Y N 252 
PHE CD2 HD2  sing N N 253 
PHE CE1 CZ   doub Y N 254 
PHE CE1 HE1  sing N N 255 
PHE CE2 CZ   sing Y N 256 
PHE CE2 HE2  sing N N 257 
PHE CZ  HZ   sing N N 258 
PHE OXT HXT  sing N N 259 
PRO N   CA   sing N N 260 
PRO N   CD   sing N N 261 
PRO N   H    sing N N 262 
PRO CA  C    sing N N 263 
PRO CA  CB   sing N N 264 
PRO CA  HA   sing N N 265 
PRO C   O    doub N N 266 
PRO C   OXT  sing N N 267 
PRO CB  CG   sing N N 268 
PRO CB  HB2  sing N N 269 
PRO CB  HB3  sing N N 270 
PRO CG  CD   sing N N 271 
PRO CG  HG2  sing N N 272 
PRO CG  HG3  sing N N 273 
PRO CD  HD2  sing N N 274 
PRO CD  HD3  sing N N 275 
PRO OXT HXT  sing N N 276 
SER N   CA   sing N N 277 
SER N   H    sing N N 278 
SER N   H2   sing N N 279 
SER CA  C    sing N N 280 
SER CA  CB   sing N N 281 
SER CA  HA   sing N N 282 
SER C   O    doub N N 283 
SER C   OXT  sing N N 284 
SER CB  OG   sing N N 285 
SER CB  HB2  sing N N 286 
SER CB  HB3  sing N N 287 
SER OG  HG   sing N N 288 
SER OXT HXT  sing N N 289 
THR N   CA   sing N N 290 
THR N   H    sing N N 291 
THR N   H2   sing N N 292 
THR CA  C    sing N N 293 
THR CA  CB   sing N N 294 
THR CA  HA   sing N N 295 
THR C   O    doub N N 296 
THR C   OXT  sing N N 297 
THR CB  OG1  sing N N 298 
THR CB  CG2  sing N N 299 
THR CB  HB   sing N N 300 
THR OG1 HG1  sing N N 301 
THR CG2 HG21 sing N N 302 
THR CG2 HG22 sing N N 303 
THR CG2 HG23 sing N N 304 
THR OXT HXT  sing N N 305 
TRP N   CA   sing N N 306 
TRP N   H    sing N N 307 
TRP N   H2   sing N N 308 
TRP CA  C    sing N N 309 
TRP CA  CB   sing N N 310 
TRP CA  HA   sing N N 311 
TRP C   O    doub N N 312 
TRP C   OXT  sing N N 313 
TRP CB  CG   sing N N 314 
TRP CB  HB2  sing N N 315 
TRP CB  HB3  sing N N 316 
TRP CG  CD1  doub Y N 317 
TRP CG  CD2  sing Y N 318 
TRP CD1 NE1  sing Y N 319 
TRP CD1 HD1  sing N N 320 
TRP CD2 CE2  doub Y N 321 
TRP CD2 CE3  sing Y N 322 
TRP NE1 CE2  sing Y N 323 
TRP NE1 HE1  sing N N 324 
TRP CE2 CZ2  sing Y N 325 
TRP CE3 CZ3  doub Y N 326 
TRP CE3 HE3  sing N N 327 
TRP CZ2 CH2  doub Y N 328 
TRP CZ2 HZ2  sing N N 329 
TRP CZ3 CH2  sing Y N 330 
TRP CZ3 HZ3  sing N N 331 
TRP CH2 HH2  sing N N 332 
TRP OXT HXT  sing N N 333 
TYR N   CA   sing N N 334 
TYR N   H    sing N N 335 
TYR N   H2   sing N N 336 
TYR CA  C    sing N N 337 
TYR CA  CB   sing N N 338 
TYR CA  HA   sing N N 339 
TYR C   O    doub N N 340 
TYR C   OXT  sing N N 341 
TYR CB  CG   sing N N 342 
TYR CB  HB2  sing N N 343 
TYR CB  HB3  sing N N 344 
TYR CG  CD1  doub Y N 345 
TYR CG  CD2  sing Y N 346 
TYR CD1 CE1  sing Y N 347 
TYR CD1 HD1  sing N N 348 
TYR CD2 CE2  doub Y N 349 
TYR CD2 HD2  sing N N 350 
TYR CE1 CZ   doub Y N 351 
TYR CE1 HE1  sing N N 352 
TYR CE2 CZ   sing Y N 353 
TYR CE2 HE2  sing N N 354 
TYR CZ  OH   sing N N 355 
TYR OH  HH   sing N N 356 
TYR OXT HXT  sing N N 357 
VAL N   CA   sing N N 358 
VAL N   H    sing N N 359 
VAL N   H2   sing N N 360 
VAL CA  C    sing N N 361 
VAL CA  CB   sing N N 362 
VAL CA  HA   sing N N 363 
VAL C   O    doub N N 364 
VAL C   OXT  sing N N 365 
VAL CB  CG1  sing N N 366 
VAL CB  CG2  sing N N 367 
VAL CB  HB   sing N N 368 
VAL CG1 HG11 sing N N 369 
VAL CG1 HG12 sing N N 370 
VAL CG1 HG13 sing N N 371 
VAL CG2 HG21 sing N N 372 
VAL CG2 HG22 sing N N 373 
VAL CG2 HG23 sing N N 374 
VAL OXT HXT  sing N N 375 
# 
_atom_sites.entry_id                    5GOT 
_atom_sites.fract_transf_matrix[1][1]   0.00123897 
_atom_sites.fract_transf_matrix[1][2]   -0.01503811 
_atom_sites.fract_transf_matrix[1][3]   0.01298537 
_atom_sites.fract_transf_matrix[2][1]   0.01514044 
_atom_sites.fract_transf_matrix[2][2]   -0.01287968 
_atom_sites.fract_transf_matrix[2][3]   -0.00109972 
_atom_sites.fract_transf_matrix[3][1]   0.00245358 
_atom_sites.fract_transf_matrix[3][2]   0.00264291 
_atom_sites.fract_transf_matrix[3][3]   0.00282660 
_atom_sites.fract_transf_vector[1]      0.159302 
_atom_sites.fract_transf_vector[2]      0.384837 
_atom_sites.fract_transf_vector[3]      -0.023750 
# 
loop_
_atom_type.symbol 
C  
CL 
N  
O  
S  
# 
loop_
_atom_site.group_PDB 
_atom_site.id 
_atom_site.type_symbol 
_atom_site.label_atom_id 
_atom_site.label_alt_id 
_atom_site.label_comp_id 
_atom_site.label_asym_id 
_atom_site.label_entity_id 
_atom_site.label_seq_id 
_atom_site.pdbx_PDB_ins_code 
_atom_site.Cartn_x 
_atom_site.Cartn_y 
_atom_site.Cartn_z 
_atom_site.occupancy 
_atom_site.B_iso_or_equiv 
_atom_site.pdbx_formal_charge 
_atom_site.auth_seq_id 
_atom_site.auth_comp_id 
_atom_site.auth_asym_id 
_atom_site.auth_atom_id 
_atom_site.pdbx_PDB_model_num 
ATOM   1    N  N   . MET A 1 1   ? -17.600 -4.299  2.399   1.00 52.95 ? 1   MET A N   1 
ATOM   2    C  CA  . MET A 1 1   ? -16.393 -3.969  1.651   1.00 43.50 ? 1   MET A CA  1 
ATOM   3    C  C   . MET A 1 1   ? -15.282 -3.443  2.551   1.00 41.47 ? 1   MET A C   1 
ATOM   4    O  O   . MET A 1 1   ? -15.384 -2.350  3.108   1.00 41.30 ? 1   MET A O   1 
ATOM   5    C  CB  . MET A 1 1   ? -16.702 -2.939  0.574   1.00 47.17 ? 1   MET A CB  1 
ATOM   6    C  CG  . MET A 1 1   ? -15.487 -2.476  -0.190  1.00 38.93 ? 1   MET A CG  1 
ATOM   7    S  SD  . MET A 1 1   ? -15.529 -3.018  -1.904  1.00 52.14 ? 1   MET A SD  1 
ATOM   8    C  CE  . MET A 1 1   ? -16.901 -2.045  -2.538  1.00 50.73 ? 1   MET A CE  1 
ATOM   9    N  N   . LYS A 1 2   ? -14.215 -4.223  2.686   1.00 38.48 ? 2   LYS A N   1 
ATOM   10   C  CA  . LYS A 1 2   ? -13.054 -3.766  3.435   1.00 35.24 ? 2   LYS A CA  1 
ATOM   11   C  C   . LYS A 1 2   ? -12.329 -2.675  2.654   1.00 31.48 ? 2   LYS A C   1 
ATOM   12   O  O   . LYS A 1 2   ? -12.224 -2.737  1.427   1.00 33.87 ? 2   LYS A O   1 
ATOM   13   C  CB  . LYS A 1 2   ? -12.124 -4.943  3.724   1.00 33.98 ? 2   LYS A CB  1 
ATOM   14   C  CG  . LYS A 1 2   ? -12.778 -6.032  4.587   1.00 38.41 ? 2   LYS A CG  1 
ATOM   15   C  CD  . LYS A 1 2   ? -11.818 -7.192  4.850   1.00 38.91 ? 2   LYS A CD  1 
ATOM   16   C  CE  . LYS A 1 2   ? -12.253 -8.041  6.054   1.00 43.82 ? 2   LYS A CE  1 
ATOM   17   N  NZ  . LYS A 1 2   ? -13.563 -8.727  5.838   1.00 49.68 ? 2   LYS A NZ  1 
ATOM   18   N  N   . LYS A 1 3   ? -11.859 -1.655  3.374   1.00 30.02 ? 3   LYS A N   1 
ATOM   19   C  CA  . LYS A 1 3   ? -11.189 -0.494  2.799   1.00 29.26 ? 3   LYS A CA  1 
ATOM   20   C  C   . LYS A 1 3   ? -9.739  -0.486  3.272   1.00 28.26 ? 3   LYS A C   1 
ATOM   21   O  O   . LYS A 1 3   ? -9.468  -0.360  4.471   1.00 26.56 ? 3   LYS A O   1 
ATOM   22   C  CB  . LYS A 1 3   ? -11.898 0.809   3.195   1.00 28.96 ? 3   LYS A CB  1 
ATOM   23   C  CG  . LYS A 1 3   ? -13.395 0.826   2.907   1.00 32.59 ? 3   LYS A CG  1 
ATOM   24   C  CD  . LYS A 1 3   ? -14.125 1.767   3.882   1.00 37.93 ? 3   LYS A CD  1 
ATOM   25   C  CE  . LYS A 1 3   ? -15.600 1.417   4.024   1.00 43.09 ? 3   LYS A CE  1 
ATOM   26   N  NZ  . LYS A 1 3   ? -16.409 1.943   2.883   1.00 44.74 ? 3   LYS A NZ  1 
ATOM   27   N  N   . VAL A 1 4   ? -8.810  -0.622  2.340   1.00 26.03 ? 4   VAL A N   1 
ATOM   28   C  CA  . VAL A 1 4   ? -7.401  -0.786  2.672   1.00 24.60 ? 4   VAL A CA  1 
ATOM   29   C  C   . VAL A 1 4   ? -6.616  0.373   2.081   1.00 23.06 ? 4   VAL A C   1 
ATOM   30   O  O   . VAL A 1 4   ? -6.838  0.753   0.928   1.00 26.50 ? 4   VAL A O   1 
ATOM   31   C  CB  . VAL A 1 4   ? -6.870  -2.132  2.149   1.00 26.60 ? 4   VAL A CB  1 
ATOM   32   C  CG1 . VAL A 1 4   ? -5.362  -2.209  2.349   1.00 23.01 ? 4   VAL A CG1 1 
ATOM   33   C  CG2 . VAL A 1 4   ? -7.585  -3.286  2.846   1.00 24.45 ? 4   VAL A CG2 1 
ATOM   34   N  N   . CYS A 1 5   ? -5.695  0.932   2.866   1.00 22.25 ? 5   CYS A N   1 
ATOM   35   C  CA  . CYS A 1 5   ? -4.829  2.018   2.412   1.00 22.93 ? 5   CYS A CA  1 
ATOM   36   C  C   . CYS A 1 5   ? -3.379  1.695   2.746   1.00 22.61 ? 5   CYS A C   1 
ATOM   37   O  O   . CYS A 1 5   ? -3.022  1.623   3.924   1.00 20.70 ? 5   CYS A O   1 
ATOM   38   C  CB  . CYS A 1 5   ? -5.221  3.338   3.070   1.00 23.82 ? 5   CYS A CB  1 
ATOM   39   S  SG  . CYS A 1 5   ? -4.305  4.753   2.414   1.00 24.57 ? 5   CYS A SG  1 
ATOM   40   N  N   . PHE A 1 6   ? -2.541  1.532   1.723   1.00 21.43 ? 6   PHE A N   1 
ATOM   41   C  CA  . PHE A 1 6   ? -1.108  1.346   1.935   1.00 20.19 ? 6   PHE A CA  1 
ATOM   42   C  C   . PHE A 1 6   ? -0.430  2.699   2.029   1.00 20.06 ? 6   PHE A C   1 
ATOM   43   O  O   . PHE A 1 6   ? -0.797  3.637   1.325   1.00 21.95 ? 6   PHE A O   1 
ATOM   44   C  CB  . PHE A 1 6   ? -0.471  0.534   0.807   1.00 21.19 ? 6   PHE A CB  1 
ATOM   45   C  CG  . PHE A 1 6   ? -1.086  -0.821  0.628   1.00 22.34 ? 6   PHE A CG  1 
ATOM   46   C  CD1 . PHE A 1 6   ? -0.716  -1.880  1.447   1.00 15.80 ? 6   PHE A CD1 1 
ATOM   47   C  CD2 . PHE A 1 6   ? -2.053  -1.029  -0.343  1.00 18.52 ? 6   PHE A CD2 1 
ATOM   48   C  CE1 . PHE A 1 6   ? -1.300  -3.118  1.291   1.00 18.41 ? 6   PHE A CE1 1 
ATOM   49   C  CE2 . PHE A 1 6   ? -2.637  -2.263  -0.510  1.00 18.50 ? 6   PHE A CE2 1 
ATOM   50   C  CZ  . PHE A 1 6   ? -2.254  -3.313  0.306   1.00 19.52 ? 6   PHE A CZ  1 
ATOM   51   N  N   . VAL A 1 7   ? 0.557   2.807   2.907   1.00 19.90 ? 7   VAL A N   1 
ATOM   52   C  CA  . VAL A 1 7   ? 1.139   4.100   3.231   1.00 21.34 ? 7   VAL A CA  1 
ATOM   53   C  C   . VAL A 1 7   ? 2.655   3.986   3.258   1.00 20.48 ? 7   VAL A C   1 
ATOM   54   O  O   . VAL A 1 7   ? 3.202   3.012   3.791   1.00 19.95 ? 7   VAL A O   1 
ATOM   55   C  CB  . VAL A 1 7   ? 0.616   4.630   4.588   1.00 22.71 ? 7   VAL A CB  1 
ATOM   56   C  CG1 . VAL A 1 7   ? 1.265   5.945   4.893   1.00 18.15 ? 7   VAL A CG1 1 
ATOM   57   C  CG2 . VAL A 1 7   ? -0.908  4.773   4.583   1.00 19.46 ? 7   VAL A CG2 1 
ATOM   58   N  N   . CYS A 1 8   ? 3.336   4.968   2.668   1.00 20.16 ? 8   CYS A N   1 
ATOM   59   C  CA  . CYS A 1 8   ? 4.777   5.141   2.866   1.00 23.50 ? 8   CYS A CA  1 
ATOM   60   C  C   . CYS A 1 8   ? 5.047   6.641   2.994   1.00 22.07 ? 8   CYS A C   1 
ATOM   61   O  O   . CYS A 1 8   ? 4.120   7.438   3.144   1.00 22.54 ? 8   CYS A O   1 
ATOM   62   C  CB  . CYS A 1 8   ? 5.595   4.469   1.752   1.00 19.25 ? 8   CYS A CB  1 
ATOM   63   S  SG  . CYS A 1 8   ? 5.448   5.224   0.074   1.00 20.77 ? 8   CYS A SG  1 
ATOM   64   N  N   . LEU A 1 9   ? 6.325   7.028   2.990   1.00 21.82 ? 9   LEU A N   1 
ATOM   65   C  CA  . LEU A 1 9   ? 6.672   8.417   3.282   1.00 23.69 ? 9   LEU A CA  1 
ATOM   66   C  C   . LEU A 1 9   ? 6.157   9.363   2.194   1.00 28.61 ? 9   LEU A C   1 
ATOM   67   O  O   . LEU A 1 9   ? 5.557   10.408  2.492   1.00 23.79 ? 9   LEU A O   1 
ATOM   68   C  CB  . LEU A 1 9   ? 8.190   8.551   3.439   1.00 22.10 ? 9   LEU A CB  1 
ATOM   69   C  CG  . LEU A 1 9   ? 8.739   9.985   3.475   1.00 26.08 ? 9   LEU A CG  1 
ATOM   70   C  CD1 . LEU A 1 9   ? 8.379   10.672  4.768   1.00 27.09 ? 9   LEU A CD1 1 
ATOM   71   C  CD2 . LEU A 1 9   ? 10.248  9.993   3.265   1.00 25.17 ? 9   LEU A CD2 1 
ATOM   72   N  N   . GLY A 1 10  ? 6.381   9.013   0.926   1.00 23.89 ? 10  GLY A N   1 
ATOM   73   C  CA  . GLY A 1 10  ? 6.053   9.910   -0.166  1.00 22.38 ? 10  GLY A CA  1 
ATOM   74   C  C   . GLY A 1 10  ? 4.973   9.446   -1.121  1.00 24.20 ? 10  GLY A C   1 
ATOM   75   O  O   . GLY A 1 10  ? 4.549   10.232  -1.974  1.00 25.75 ? 10  GLY A O   1 
ATOM   76   N  N   . ASN A 1 11  ? 4.520   8.187   -1.015  1.00 21.63 ? 11  ASN A N   1 
ATOM   77   C  CA  . ASN A 1 11  ? 3.416   7.684   -1.848  1.00 21.93 ? 11  ASN A CA  1 
ATOM   78   C  C   . ASN A 1 11  ? 3.748   7.810   -3.342  1.00 21.44 ? 11  ASN A C   1 
ATOM   79   O  O   . ASN A 1 11  ? 2.891   8.137   -4.164  1.00 21.25 ? 11  ASN A O   1 
ATOM   80   C  CB  . ASN A 1 11  ? 2.099   8.415   -1.510  1.00 24.02 ? 11  ASN A CB  1 
ATOM   81   C  CG  . ASN A 1 11  ? 0.857   7.806   -2.179  1.00 24.08 ? 11  ASN A CG  1 
ATOM   82   O  OD1 . ASN A 1 11  ? -0.049  8.545   -2.607  1.00 24.16 ? 11  ASN A OD1 1 
ATOM   83   N  ND2 . ASN A 1 11  ? 0.782   6.469   -2.236  1.00 21.31 ? 11  ASN A ND2 1 
ATOM   84   N  N   . ILE A 1 12  ? 5.007   7.555   -3.698  1.00 23.53 ? 12  ILE A N   1 
ATOM   85   C  CA  . ILE A 1 12  ? 5.372   7.427   -5.107  1.00 24.12 ? 12  ILE A CA  1 
ATOM   86   C  C   . ILE A 1 12  ? 6.135   6.149   -5.411  1.00 22.80 ? 12  ILE A C   1 
ATOM   87   O  O   . ILE A 1 12  ? 6.175   5.746   -6.584  1.00 21.89 ? 12  ILE A O   1 
ATOM   88   C  CB  . ILE A 1 12  ? 6.170   8.660   -5.610  1.00 24.45 ? 12  ILE A CB  1 
ATOM   89   C  CG1 . ILE A 1 12  ? 7.539   8.790   -4.930  1.00 24.32 ? 12  ILE A CG1 1 
ATOM   90   C  CG2 . ILE A 1 12  ? 5.365   9.962   -5.469  1.00 21.60 ? 12  ILE A CG2 1 
ATOM   91   C  CD1 . ILE A 1 12  ? 8.394   9.919   -5.562  1.00 27.15 ? 12  ILE A CD1 1 
ATOM   92   N  N   . CYS A 1 13  ? 6.682   5.440   -4.406  1.00 23.45 ? 13  CYS A N   1 
ATOM   93   C  CA  . CYS A 1 13  ? 7.449   4.217   -4.636  1.00 22.37 ? 13  CYS A CA  1 
ATOM   94   C  C   . CYS A 1 13  ? 6.712   3.011   -4.087  1.00 21.12 ? 13  CYS A C   1 
ATOM   95   O  O   . CYS A 1 13  ? 6.003   2.318   -4.844  1.00 19.06 ? 13  CYS A O   1 
ATOM   96   C  CB  . CYS A 1 13  ? 8.849   4.347   -4.016  1.00 20.08 ? 13  CYS A CB  1 
ATOM   97   S  SG  . CYS A 1 13  ? 9.975   5.511   -4.887  1.00 25.90 ? 13  CYS A SG  1 
ATOM   98   N  N   . ARG A 1 14  ? 6.854   2.680   -2.797  1.00 19.21 ? 14  ARG A N   1 
ATOM   99   C  CA  . ARG A 1 14  ? 6.386   1.389   -2.290  1.00 23.16 ? 14  ARG A CA  1 
ATOM   100  C  C   . ARG A 1 14  ? 4.866   1.339   -2.173  1.00 19.86 ? 14  ARG A C   1 
ATOM   101  O  O   . ARG A 1 14  ? 4.236   0.362   -2.605  1.00 19.32 ? 14  ARG A O   1 
ATOM   102  C  CB  . ARG A 1 14  ? 7.028   1.089   -0.931  1.00 19.32 ? 14  ARG A CB  1 
ATOM   103  C  CG  . ARG A 1 14  ? 8.445   0.560   -0.995  1.00 20.87 ? 14  ARG A CG  1 
ATOM   104  C  CD  . ARG A 1 14  ? 9.065   0.457   0.395   1.00 22.53 ? 14  ARG A CD  1 
ATOM   105  N  NE  . ARG A 1 14  ? 9.045   1.755   1.057   1.00 23.91 ? 14  ARG A NE  1 
ATOM   106  C  CZ  . ARG A 1 14  ? 9.563   1.990   2.257   1.00 23.50 ? 14  ARG A CZ  1 
ATOM   107  N  NH1 . ARG A 1 14  ? 10.139  1.012   2.932   1.00 22.88 ? 14  ARG A NH1 1 
ATOM   108  N  NH2 . ARG A 1 14  ? 9.498   3.213   2.776   1.00 26.44 ? 14  ARG A NH2 1 
ATOM   109  N  N   . SER A 1 15  ? 4.250   2.370   -1.581  1.00 17.44 ? 15  SER A N   1 
ATOM   110  C  CA  . SER A 1 15  ? 2.824   2.226   -1.311  1.00 20.55 ? 15  SER A CA  1 
ATOM   111  C  C   . SER A 1 15  ? 1.982   2.201   -2.589  1.00 21.70 ? 15  SER A C   1 
ATOM   112  O  O   . SER A 1 15  ? 1.018   1.424   -2.644  1.00 21.68 ? 15  SER A O   1 
ATOM   113  C  CB  . SER A 1 15  ? 2.309   3.315   -0.354  1.00 23.71 ? 15  SER A CB  1 
ATOM   114  O  OG  . SER A 1 15  ? 2.608   4.625   -0.798  1.00 21.34 ? 15  SER A OG  1 
ATOM   115  N  N   . PRO A 1 16  ? 2.282   2.998   -3.639  1.00 21.80 ? 16  PRO A N   1 
ATOM   116  C  CA  . PRO A 1 16  ? 1.523   2.806   -4.891  1.00 19.93 ? 16  PRO A CA  1 
ATOM   117  C  C   . PRO A 1 16  ? 1.740   1.435   -5.490  1.00 19.84 ? 16  PRO A C   1 
ATOM   118  O  O   . PRO A 1 16  ? 0.816   0.852   -6.080  1.00 21.73 ? 16  PRO A O   1 
ATOM   119  C  CB  . PRO A 1 16  ? 2.051   3.913   -5.823  1.00 22.84 ? 16  PRO A CB  1 
ATOM   120  C  CG  . PRO A 1 16  ? 2.776   4.849   -4.972  1.00 25.51 ? 16  PRO A CG  1 
ATOM   121  C  CD  . PRO A 1 16  ? 3.279   4.076   -3.778  1.00 20.09 ? 16  PRO A CD  1 
ATOM   122  N  N   . MET A 1 17  ? 2.950   0.895   -5.370  1.00 19.90 ? 17  MET A N   1 
ATOM   123  C  CA  . MET A 1 17  ? 3.170   -0.445  -5.895  1.00 22.09 ? 17  MET A CA  1 
ATOM   124  C  C   . MET A 1 17  ? 2.239   -1.444  -5.215  1.00 21.83 ? 17  MET A C   1 
ATOM   125  O  O   . MET A 1 17  ? 1.619   -2.280  -5.883  1.00 22.23 ? 17  MET A O   1 
ATOM   126  C  CB  . MET A 1 17  ? 4.628   -0.866  -5.725  1.00 20.20 ? 17  MET A CB  1 
ATOM   127  C  CG  . MET A 1 17  ? 4.988   -2.087  -6.584  1.00 19.52 ? 17  MET A CG  1 
ATOM   128  S  SD  . MET A 1 17  ? 6.619   -2.733  -6.233  1.00 23.16 ? 17  MET A SD  1 
ATOM   129  C  CE  . MET A 1 17  ? 7.617   -1.352  -6.798  1.00 22.14 ? 17  MET A CE  1 
ATOM   130  N  N   . ALA A 1 18  ? 2.089   -1.334  -3.890  1.00 22.89 ? 18  ALA A N   1 
ATOM   131  C  CA  . ALA A 1 18  ? 1.209   -2.249  -3.167  1.00 21.66 ? 18  ALA A CA  1 
ATOM   132  C  C   . ALA A 1 18  ? -0.239  -2.069  -3.604  1.00 20.71 ? 18  ALA A C   1 
ATOM   133  O  O   . ALA A 1 18  ? -0.950  -3.060  -3.824  1.00 21.66 ? 18  ALA A O   1 
ATOM   134  C  CB  . ALA A 1 18  ? 1.348   -2.040  -1.654  1.00 21.29 ? 18  ALA A CB  1 
ATOM   135  N  N   . GLU A 1 19  ? -0.679  -0.812  -3.766  1.00 22.12 ? 19  GLU A N   1 
ATOM   136  C  CA  . GLU A 1 19  ? -2.038  -0.531  -4.220  1.00 22.99 ? 19  GLU A CA  1 
ATOM   137  C  C   . GLU A 1 19  ? -2.371  -1.318  -5.476  1.00 24.63 ? 19  GLU A C   1 
ATOM   138  O  O   . GLU A 1 19  ? -3.333  -2.091  -5.511  1.00 24.72 ? 19  GLU A O   1 
ATOM   139  C  CB  . GLU A 1 19  ? -2.222  0.973   -4.479  1.00 21.44 ? 19  GLU A CB  1 
ATOM   140  C  CG  . GLU A 1 19  ? -3.548  1.305   -5.168  1.00 24.01 ? 19  GLU A CG  1 
ATOM   141  C  CD  . GLU A 1 19  ? -3.796  2.802   -5.364  1.00 25.55 ? 19  GLU A CD  1 
ATOM   142  O  OE1 . GLU A 1 19  ? -3.001  3.641   -4.890  1.00 24.95 ? 19  GLU A OE1 1 
ATOM   143  O  OE2 . GLU A 1 19  ? -4.808  3.140   -6.009  1.00 26.20 ? 19  GLU A OE2 1 
ATOM   144  N  N   . PHE A 1 20  ? -1.544  -1.167  -6.514  1.00 25.24 ? 20  PHE A N   1 
ATOM   145  C  CA  . PHE A 1 20  ? -1.913  -1.747  -7.797  1.00 25.71 ? 20  PHE A CA  1 
ATOM   146  C  C   . PHE A 1 20  ? -1.591  -3.233  -7.874  1.00 23.58 ? 20  PHE A C   1 
ATOM   147  O  O   . PHE A 1 20  ? -2.296  -3.966  -8.573  1.00 25.94 ? 20  PHE A O   1 
ATOM   148  C  CB  . PHE A 1 20  ? -1.274  -0.925  -8.923  1.00 24.37 ? 20  PHE A CB  1 
ATOM   149  C  CG  . PHE A 1 20  ? -1.809  0.480   -8.972  1.00 27.03 ? 20  PHE A CG  1 
ATOM   150  C  CD1 . PHE A 1 20  ? -3.130  0.710   -9.337  1.00 27.74 ? 20  PHE A CD1 1 
ATOM   151  C  CD2 . PHE A 1 20  ? -1.033  1.559   -8.573  1.00 24.48 ? 20  PHE A CD2 1 
ATOM   152  C  CE1 . PHE A 1 20  ? -3.661  2.007   -9.339  1.00 28.36 ? 20  PHE A CE1 1 
ATOM   153  C  CE2 . PHE A 1 20  ? -1.543  2.860   -8.590  1.00 28.65 ? 20  PHE A CE2 1 
ATOM   154  C  CZ  . PHE A 1 20  ? -2.863  3.083   -8.971  1.00 28.47 ? 20  PHE A CZ  1 
ATOM   155  N  N   . VAL A 1 21  ? -0.577  -3.716  -7.153  1.00 23.87 ? 21  VAL A N   1 
ATOM   156  C  CA  . VAL A 1 21  ? -0.395  -5.160  -7.061  1.00 23.17 ? 21  VAL A CA  1 
ATOM   157  C  C   . VAL A 1 21  ? -1.579  -5.789  -6.324  1.00 26.99 ? 21  VAL A C   1 
ATOM   158  O  O   . VAL A 1 21  ? -2.149  -6.791  -6.770  1.00 25.87 ? 21  VAL A O   1 
ATOM   159  C  CB  . VAL A 1 21  ? 0.948   -5.508  -6.391  1.00 22.35 ? 21  VAL A CB  1 
ATOM   160  C  CG1 . VAL A 1 21  ? 1.054   -7.012  -6.156  1.00 24.28 ? 21  VAL A CG1 1 
ATOM   161  C  CG2 . VAL A 1 21  ? 2.123   -5.039  -7.256  1.00 25.50 ? 21  VAL A CG2 1 
ATOM   162  N  N   . MET A 1 22  ? -1.994  -5.190  -5.201  1.00 24.89 ? 22  MET A N   1 
ATOM   163  C  CA  . MET A 1 22  ? -3.156  -5.722  -4.492  1.00 25.88 ? 22  MET A CA  1 
ATOM   164  C  C   . MET A 1 22  ? -4.400  -5.672  -5.374  1.00 27.96 ? 22  MET A C   1 
ATOM   165  O  O   . MET A 1 22  ? -5.194  -6.620  -5.402  1.00 30.97 ? 22  MET A O   1 
ATOM   166  C  CB  . MET A 1 22  ? -3.397  -4.945  -3.196  1.00 25.59 ? 22  MET A CB  1 
ATOM   167  C  CG  . MET A 1 22  ? -4.372  -5.634  -2.249  1.00 21.85 ? 22  MET A CG  1 
ATOM   168  S  SD  . MET A 1 22  ? -3.586  -7.027  -1.464  1.00 27.35 ? 22  MET A SD  1 
ATOM   169  C  CE  . MET A 1 22  ? -4.993  -7.835  -0.678  1.00 30.94 ? 22  MET A CE  1 
ATOM   170  N  N   . LYS A 1 23  ? -4.572  -4.581  -6.123  1.00 25.44 ? 23  LYS A N   1 
ATOM   171  C  CA  . LYS A 1 23  ? -5.720  -4.471  -7.007  1.00 32.44 ? 23  LYS A CA  1 
ATOM   172  C  C   . LYS A 1 23  ? -5.701  -5.526  -8.101  1.00 35.23 ? 23  LYS A C   1 
ATOM   173  O  O   . LYS A 1 23  ? -6.761  -5.864  -8.640  1.00 36.81 ? 23  LYS A O   1 
ATOM   174  C  CB  . LYS A 1 23  ? -5.777  -3.076  -7.625  1.00 27.92 ? 23  LYS A CB  1 
ATOM   175  C  CG  . LYS A 1 23  ? -6.254  -2.003  -6.665  1.00 29.47 ? 23  LYS A CG  1 
ATOM   176  C  CD  . LYS A 1 23  ? -6.355  -0.667  -7.376  1.00 29.08 ? 23  LYS A CD  1 
ATOM   177  C  CE  . LYS A 1 23  ? -7.203  0.322   -6.599  1.00 27.38 ? 23  LYS A CE  1 
ATOM   178  N  NZ  . LYS A 1 23  ? -6.891  1.718   -6.970  1.00 24.31 ? 23  LYS A NZ  1 
ATOM   179  N  N   . SER A 1 24  ? -4.530  -6.075  -8.420  1.00 30.77 ? 24  SER A N   1 
ATOM   180  C  CA  . SER A 1 24  ? -4.457  -7.091  -9.456  1.00 32.26 ? 24  SER A CA  1 
ATOM   181  C  C   . SER A 1 24  ? -4.846  -8.474  -8.958  1.00 35.22 ? 24  SER A C   1 
ATOM   182  O  O   . SER A 1 24  ? -5.007  -9.380  -9.781  1.00 35.06 ? 24  SER A O   1 
ATOM   183  C  CB  . SER A 1 24  ? -3.045  -7.136  -10.060 1.00 29.70 ? 24  SER A CB  1 
ATOM   184  O  OG  . SER A 1 24  ? -2.140  -7.884  -9.254  1.00 29.85 ? 24  SER A OG  1 
ATOM   185  N  N   . ILE A 1 25  ? -4.997  -8.670  -7.646  1.00 30.93 ? 25  ILE A N   1 
ATOM   186  C  CA  . ILE A 1 25  ? -5.296  -9.988  -7.104  1.00 30.99 ? 25  ILE A CA  1 
ATOM   187  C  C   . ILE A 1 25  ? -6.633  -10.045 -6.379  1.00 31.89 ? 25  ILE A C   1 
ATOM   188  O  O   . ILE A 1 25  ? -7.027  -11.118 -5.927  1.00 35.68 ? 25  ILE A O   1 
ATOM   189  C  CB  . ILE A 1 25  ? -4.166  -10.503 -6.187  1.00 33.61 ? 25  ILE A CB  1 
ATOM   190  C  CG1 . ILE A 1 25  ? -3.982  -9.606  -4.963  1.00 32.79 ? 25  ILE A CG1 1 
ATOM   191  C  CG2 . ILE A 1 25  ? -2.856  -10.642 -6.964  1.00 35.58 ? 25  ILE A CG2 1 
ATOM   192  C  CD1 . ILE A 1 25  ? -3.149  -10.259 -3.865  1.00 28.56 ? 25  ILE A CD1 1 
ATOM   193  N  N   . VAL A 1 26  ? -7.361  -8.934  -6.275  1.00 31.92 ? 26  VAL A N   1 
ATOM   194  C  CA  . VAL A 1 26  ? -8.677  -8.949  -5.646  1.00 35.75 ? 26  VAL A CA  1 
ATOM   195  C  C   . VAL A 1 26  ? -9.552  -7.881  -6.296  1.00 36.87 ? 26  VAL A C   1 
ATOM   196  O  O   . VAL A 1 26  ? -9.070  -6.815  -6.692  1.00 37.41 ? 26  VAL A O   1 
ATOM   197  C  CB  . VAL A 1 26  ? -8.560  -8.762  -4.113  1.00 34.37 ? 26  VAL A CB  1 
ATOM   198  C  CG1 . VAL A 1 26  ? -7.923  -7.436  -3.766  1.00 34.00 ? 26  VAL A CG1 1 
ATOM   199  C  CG2 . VAL A 1 26  ? -9.911  -8.870  -3.464  1.00 34.30 ? 26  VAL A CG2 1 
ATOM   200  N  N   . SER A 1 27  ? -10.850 -8.181  -6.406  1.00 36.68 ? 27  SER A N   1 
ATOM   201  C  CA  . SER A 1 27  ? -11.779 -7.366  -7.182  1.00 44.19 ? 27  SER A CA  1 
ATOM   202  C  C   . SER A 1 27  ? -12.201 -6.118  -6.426  1.00 43.29 ? 27  SER A C   1 
ATOM   203  O  O   . SER A 1 27  ? -12.418 -6.148  -5.212  1.00 40.39 ? 27  SER A O   1 
ATOM   204  C  CB  . SER A 1 27  ? -13.038 -8.158  -7.548  1.00 47.34 ? 27  SER A CB  1 
ATOM   205  O  OG  . SER A 1 27  ? -12.770 -9.163  -8.511  1.00 53.24 ? 27  SER A OG  1 
ATOM   206  N  N   . SER A 1 28  ? -12.341 -5.023  -7.179  1.00 47.88 ? 28  SER A N   1 
ATOM   207  C  CA  . SER A 1 28  ? -12.900 -3.771  -6.681  1.00 48.41 ? 28  SER A CA  1 
ATOM   208  C  C   . SER A 1 28  ? -14.246 -3.954  -5.978  1.00 46.29 ? 28  SER A C   1 
ATOM   209  O  O   . SER A 1 28  ? -14.639 -3.102  -5.173  1.00 46.89 ? 28  SER A O   1 
ATOM   210  C  CB  . SER A 1 28  ? -13.030 -2.806  -7.864  1.00 47.52 ? 28  SER A CB  1 
ATOM   211  O  OG  . SER A 1 28  ? -13.859 -1.706  -7.551  1.00 56.81 ? 28  SER A OG  1 
ATOM   212  N  N   . ASP A 1 29  ? -14.950 -5.054  -6.245  1.00 49.53 ? 29  ASP A N   1 
ATOM   213  C  CA  . ASP A 1 29  ? -16.263 -5.283  -5.658  1.00 50.11 ? 29  ASP A CA  1 
ATOM   214  C  C   . ASP A 1 29  ? -16.185 -5.824  -4.238  1.00 51.05 ? 29  ASP A C   1 
ATOM   215  O  O   . ASP A 1 29  ? -17.164 -5.710  -3.490  1.00 48.78 ? 29  ASP A O   1 
ATOM   216  C  CB  . ASP A 1 29  ? -17.067 -6.249  -6.536  1.00 54.60 ? 29  ASP A CB  1 
ATOM   217  C  CG  . ASP A 1 29  ? -17.351 -5.684  -7.928  1.00 55.04 ? 29  ASP A CG  1 
ATOM   218  O  OD1 . ASP A 1 29  ? -17.725 -4.497  -8.028  1.00 60.21 ? 29  ASP A OD1 1 
ATOM   219  O  OD2 . ASP A 1 29  ? -17.198 -6.430  -8.922  1.00 58.54 ? 29  ASP A OD2 1 
ATOM   220  N  N   . VAL A 1 30  ? -15.055 -6.401  -3.845  1.00 45.75 ? 30  VAL A N   1 
ATOM   221  C  CA  . VAL A 1 30  ? -14.925 -6.970  -2.510  1.00 44.16 ? 30  VAL A CA  1 
ATOM   222  C  C   . VAL A 1 30  ? -13.841 -6.295  -1.668  1.00 40.43 ? 30  VAL A C   1 
ATOM   223  O  O   . VAL A 1 30  ? -13.855 -6.442  -0.434  1.00 41.32 ? 30  VAL A O   1 
ATOM   224  C  CB  . VAL A 1 30  ? -14.695 -8.497  -2.585  1.00 45.71 ? 30  VAL A CB  1 
ATOM   225  C  CG1 . VAL A 1 30  ? -13.288 -8.819  -3.008  1.00 41.65 ? 30  VAL A CG1 1 
ATOM   226  C  CG2 . VAL A 1 30  ? -15.054 -9.183  -1.274  1.00 44.05 ? 30  VAL A CG2 1 
ATOM   227  N  N   . MET A 1 31  ? -12.927 -5.518  -2.257  1.00 38.29 ? 31  MET A N   1 
ATOM   228  C  CA  . MET A 1 31  ? -11.978 -4.741  -1.465  1.00 36.18 ? 31  MET A CA  1 
ATOM   229  C  C   . MET A 1 31  ? -11.708 -3.400  -2.132  1.00 36.47 ? 31  MET A C   1 
ATOM   230  O  O   . MET A 1 31  ? -11.471 -3.332  -3.343  1.00 38.11 ? 31  MET A O   1 
ATOM   231  C  CB  . MET A 1 31  ? -10.663 -5.505  -1.261  1.00 32.82 ? 31  MET A CB  1 
ATOM   232  C  CG  . MET A 1 31  ? -9.747  -4.873  -0.220  1.00 33.40 ? 31  MET A CG  1 
ATOM   233  S  SD  . MET A 1 31  ? -8.140  -5.687  -0.077  1.00 30.63 ? 31  MET A SD  1 
ATOM   234  C  CE  . MET A 1 31  ? -8.597  -7.301  0.540   1.00 27.32 ? 31  MET A CE  1 
ATOM   235  N  N   . MET A 1 32  ? -11.746 -2.335  -1.340  1.00 31.61 ? 32  MET A N   1 
ATOM   236  C  CA  . MET A 1 32  ? -11.450 -0.995  -1.821  1.00 31.81 ? 32  MET A CA  1 
ATOM   237  C  C   . MET A 1 32  ? -10.035 -0.638  -1.384  1.00 30.23 ? 32  MET A C   1 
ATOM   238  O  O   . MET A 1 32  ? -9.706  -0.737  -0.198  1.00 31.44 ? 32  MET A O   1 
ATOM   239  C  CB  . MET A 1 32  ? -12.474 0.006   -1.279  1.00 34.72 ? 32  MET A CB  1 
ATOM   240  C  CG  . MET A 1 32  ? -12.333 1.437   -1.789  1.00 36.59 ? 32  MET A CG  1 
ATOM   241  S  SD  . MET A 1 32  ? -11.432 2.501   -0.640  1.00 48.49 ? 32  MET A SD  1 
ATOM   242  C  CE  . MET A 1 32  ? -12.160 4.098   -0.988  1.00 43.29 ? 32  MET A CE  1 
ATOM   243  N  N   . ILE A 1 33  ? -9.192  -0.259  -2.342  1.00 31.57 ? 33  ILE A N   1 
ATOM   244  C  CA  . ILE A 1 33  ? -7.750  -0.171  -2.125  1.00 25.69 ? 33  ILE A CA  1 
ATOM   245  C  C   . ILE A 1 33  ? -7.257  1.170   -2.636  1.00 26.29 ? 33  ILE A C   1 
ATOM   246  O  O   . ILE A 1 33  ? -7.550  1.548   -3.776  1.00 25.40 ? 33  ILE A O   1 
ATOM   247  C  CB  . ILE A 1 33  ? -7.000  -1.323  -2.818  1.00 27.17 ? 33  ILE A CB  1 
ATOM   248  C  CG1 . ILE A 1 33  ? -7.503  -2.671  -2.312  1.00 26.93 ? 33  ILE A CG1 1 
ATOM   249  C  CG2 . ILE A 1 33  ? -5.514  -1.225  -2.545  1.00 26.08 ? 33  ILE A CG2 1 
ATOM   250  C  CD1 . ILE A 1 33  ? -7.188  -3.807  -3.239  1.00 28.43 ? 33  ILE A CD1 1 
ATOM   251  N  N   . GLU A 1 34  ? -6.535  1.895   -1.784  1.00 24.71 ? 34  GLU A N   1 
ATOM   252  C  CA  . GLU A 1 34  ? -5.924  3.174   -2.122  1.00 26.00 ? 34  GLU A CA  1 
ATOM   253  C  C   . GLU A 1 34  ? -4.553  3.224   -1.458  1.00 26.37 ? 34  GLU A C   1 
ATOM   254  O  O   . GLU A 1 34  ? -4.146  2.285   -0.768  1.00 23.33 ? 34  GLU A O   1 
ATOM   255  C  CB  . GLU A 1 34  ? -6.810  4.349   -1.695  1.00 24.84 ? 34  GLU A CB  1 
ATOM   256  C  CG  . GLU A 1 34  ? -8.092  4.455   -2.526  1.00 27.55 ? 34  GLU A CG  1 
ATOM   257  C  CD  . GLU A 1 34  ? -8.770  5.803   -2.389  1.00 35.89 ? 34  GLU A CD  1 
ATOM   258  O  OE1 . GLU A 1 34  ? -9.996  5.892   -2.617  1.00 36.83 ? 34  GLU A OE1 1 
ATOM   259  O  OE2 . GLU A 1 34  ? -8.072  6.774   -2.034  1.00 35.27 ? 34  GLU A OE2 1 
ATOM   260  N  N   . SER A 1 35  ? -3.822  4.317   -1.682  1.00 24.10 ? 35  SER A N   1 
ATOM   261  C  CA  . SER A 1 35  ? -2.535  4.519   -1.031  1.00 24.91 ? 35  SER A CA  1 
ATOM   262  C  C   . SER A 1 35  ? -2.343  5.996   -0.715  1.00 23.52 ? 35  SER A C   1 
ATOM   263  O  O   . SER A 1 35  ? -2.957  6.874   -1.331  1.00 26.93 ? 35  SER A O   1 
ATOM   264  C  CB  . SER A 1 35  ? -1.362  3.984   -1.881  1.00 24.00 ? 35  SER A CB  1 
ATOM   265  O  OG  . SER A 1 35  ? -1.255  4.655   -3.140  1.00 24.13 ? 35  SER A OG  1 
ATOM   266  N  N   . ARG A 1 36  ? -1.487  6.263   0.271   1.00 24.13 ? 36  ARG A N   1 
ATOM   267  C  CA  . ARG A 1 36  ? -1.259  7.622   0.744   1.00 23.99 ? 36  ARG A CA  1 
ATOM   268  C  C   . ARG A 1 36  ? 0.175   7.776   1.228   1.00 21.17 ? 36  ARG A C   1 
ATOM   269  O  O   . ARG A 1 36  ? 0.909   6.795   1.411   1.00 23.81 ? 36  ARG A O   1 
ATOM   270  C  CB  . ARG A 1 36  ? -2.204  7.994   1.897   1.00 23.64 ? 36  ARG A CB  1 
ATOM   271  C  CG  . ARG A 1 36  ? -3.673  8.007   1.558   1.00 27.21 ? 36  ARG A CG  1 
ATOM   272  C  CD  . ARG A 1 36  ? -4.117  9.290   0.856   1.00 27.77 ? 36  ARG A CD  1 
ATOM   273  N  NE  . ARG A 1 36  ? -5.572  9.296   0.782   1.00 29.70 ? 36  ARG A NE  1 
ATOM   274  C  CZ  . ARG A 1 36  ? -6.268  8.639   -0.138  1.00 30.94 ? 36  ARG A CZ  1 
ATOM   275  N  NH1 . ARG A 1 36  ? -5.640  7.947   -1.087  1.00 29.05 ? 36  ARG A NH1 1 
ATOM   276  N  NH2 . ARG A 1 36  ? -7.594  8.673   -0.110  1.00 29.78 ? 36  ARG A NH2 1 
ATOM   277  N  N   . ALA A 1 37  ? 0.543   9.028   1.490   1.00 19.31 ? 37  ALA A N   1 
ATOM   278  C  CA  . ALA A 1 37  ? 1.834   9.406   2.049   1.00 23.94 ? 37  ALA A CA  1 
ATOM   279  C  C   . ALA A 1 37  ? 1.663   9.872   3.488   1.00 24.42 ? 37  ALA A C   1 
ATOM   280  O  O   . ALA A 1 37  ? 0.643   10.465  3.838   1.00 23.97 ? 37  ALA A O   1 
ATOM   281  C  CB  . ALA A 1 37  ? 2.478   10.543  1.247   1.00 23.65 ? 37  ALA A CB  1 
ATOM   282  N  N   . THR A 1 38  ? 2.681   9.635   4.325   1.00 22.81 ? 38  THR A N   1 
ATOM   283  C  CA  . THR A 1 38  ? 2.643   10.274  5.643   1.00 25.13 ? 38  THR A CA  1 
ATOM   284  C  C   . THR A 1 38  ? 2.991   11.754  5.554   1.00 28.88 ? 38  THR A C   1 
ATOM   285  O  O   . THR A 1 38  ? 2.513   12.548  6.372   1.00 26.65 ? 38  THR A O   1 
ATOM   286  C  CB  . THR A 1 38  ? 3.590   9.588   6.639   1.00 24.09 ? 38  THR A CB  1 
ATOM   287  O  OG1 . THR A 1 38  ? 4.947   9.740   6.209   1.00 24.84 ? 38  THR A OG1 1 
ATOM   288  C  CG2 . THR A 1 38  ? 3.270   8.112   6.755   1.00 22.72 ? 38  THR A CG2 1 
ATOM   289  N  N   . SER A 1 39  ? 3.806   12.143  4.573   1.00 28.22 ? 39  SER A N   1 
ATOM   290  C  CA  . SER A 1 39  ? 4.313   13.506  4.442   1.00 28.01 ? 39  SER A CA  1 
ATOM   291  C  C   . SER A 1 39  ? 3.701   14.218  3.244   1.00 30.74 ? 39  SER A C   1 
ATOM   292  O  O   . SER A 1 39  ? 2.984   13.627  2.432   1.00 27.65 ? 39  SER A O   1 
ATOM   293  C  CB  . SER A 1 39  ? 5.829   13.513  4.280   1.00 29.50 ? 39  SER A CB  1 
ATOM   294  O  OG  . SER A 1 39  ? 6.154   13.216  2.930   1.00 28.18 ? 39  SER A OG  1 
ATOM   295  N  N   . ASP A 1 40  ? 4.044   15.514  3.161   1.00 28.71 ? 40  ASP A N   1 
ATOM   296  C  CA  . ASP A 1 40  ? 3.839   16.457  2.067   1.00 35.53 ? 40  ASP A CA  1 
ATOM   297  C  C   . ASP A 1 40  ? 4.846   16.322  0.946   1.00 32.28 ? 40  ASP A C   1 
ATOM   298  O  O   . ASP A 1 40  ? 4.651   16.934  -0.109  1.00 31.36 ? 40  ASP A O   1 
ATOM   299  C  CB  . ASP A 1 40  ? 3.991   17.894  2.582   1.00 31.38 ? 40  ASP A CB  1 
ATOM   300  C  CG  . ASP A 1 40  ? 2.709   18.605  2.653   1.00 42.16 ? 40  ASP A CG  1 
ATOM   301  O  OD1 . ASP A 1 40  ? 1.688   17.990  2.271   1.00 47.46 ? 40  ASP A OD1 1 
ATOM   302  O  OD2 . ASP A 1 40  ? 2.706   19.781  3.082   1.00 49.07 ? 40  ASP A OD2 1 
ATOM   303  N  N   . TRP A 1 41  ? 5.934   15.593  1.177   1.00 28.29 ? 41  TRP A N   1 
ATOM   304  C  CA  . TRP A 1 41  ? 7.190   15.866  0.494   1.00 32.96 ? 41  TRP A CA  1 
ATOM   305  C  C   . TRP A 1 41  ? 7.162   15.547  -0.997  1.00 32.04 ? 41  TRP A C   1 
ATOM   306  O  O   . TRP A 1 41  ? 8.067   15.978  -1.713  1.00 32.76 ? 41  TRP A O   1 
ATOM   307  C  CB  . TRP A 1 41  ? 8.309   15.098  1.195   1.00 30.75 ? 41  TRP A CB  1 
ATOM   308  C  CG  . TRP A 1 41  ? 8.477   15.500  2.641   1.00 31.99 ? 41  TRP A CG  1 
ATOM   309  C  CD1 . TRP A 1 41  ? 7.762   16.451  3.322   1.00 31.00 ? 41  TRP A CD1 1 
ATOM   310  C  CD2 . TRP A 1 41  ? 9.428   14.974  3.572   1.00 34.03 ? 41  TRP A CD2 1 
ATOM   311  N  NE1 . TRP A 1 41  ? 8.214   16.548  4.612   1.00 31.27 ? 41  TRP A NE1 1 
ATOM   312  C  CE2 . TRP A 1 41  ? 9.231   15.649  4.796   1.00 32.78 ? 41  TRP A CE2 1 
ATOM   313  C  CE3 . TRP A 1 41  ? 10.424  13.991  3.494   1.00 31.88 ? 41  TRP A CE3 1 
ATOM   314  C  CZ2 . TRP A 1 41  ? 9.994   15.376  5.929   1.00 30.74 ? 41  TRP A CZ2 1 
ATOM   315  C  CZ3 . TRP A 1 41  ? 11.186  13.727  4.618   1.00 31.30 ? 41  TRP A CZ3 1 
ATOM   316  C  CH2 . TRP A 1 41  ? 10.964  14.414  5.822   1.00 29.75 ? 41  TRP A CH2 1 
ATOM   317  N  N   . GLU A 1 42  ? 6.158   14.817  -1.484  1.00 28.45 ? 42  GLU A N   1 
ATOM   318  C  CA  . GLU A 1 42  ? 6.069   14.478  -2.899  1.00 27.03 ? 42  GLU A CA  1 
ATOM   319  C  C   . GLU A 1 42  ? 4.683   14.778  -3.452  1.00 29.44 ? 42  GLU A C   1 
ATOM   320  O  O   . GLU A 1 42  ? 4.327   14.272  -4.524  1.00 28.25 ? 42  GLU A O   1 
ATOM   321  C  CB  . GLU A 1 42  ? 6.422   12.999  -3.121  1.00 27.61 ? 42  GLU A CB  1 
ATOM   322  C  CG  . GLU A 1 42  ? 7.860   12.621  -2.732  1.00 23.31 ? 42  GLU A CG  1 
ATOM   323  C  CD  . GLU A 1 42  ? 8.890   13.106  -3.752  1.00 28.99 ? 42  GLU A CD  1 
ATOM   324  O  OE1 . GLU A 1 42  ? 8.462   13.571  -4.829  1.00 27.52 ? 42  GLU A OE1 1 
ATOM   325  O  OE2 . GLU A 1 42  ? 10.118  13.012  -3.493  1.00 28.74 ? 42  GLU A OE2 1 
ATOM   326  N  N   . HIS A 1 43  ? 3.892   15.588  -2.744  1.00 30.58 ? 43  HIS A N   1 
ATOM   327  C  CA  . HIS A 1 43  ? 2.461   15.652  -3.021  1.00 30.19 ? 43  HIS A CA  1 
ATOM   328  C  C   . HIS A 1 43  ? 2.200   16.155  -4.434  1.00 32.90 ? 43  HIS A C   1 
ATOM   329  O  O   . HIS A 1 43  ? 2.830   17.112  -4.899  1.00 36.66 ? 43  HIS A O   1 
ATOM   330  C  CB  . HIS A 1 43  ? 1.750   16.532  -1.987  1.00 36.11 ? 43  HIS A CB  1 
ATOM   331  C  CG  . HIS A 1 43  ? 1.885   18.002  -2.240  1.00 40.21 ? 43  HIS A CG  1 
ATOM   332  N  ND1 . HIS A 1 43  ? 1.079   18.679  -3.132  1.00 43.61 ? 43  HIS A ND1 1 
ATOM   333  C  CD2 . HIS A 1 43  ? 2.731   18.923  -1.720  1.00 42.01 ? 43  HIS A CD2 1 
ATOM   334  C  CE1 . HIS A 1 43  ? 1.427   19.954  -3.154  1.00 48.13 ? 43  HIS A CE1 1 
ATOM   335  N  NE2 . HIS A 1 43  ? 2.423   20.130  -2.304  1.00 46.72 ? 43  HIS A NE2 1 
ATOM   336  N  N   . GLY A 1 44  ? 1.286   15.483  -5.128  1.00 30.36 ? 44  GLY A N   1 
ATOM   337  C  CA  . GLY A 1 44  ? 0.960   15.813  -6.488  1.00 36.23 ? 44  GLY A CA  1 
ATOM   338  C  C   . GLY A 1 44  ? 1.802   15.122  -7.540  1.00 33.08 ? 44  GLY A C   1 
ATOM   339  O  O   . GLY A 1 44  ? 1.386   15.071  -8.699  1.00 34.50 ? 44  GLY A O   1 
ATOM   340  N  N   . ASN A 1 45  ? 2.963   14.570  -7.170  1.00 33.43 ? 45  ASN A N   1 
ATOM   341  C  CA  . ASN A 1 45  ? 3.851   13.955  -8.147  1.00 30.64 ? 45  ASN A CA  1 
ATOM   342  C  C   . ASN A 1 45  ? 3.366   12.555  -8.524  1.00 31.78 ? 45  ASN A C   1 
ATOM   343  O  O   . ASN A 1 45  ? 2.760   11.855  -7.712  1.00 30.98 ? 45  ASN A O   1 
ATOM   344  C  CB  . ASN A 1 45  ? 5.272   13.884  -7.598  1.00 29.37 ? 45  ASN A CB  1 
ATOM   345  C  CG  . ASN A 1 45  ? 5.848   15.248  -7.345  1.00 32.39 ? 45  ASN A CG  1 
ATOM   346  O  OD1 . ASN A 1 45  ? 5.423   16.220  -7.970  1.00 33.51 ? 45  ASN A OD1 1 
ATOM   347  N  ND2 . ASN A 1 45  ? 6.803   15.343  -6.428  1.00 28.51 ? 45  ASN A ND2 1 
ATOM   348  N  N   . PRO A 1 46  ? 3.600   12.129  -9.758  1.00 30.96 ? 46  PRO A N   1 
ATOM   349  C  CA  . PRO A 1 46  ? 3.101   10.821  -10.184 1.00 27.94 ? 46  PRO A CA  1 
ATOM   350  C  C   . PRO A 1 46  ? 3.917   9.692   -9.570  1.00 28.55 ? 46  PRO A C   1 
ATOM   351  O  O   . PRO A 1 46  ? 4.919   9.898   -8.878  1.00 25.92 ? 46  PRO A O   1 
ATOM   352  C  CB  . PRO A 1 46  ? 3.253   10.870  -11.707 1.00 34.65 ? 46  PRO A CB  1 
ATOM   353  C  CG  . PRO A 1 46  ? 4.360   11.837  -11.929 1.00 32.45 ? 46  PRO A CG  1 
ATOM   354  C  CD  . PRO A 1 46  ? 4.239   12.870  -10.861 1.00 32.19 ? 46  PRO A CD  1 
ATOM   355  N  N   . ILE A 1 47  ? 3.454   8.470   -9.832  1.00 28.08 ? 47  ILE A N   1 
ATOM   356  C  CA  . ILE A 1 47  ? 4.199   7.293   -9.410  1.00 24.55 ? 47  ILE A CA  1 
ATOM   357  C  C   . ILE A 1 47  ? 5.625   7.393   -9.924  1.00 26.67 ? 47  ILE A C   1 
ATOM   358  O  O   . ILE A 1 47  ? 5.867   7.777   -11.072 1.00 27.43 ? 47  ILE A O   1 
ATOM   359  C  CB  . ILE A 1 47  ? 3.507   6.015   -9.910  1.00 23.96 ? 47  ILE A CB  1 
ATOM   360  C  CG1 . ILE A 1 47  ? 2.094   5.919   -9.323  1.00 27.41 ? 47  ILE A CG1 1 
ATOM   361  C  CG2 . ILE A 1 47  ? 4.316   4.795   -9.525  1.00 25.92 ? 47  ILE A CG2 1 
ATOM   362  C  CD1 . ILE A 1 47  ? 1.231   4.900   -10.015 1.00 26.89 ? 47  ILE A CD1 1 
ATOM   363  N  N   . HIS A 1 48  ? 6.577   7.065   -9.059  1.00 25.61 ? 48  HIS A N   1 
ATOM   364  C  CA  . HIS A 1 48  ? 7.992   7.087   -9.410  1.00 25.69 ? 48  HIS A CA  1 
ATOM   365  C  C   . HIS A 1 48  ? 8.277   6.150   -10.587 1.00 21.86 ? 48  HIS A C   1 
ATOM   366  O  O   . HIS A 1 48  ? 7.626   5.117   -10.762 1.00 22.43 ? 48  HIS A O   1 
ATOM   367  C  CB  . HIS A 1 48  ? 8.798   6.693   -8.169  1.00 23.63 ? 48  HIS A CB  1 
ATOM   368  C  CG  . HIS A 1 48  ? 10.281  6.847   -8.304  1.00 25.11 ? 48  HIS A CG  1 
ATOM   369  N  ND1 . HIS A 1 48  ? 11.072  5.926   -8.962  1.00 21.44 ? 48  HIS A ND1 1 
ATOM   370  C  CD2 . HIS A 1 48  ? 11.125  7.782   -7.810  1.00 24.54 ? 48  HIS A CD2 1 
ATOM   371  C  CE1 . HIS A 1 48  ? 12.335  6.306   -8.891  1.00 24.27 ? 48  HIS A CE1 1 
ATOM   372  N  NE2 . HIS A 1 48  ? 12.394  7.428   -8.198  1.00 22.75 ? 48  HIS A NE2 1 
ATOM   373  N  N   . SER A 1 49  ? 9.262   6.531   -11.413 1.00 22.44 ? 49  SER A N   1 
ATOM   374  C  CA  . SER A 1 49  ? 9.568   5.765   -12.620 1.00 22.33 ? 49  SER A CA  1 
ATOM   375  C  C   . SER A 1 49  ? 9.897   4.313   -12.302 1.00 22.69 ? 49  SER A C   1 
ATOM   376  O  O   . SER A 1 49  ? 9.574   3.411   -13.086 1.00 23.33 ? 49  SER A O   1 
ATOM   377  C  CB  . SER A 1 49  ? 10.742  6.403   -13.370 1.00 23.02 ? 49  SER A CB  1 
ATOM   378  O  OG  . SER A 1 49  ? 11.835  6.599   -12.487 1.00 22.72 ? 49  SER A OG  1 
ATOM   379  N  N   . GLY A 1 50  ? 10.550  4.063   -11.163 1.00 22.47 ? 50  GLY A N   1 
ATOM   380  C  CA  . GLY A 1 50  ? 10.928  2.698   -10.825 1.00 23.67 ? 50  GLY A CA  1 
ATOM   381  C  C   . GLY A 1 50  ? 9.729   1.805   -10.557 1.00 23.52 ? 50  GLY A C   1 
ATOM   382  O  O   . GLY A 1 50  ? 9.728   0.622   -10.920 1.00 24.24 ? 50  GLY A O   1 
ATOM   383  N  N   . THR A 1 51  ? 8.702   2.348   -9.896  1.00 23.16 ? 51  THR A N   1 
ATOM   384  C  CA  . THR A 1 51  ? 7.474   1.580   -9.692  1.00 23.00 ? 51  THR A CA  1 
ATOM   385  C  C   . THR A 1 51  ? 6.690   1.435   -10.995 1.00 22.49 ? 51  THR A C   1 
ATOM   386  O  O   . THR A 1 51  ? 6.196   0.346   -11.311 1.00 25.83 ? 51  THR A O   1 
ATOM   387  C  CB  . THR A 1 51  ? 6.630   2.232   -8.587  1.00 24.40 ? 51  THR A CB  1 
ATOM   388  O  OG1 . THR A 1 51  ? 7.351   2.137   -7.350  1.00 22.07 ? 51  THR A OG1 1 
ATOM   389  C  CG2 . THR A 1 51  ? 5.280   1.504   -8.419  1.00 21.12 ? 51  THR A CG2 1 
ATOM   390  N  N   . GLN A 1 52  ? 6.598   2.505   -11.786 1.00 24.07 ? 52  GLN A N   1 
ATOM   391  C  CA  . GLN A 1 52  ? 5.924   2.402   -13.079 1.00 25.64 ? 52  GLN A CA  1 
ATOM   392  C  C   . GLN A 1 52  ? 6.577   1.332   -13.948 1.00 27.96 ? 52  GLN A C   1 
ATOM   393  O  O   . GLN A 1 52  ? 5.895   0.466   -14.513 1.00 28.85 ? 52  GLN A O   1 
ATOM   394  C  CB  . GLN A 1 52  ? 5.934   3.762   -13.789 1.00 28.71 ? 52  GLN A CB  1 
ATOM   395  C  CG  . GLN A 1 52  ? 5.095   4.829   -13.094 1.00 27.06 ? 52  GLN A CG  1 
ATOM   396  C  CD  . GLN A 1 52  ? 4.622   5.908   -14.056 1.00 28.14 ? 52  GLN A CD  1 
ATOM   397  O  OE1 . GLN A 1 52  ? 4.126   5.613   -15.140 1.00 30.17 ? 52  GLN A OE1 1 
ATOM   398  N  NE2 . GLN A 1 52  ? 4.771   7.156   -13.661 1.00 28.27 ? 52  GLN A NE2 1 
ATOM   399  N  N   . SER A 1 53  ? 7.907   1.369   -14.050 1.00 25.43 ? 53  SER A N   1 
ATOM   400  C  CA  . SER A 1 53  ? 8.619   0.387   -14.864 1.00 27.41 ? 53  SER A CA  1 
ATOM   401  C  C   . SER A 1 53  ? 8.356   -1.031  -14.380 1.00 31.02 ? 53  SER A C   1 
ATOM   402  O  O   . SER A 1 53  ? 8.115   -1.942  -15.184 1.00 29.01 ? 53  SER A O   1 
ATOM   403  C  CB  . SER A 1 53  ? 10.115  0.687   -14.843 1.00 30.05 ? 53  SER A CB  1 
ATOM   404  O  OG  . SER A 1 53  ? 10.825  -0.319  -15.542 1.00 38.80 ? 53  SER A OG  1 
ATOM   405  N  N   . ILE A 1 54  ? 8.404   -1.241  -13.066 1.00 26.62 ? 54  ILE A N   1 
ATOM   406  C  CA  . ILE A 1 54  ? 8.135   -2.566  -12.522 1.00 27.31 ? 54  ILE A CA  1 
ATOM   407  C  C   . ILE A 1 54  ? 6.734   -3.028  -12.903 1.00 27.35 ? 54  ILE A C   1 
ATOM   408  O  O   . ILE A 1 54  ? 6.542   -4.166  -13.351 1.00 31.40 ? 54  ILE A O   1 
ATOM   409  C  CB  . ILE A 1 54  ? 8.344   -2.564  -10.997 1.00 28.33 ? 54  ILE A CB  1 
ATOM   410  C  CG1 . ILE A 1 54  ? 9.734   -3.100  -10.693 1.00 29.06 ? 54  ILE A CG1 1 
ATOM   411  C  CG2 . ILE A 1 54  ? 7.271   -3.363  -10.293 1.00 30.15 ? 54  ILE A CG2 1 
ATOM   412  C  CD1 . ILE A 1 54  ? 9.947   -4.530  -11.157 1.00 27.50 ? 54  ILE A CD1 1 
ATOM   413  N  N   . LEU A 1 55  ? 5.734   -2.151  -12.741 1.00 30.71 ? 55  LEU A N   1 
ATOM   414  C  CA  . LEU A 1 55  ? 4.355   -2.563  -12.992 1.00 29.64 ? 55  LEU A CA  1 
ATOM   415  C  C   . LEU A 1 55  ? 4.138   -2.882  -14.468 1.00 35.34 ? 55  LEU A C   1 
ATOM   416  O  O   . LEU A 1 55  ? 3.429   -3.840  -14.807 1.00 36.49 ? 55  LEU A O   1 
ATOM   417  C  CB  . LEU A 1 55  ? 3.377   -1.481  -12.514 1.00 29.81 ? 55  LEU A CB  1 
ATOM   418  C  CG  . LEU A 1 55  ? 3.320   -1.115  -11.014 1.00 28.34 ? 55  LEU A CG  1 
ATOM   419  C  CD1 . LEU A 1 55  ? 2.477   0.128   -10.795 1.00 27.80 ? 55  LEU A CD1 1 
ATOM   420  C  CD2 . LEU A 1 55  ? 2.796   -2.257  -10.144 1.00 25.50 ? 55  LEU A CD2 1 
ATOM   421  N  N   . LYS A 1 56  ? 4.743   -2.095  -15.363 1.00 35.85 ? 56  LYS A N   1 
ATOM   422  C  CA  . LYS A 1 56  ? 4.644   -2.395  -16.788 1.00 34.49 ? 56  LYS A CA  1 
ATOM   423  C  C   . LYS A 1 56  ? 5.284   -3.742  -17.099 1.00 35.73 ? 56  LYS A C   1 
ATOM   424  O  O   . LYS A 1 56  ? 4.706   -4.565  -17.818 1.00 43.09 ? 56  LYS A O   1 
ATOM   425  C  CB  . LYS A 1 56  ? 5.300   -1.285  -17.610 1.00 32.82 ? 56  LYS A CB  1 
ATOM   426  C  CG  . LYS A 1 56  ? 4.582   0.066   -17.591 1.00 38.15 ? 56  LYS A CG  1 
ATOM   427  C  CD  . LYS A 1 56  ? 5.139   0.953   -18.717 1.00 42.59 ? 56  LYS A CD  1 
ATOM   428  C  CE  . LYS A 1 56  ? 4.727   2.408   -18.601 1.00 43.59 ? 56  LYS A CE  1 
ATOM   429  N  NZ  . LYS A 1 56  ? 5.909   3.321   -18.532 1.00 41.01 ? 56  LYS A NZ  1 
ATOM   430  N  N   . THR A 1 57  ? 6.476   -3.988  -16.541 1.00 34.83 ? 57  THR A N   1 
ATOM   431  C  CA  . THR A 1 57  ? 7.203   -5.229  -16.808 1.00 32.45 ? 57  THR A CA  1 
ATOM   432  C  C   . THR A 1 57  ? 6.372   -6.451  -16.447 1.00 38.18 ? 57  THR A C   1 
ATOM   433  O  O   . THR A 1 57  ? 6.388   -7.464  -17.161 1.00 35.32 ? 57  THR A O   1 
ATOM   434  C  CB  . THR A 1 57  ? 8.518   -5.236  -16.031 1.00 31.85 ? 57  THR A CB  1 
ATOM   435  O  OG1 . THR A 1 57  ? 9.375   -4.215  -16.539 1.00 32.22 ? 57  THR A OG1 1 
ATOM   436  C  CG2 . THR A 1 57  ? 9.219   -6.582  -16.143 1.00 35.87 ? 57  THR A CG2 1 
ATOM   437  N  N   . TYR A 1 58  ? 5.641   -6.385  -15.338 1.00 37.90 ? 58  TYR A N   1 
ATOM   438  C  CA  . TYR A 1 58  ? 4.818   -7.500  -14.913 1.00 36.38 ? 58  TYR A CA  1 
ATOM   439  C  C   . TYR A 1 58  ? 3.366   -7.351  -15.355 1.00 38.21 ? 58  TYR A C   1 
ATOM   440  O  O   . TYR A 1 58  ? 2.512   -8.122  -14.912 1.00 39.26 ? 58  TYR A O   1 
ATOM   441  C  CB  . TYR A 1 58  ? 4.934   -7.675  -13.396 1.00 35.35 ? 58  TYR A CB  1 
ATOM   442  C  CG  . TYR A 1 58  ? 6.313   -8.169  -13.006 1.00 33.00 ? 58  TYR A CG  1 
ATOM   443  C  CD1 . TYR A 1 58  ? 6.639   -9.513  -13.109 1.00 32.91 ? 58  TYR A CD1 1 
ATOM   444  C  CD2 . TYR A 1 58  ? 7.295   -7.289  -12.574 1.00 32.24 ? 58  TYR A CD2 1 
ATOM   445  C  CE1 . TYR A 1 58  ? 7.903   -9.975  -12.772 1.00 38.63 ? 58  TYR A CE1 1 
ATOM   446  C  CE2 . TYR A 1 58  ? 8.562   -7.739  -12.227 1.00 31.74 ? 58  TYR A CE2 1 
ATOM   447  C  CZ  . TYR A 1 58  ? 8.862   -9.085  -12.338 1.00 34.73 ? 58  TYR A CZ  1 
ATOM   448  O  OH  . TYR A 1 58  ? 10.113  -9.558  -12.004 1.00 39.44 ? 58  TYR A OH  1 
ATOM   449  N  N   . GLN A 1 59  ? 3.078   -6.394  -16.238 1.00 41.31 ? 59  GLN A N   1 
ATOM   450  C  CA  . GLN A 1 59  ? 1.745   -6.232  -16.817 1.00 41.37 ? 59  GLN A CA  1 
ATOM   451  C  C   . GLN A 1 59  ? 0.691   -6.073  -15.723 1.00 42.36 ? 59  GLN A C   1 
ATOM   452  O  O   . GLN A 1 59  ? -0.343  -6.746  -15.709 1.00 42.20 ? 59  GLN A O   1 
ATOM   453  C  CB  . GLN A 1 59  ? 1.402   -7.407  -17.738 1.00 46.24 ? 59  GLN A CB  1 
ATOM   454  C  CG  . GLN A 1 59  ? 2.452   -7.705  -18.797 1.00 46.43 ? 59  GLN A CG  1 
ATOM   455  C  CD  . GLN A 1 59  ? 2.027   -8.825  -19.727 1.00 54.07 ? 59  GLN A CD  1 
ATOM   456  O  OE1 . GLN A 1 59  ? 2.566   -9.933  -19.675 1.00 58.53 ? 59  GLN A OE1 1 
ATOM   457  N  NE2 . GLN A 1 59  ? 1.054   -8.539  -20.590 1.00 57.47 ? 59  GLN A NE2 1 
ATOM   458  N  N   . ILE A 1 60  ? 0.972   -5.185  -14.779 1.00 40.38 ? 60  ILE A N   1 
ATOM   459  C  CA  . ILE A 1 60  ? 0.047   -4.881  -13.699 1.00 37.03 ? 60  ILE A CA  1 
ATOM   460  C  C   . ILE A 1 60  ? -0.582  -3.533  -14.013 1.00 35.37 ? 60  ILE A C   1 
ATOM   461  O  O   . ILE A 1 60  ? 0.106   -2.505  -14.041 1.00 35.57 ? 60  ILE A O   1 
ATOM   462  C  CB  . ILE A 1 60  ? 0.751   -4.888  -12.337 1.00 34.27 ? 60  ILE A CB  1 
ATOM   463  C  CG1 . ILE A 1 60  ? 1.303   -6.287  -12.080 1.00 33.09 ? 60  ILE A CG1 1 
ATOM   464  C  CG2 . ILE A 1 60  ? -0.210  -4.451  -11.235 1.00 31.77 ? 60  ILE A CG2 1 
ATOM   465  C  CD1 . ILE A 1 60  ? 1.610   -6.572  -10.672 1.00 35.10 ? 60  ILE A CD1 1 
ATOM   466  N  N   . ASN A 1 61  ? -1.884  -3.542  -14.284 1.00 34.76 ? 61  ASN A N   1 
ATOM   467  C  CA  . ASN A 1 61  ? -2.579  -2.307  -14.610 1.00 38.56 ? 61  ASN A CA  1 
ATOM   468  C  C   . ASN A 1 61  ? -2.434  -1.313  -13.468 1.00 37.65 ? 61  ASN A C   1 
ATOM   469  O  O   . ASN A 1 61  ? -2.386  -1.697  -12.295 1.00 36.75 ? 61  ASN A O   1 
ATOM   470  C  CB  . ASN A 1 61  ? -4.061  -2.577  -14.882 1.00 39.45 ? 61  ASN A CB  1 
ATOM   471  C  CG  . ASN A 1 61  ? -4.285  -3.429  -16.121 1.00 45.44 ? 61  ASN A CG  1 
ATOM   472  O  OD1 . ASN A 1 61  ? -3.408  -3.541  -16.979 1.00 51.16 ? 61  ASN A OD1 1 
ATOM   473  N  ND2 . ASN A 1 61  ? -5.466  -4.032  -16.220 1.00 45.32 ? 61  ASN A ND2 1 
ATOM   474  N  N   . TYR A 1 62  ? -2.333  -0.033  -13.819 1.00 38.83 ? 62  TYR A N   1 
ATOM   475  C  CA  . TYR A 1 62  ? -2.380  1.015   -12.814 1.00 36.23 ? 62  TYR A CA  1 
ATOM   476  C  C   . TYR A 1 62  ? -2.958  2.277   -13.427 1.00 39.49 ? 62  TYR A C   1 
ATOM   477  O  O   . TYR A 1 62  ? -3.013  2.433   -14.650 1.00 42.35 ? 62  TYR A O   1 
ATOM   478  C  CB  . TYR A 1 62  ? -1.008  1.294   -12.196 1.00 33.10 ? 62  TYR A CB  1 
ATOM   479  C  CG  . TYR A 1 62  ? 0.045   1.866   -13.119 1.00 35.00 ? 62  TYR A CG  1 
ATOM   480  C  CD1 . TYR A 1 62  ? 0.893   1.028   -13.835 1.00 33.40 ? 62  TYR A CD1 1 
ATOM   481  C  CD2 . TYR A 1 62  ? 0.215   3.245   -13.255 1.00 33.96 ? 62  TYR A CD2 1 
ATOM   482  C  CE1 . TYR A 1 62  ? 1.880   1.541   -14.671 1.00 35.46 ? 62  TYR A CE1 1 
ATOM   483  C  CE2 . TYR A 1 62  ? 1.206   3.769   -14.091 1.00 34.32 ? 62  TYR A CE2 1 
ATOM   484  C  CZ  . TYR A 1 62  ? 2.030   2.908   -14.793 1.00 33.39 ? 62  TYR A CZ  1 
ATOM   485  O  OH  . TYR A 1 62  ? 3.013   3.404   -15.622 1.00 38.64 ? 62  TYR A OH  1 
ATOM   486  N  N   . ASP A 1 63  ? -3.385  3.177   -12.547 1.00 33.75 ? 63  ASP A N   1 
ATOM   487  C  CA  . ASP A 1 63  ? -4.028  4.429   -12.931 1.00 36.74 ? 63  ASP A CA  1 
ATOM   488  C  C   . ASP A 1 63  ? -2.932  5.450   -13.194 1.00 37.11 ? 63  ASP A C   1 
ATOM   489  O  O   . ASP A 1 63  ? -2.278  5.916   -12.254 1.00 30.60 ? 63  ASP A O   1 
ATOM   490  C  CB  . ASP A 1 63  ? -4.976  4.895   -11.824 1.00 36.00 ? 63  ASP A CB  1 
ATOM   491  C  CG  . ASP A 1 63  ? -5.896  6.034   -12.253 1.00 39.54 ? 63  ASP A CG  1 
ATOM   492  O  OD1 . ASP A 1 63  ? -5.599  6.740   -13.245 1.00 40.44 ? 63  ASP A OD1 1 
ATOM   493  O  OD2 . ASP A 1 63  ? -6.930  6.228   -11.578 1.00 39.62 ? 63  ASP A OD2 1 
ATOM   494  N  N   . ILE A 1 64  ? -2.729  5.799   -14.470 1.00 38.49 ? 64  ILE A N   1 
ATOM   495  C  CA  . ILE A 1 64  ? -1.686  6.758   -14.821 1.00 38.06 ? 64  ILE A CA  1 
ATOM   496  C  C   . ILE A 1 64  ? -1.945  8.120   -14.199 1.00 30.69 ? 64  ILE A C   1 
ATOM   497  O  O   . ILE A 1 64  ? -1.023  8.933   -14.074 1.00 36.25 ? 64  ILE A O   1 
ATOM   498  C  CB  . ILE A 1 64  ? -1.548  6.886   -16.357 1.00 39.59 ? 64  ILE A CB  1 
ATOM   499  C  CG1 . ILE A 1 64  ? -2.836  7.451   -16.973 1.00 37.95 ? 64  ILE A CG1 1 
ATOM   500  C  CG2 . ILE A 1 64  ? -1.195  5.538   -16.967 1.00 42.70 ? 64  ILE A CG2 1 
ATOM   501  C  CD1 . ILE A 1 64  ? -2.673  7.913   -18.417 1.00 40.60 ? 64  ILE A CD1 1 
ATOM   502  N  N   . THR A 1 65  ? -3.177  8.397   -13.803 1.00 33.98 ? 65  THR A N   1 
ATOM   503  C  CA  . THR A 1 65  ? -3.477  9.660   -13.145 1.00 32.74 ? 65  THR A CA  1 
ATOM   504  C  C   . THR A 1 65  ? -3.091  9.674   -11.669 1.00 34.88 ? 65  THR A C   1 
ATOM   505  O  O   . THR A 1 65  ? -3.217  10.725  -11.032 1.00 31.56 ? 65  THR A O   1 
ATOM   506  C  CB  . THR A 1 65  ? -4.967  9.986   -13.295 1.00 38.55 ? 65  THR A CB  1 
ATOM   507  O  OG1 . THR A 1 65  ? -5.753  9.040   -12.554 1.00 34.67 ? 65  THR A OG1 1 
ATOM   508  C  CG2 . THR A 1 65  ? -5.371  9.924   -14.764 1.00 34.96 ? 65  THR A CG2 1 
ATOM   509  N  N   . LYS A 1 66  ? -2.622  8.548   -11.114 1.00 33.11 ? 66  LYS A N   1 
ATOM   510  C  CA  . LYS A 1 66  ? -2.319  8.488   -9.687  1.00 32.68 ? 66  LYS A CA  1 
ATOM   511  C  C   . LYS A 1 66  ? -1.187  9.447   -9.338  1.00 28.17 ? 66  LYS A C   1 
ATOM   512  O  O   . LYS A 1 66  ? -0.165  9.503   -10.029 1.00 32.45 ? 66  LYS A O   1 
ATOM   513  C  CB  . LYS A 1 66  ? -1.951  7.059   -9.268  1.00 28.31 ? 66  LYS A CB  1 
ATOM   514  C  CG  . LYS A 1 66  ? -1.289  6.963   -7.882  1.00 27.77 ? 66  LYS A CG  1 
ATOM   515  C  CD  . LYS A 1 66  ? -2.230  7.319   -6.733  1.00 23.96 ? 66  LYS A CD  1 
ATOM   516  C  CE  . LYS A 1 66  ? -1.512  7.212   -5.388  1.00 28.16 ? 66  LYS A CE  1 
ATOM   517  N  NZ  . LYS A 1 66  ? -2.266  7.861   -4.266  1.00 27.03 ? 66  LYS A NZ  1 
ATOM   518  N  N   . CYS A 1 67  ? -1.387  10.208  -8.267  1.00 26.93 ? 67  CYS A N   1 
ATOM   519  C  CA  . CYS A 1 67  ? -0.422  11.162  -7.744  1.00 27.79 ? 67  CYS A CA  1 
ATOM   520  C  C   . CYS A 1 67  ? -0.307  10.986  -6.233  1.00 27.69 ? 67  CYS A C   1 
ATOM   521  O  O   . CYS A 1 67  ? -1.236  10.519  -5.569  1.00 28.26 ? 67  CYS A O   1 
ATOM   522  C  CB  . CYS A 1 67  ? -0.828  12.611  -8.067  1.00 33.53 ? 67  CYS A CB  1 
ATOM   523  S  SG  . CYS A 1 67  ? -0.794  13.016  -9.860  1.00 43.72 ? 67  CYS A SG  1 
ATOM   524  N  N   . SER A 1 68  ? 0.849   11.377  -5.702  1.00 26.22 ? 68  SER A N   1 
ATOM   525  C  CA  . SER A 1 68  ? 1.099   11.310  -4.272  1.00 23.85 ? 68  SER A CA  1 
ATOM   526  C  C   . SER A 1 68  ? 0.073   12.147  -3.522  1.00 30.46 ? 68  SER A C   1 
ATOM   527  O  O   . SER A 1 68  ? -0.159  13.310  -3.861  1.00 28.71 ? 68  SER A O   1 
ATOM   528  C  CB  . SER A 1 68  ? 2.502   11.810  -3.965  1.00 23.97 ? 68  SER A CB  1 
ATOM   529  O  OG  . SER A 1 68  ? 2.715   11.884  -2.570  1.00 25.13 ? 68  SER A OG  1 
ATOM   530  N  N   . LYS A 1 69  ? -0.549  11.550  -2.504  1.00 25.44 ? 69  LYS A N   1 
ATOM   531  C  CA  . LYS A 1 69  ? -1.587  12.212  -1.713  1.00 28.19 ? 69  LYS A CA  1 
ATOM   532  C  C   . LYS A 1 69  ? -1.347  11.918  -0.237  1.00 30.30 ? 69  LYS A C   1 
ATOM   533  O  O   . LYS A 1 69  ? -1.210  10.750  0.153   1.00 25.45 ? 69  LYS A O   1 
ATOM   534  C  CB  . LYS A 1 69  ? -2.986  11.741  -2.141  1.00 29.26 ? 69  LYS A CB  1 
ATOM   535  C  CG  . LYS A 1 69  ? -4.157  12.402  -1.394  1.00 31.21 ? 69  LYS A CG  1 
ATOM   536  C  CD  . LYS A 1 69  ? -5.513  12.019  -2.003  1.00 31.94 ? 69  LYS A CD  1 
ATOM   537  C  CE  . LYS A 1 69  ? -6.688  12.475  -1.082  1.00 43.54 ? 69  LYS A CE  1 
ATOM   538  N  NZ  . LYS A 1 69  ? -8.065  12.354  -1.713  1.00 46.19 ? 69  LYS A NZ  1 
ATOM   539  N  N   . GLN A 1 70  ? -1.252  12.973  0.573   1.00 27.53 ? 70  GLN A N   1 
ATOM   540  C  CA  . GLN A 1 70  ? -1.011  12.800  1.996   1.00 26.94 ? 70  GLN A CA  1 
ATOM   541  C  C   . GLN A 1 70  ? -2.284  12.320  2.684   1.00 28.61 ? 70  GLN A C   1 
ATOM   542  O  O   . GLN A 1 70  ? -3.393  12.734  2.327   1.00 25.97 ? 70  GLN A O   1 
ATOM   543  C  CB  . GLN A 1 70  ? -0.519  14.101  2.630   1.00 27.59 ? 70  GLN A CB  1 
ATOM   544  C  CG  . GLN A 1 70  ? -0.098  13.950  4.092   1.00 29.91 ? 70  GLN A CG  1 
ATOM   545  C  CD  . GLN A 1 70  ? 0.523   15.209  4.687   1.00 33.82 ? 70  GLN A CD  1 
ATOM   546  O  OE1 . GLN A 1 70  ? 0.162   16.338  4.334   1.00 34.18 ? 70  GLN A OE1 1 
ATOM   547  N  NE2 . GLN A 1 70  ? 1.459   15.016  5.605   1.00 31.33 ? 70  GLN A NE2 1 
ATOM   548  N  N   . ILE A 1 71  ? -2.118  11.408  3.648   1.00 28.65 ? 71  ILE A N   1 
ATOM   549  C  CA  . ILE A 1 71  ? -3.260  10.851  4.367   1.00 24.81 ? 71  ILE A CA  1 
ATOM   550  C  C   . ILE A 1 71  ? -3.926  11.945  5.195   1.00 25.01 ? 71  ILE A C   1 
ATOM   551  O  O   . ILE A 1 71  ? -3.256  12.831  5.743   1.00 26.22 ? 71  ILE A O   1 
ATOM   552  C  CB  . ILE A 1 71  ? -2.806  9.659   5.231   1.00 24.30 ? 71  ILE A CB  1 
ATOM   553  C  CG1 . ILE A 1 71  ? -4.022  8.909   5.793   1.00 25.27 ? 71  ILE A CG1 1 
ATOM   554  C  CG2 . ILE A 1 71  ? -1.880  10.116  6.338   1.00 21.22 ? 71  ILE A CG2 1 
ATOM   555  C  CD1 . ILE A 1 71  ? -3.694  7.534   6.356   1.00 24.81 ? 71  ILE A CD1 1 
ATOM   556  N  N   . THR A 1 72  ? -5.256  11.904  5.275   1.00 26.60 ? 72  THR A N   1 
ATOM   557  C  CA  . THR A 1 72  ? -6.034  12.949  5.933   1.00 25.88 ? 72  THR A CA  1 
ATOM   558  C  C   . THR A 1 72  ? -6.833  12.383  7.099   1.00 28.46 ? 72  THR A C   1 
ATOM   559  O  O   . THR A 1 72  ? -7.010  11.172  7.238   1.00 26.18 ? 72  THR A O   1 
ATOM   560  C  CB  . THR A 1 72  ? -6.998  13.638  4.951   1.00 23.46 ? 72  THR A CB  1 
ATOM   561  O  OG1 . THR A 1 72  ? -7.993  12.702  4.515   1.00 25.95 ? 72  THR A OG1 1 
ATOM   562  C  CG2 . THR A 1 72  ? -6.244  14.205  3.732   1.00 28.84 ? 72  THR A CG2 1 
ATOM   563  N  N   . ILE A 1 73  ? -7.353  13.295  7.928   1.00 31.06 ? 73  ILE A N   1 
ATOM   564  C  CA  . ILE A 1 73  ? -8.225  12.884  9.027   1.00 30.45 ? 73  ILE A CA  1 
ATOM   565  C  C   . ILE A 1 73  ? -9.404  12.090  8.490   1.00 30.97 ? 73  ILE A C   1 
ATOM   566  O  O   . ILE A 1 73  ? -9.823  11.089  9.088   1.00 32.92 ? 73  ILE A O   1 
ATOM   567  C  CB  . ILE A 1 73  ? -8.695  14.110  9.836   1.00 37.57 ? 73  ILE A CB  1 
ATOM   568  C  CG1 . ILE A 1 73  ? -7.516  14.754  10.566  1.00 40.80 ? 73  ILE A CG1 1 
ATOM   569  C  CG2 . ILE A 1 73  ? -9.784  13.712  10.838  1.00 34.93 ? 73  ILE A CG2 1 
ATOM   570  C  CD1 . ILE A 1 73  ? -7.912  15.966  11.406  1.00 45.62 ? 73  ILE A CD1 1 
ATOM   571  N  N   . THR A 1 74  ? -9.945  12.506  7.342   1.00 27.73 ? 74  THR A N   1 
ATOM   572  C  CA  . THR A 1 74  ? -11.022 11.736  6.731   1.00 30.14 ? 74  THR A CA  1 
ATOM   573  C  C   . THR A 1 74  ? -10.589 10.300  6.483   1.00 28.04 ? 74  THR A C   1 
ATOM   574  O  O   . THR A 1 74  ? -11.358 9.354   6.714   1.00 28.27 ? 74  THR A O   1 
ATOM   575  C  CB  . THR A 1 74  ? -11.459 12.372  5.411   1.00 32.67 ? 74  THR A CB  1 
ATOM   576  O  OG1 . THR A 1 74  ? -11.388 13.802  5.509   1.00 36.69 ? 74  THR A OG1 1 
ATOM   577  C  CG2 . THR A 1 74  ? -12.877 11.943  5.097   1.00 36.02 ? 74  THR A CG2 1 
ATOM   578  N  N   . ASP A 1 75  ? -9.355  10.125  6.003   1.00 28.20 ? 75  ASP A N   1 
ATOM   579  C  CA  . ASP A 1 75  ? -8.856  8.790   5.680   1.00 28.20 ? 75  ASP A CA  1 
ATOM   580  C  C   . ASP A 1 75  ? -8.769  7.916   6.920   1.00 26.15 ? 75  ASP A C   1 
ATOM   581  O  O   . ASP A 1 75  ? -9.156  6.740   6.890   1.00 30.40 ? 75  ASP A O   1 
ATOM   582  C  CB  . ASP A 1 75  ? -7.487  8.892   5.015   1.00 20.37 ? 75  ASP A CB  1 
ATOM   583  C  CG  . ASP A 1 75  ? -7.528  9.644   3.712   1.00 25.91 ? 75  ASP A CG  1 
ATOM   584  O  OD1 . ASP A 1 75  ? -8.531  9.498   2.981   1.00 27.01 ? 75  ASP A OD1 1 
ATOM   585  O  OD2 . ASP A 1 75  ? -6.541  10.361  3.420   1.00 23.28 ? 75  ASP A OD2 1 
ATOM   586  N  N   . PHE A 1 76  ? -8.219  8.459   8.013   1.00 26.65 ? 76  PHE A N   1 
ATOM   587  C  CA  . PHE A 1 76  ? -8.124  7.671   9.243   1.00 29.56 ? 76  PHE A CA  1 
ATOM   588  C  C   . PHE A 1 76  ? -9.493  7.197   9.715   1.00 29.64 ? 76  PHE A C   1 
ATOM   589  O  O   . PHE A 1 76  ? -9.594  6.134   10.336  1.00 31.80 ? 76  PHE A O   1 
ATOM   590  C  CB  . PHE A 1 76  ? -7.450  8.472   10.357  1.00 30.24 ? 76  PHE A CB  1 
ATOM   591  C  CG  . PHE A 1 76  ? -5.960  8.549   10.246  1.00 30.02 ? 76  PHE A CG  1 
ATOM   592  C  CD1 . PHE A 1 76  ? -5.161  7.486   10.668  1.00 31.75 ? 76  PHE A CD1 1 
ATOM   593  C  CD2 . PHE A 1 76  ? -5.348  9.694   9.763   1.00 27.52 ? 76  PHE A CD2 1 
ATOM   594  C  CE1 . PHE A 1 76  ? -3.774  7.569   10.589  1.00 29.07 ? 76  PHE A CE1 1 
ATOM   595  C  CE2 . PHE A 1 76  ? -3.965  9.782   9.678   1.00 32.60 ? 76  PHE A CE2 1 
ATOM   596  C  CZ  . PHE A 1 76  ? -3.174  8.714   10.093  1.00 31.41 ? 76  PHE A CZ  1 
ATOM   597  N  N   . ASN A 1 77  ? -10.555 7.969   9.430   1.00 30.09 ? 77  ASN A N   1 
ATOM   598  C  CA  . ASN A 1 77  ? -11.907 7.572   9.818   1.00 31.34 ? 77  ASN A CA  1 
ATOM   599  C  C   . ASN A 1 77  ? -12.508 6.568   8.846   1.00 31.99 ? 77  ASN A C   1 
ATOM   600  O  O   . ASN A 1 77  ? -13.244 5.662   9.261   1.00 36.96 ? 77  ASN A O   1 
ATOM   601  C  CB  . ASN A 1 77  ? -12.819 8.799   9.903   1.00 33.79 ? 77  ASN A CB  1 
ATOM   602  C  CG  . ASN A 1 77  ? -12.695 9.523   11.225  1.00 37.52 ? 77  ASN A CG  1 
ATOM   603  O  OD1 . ASN A 1 77  ? -13.389 9.192   12.186  1.00 41.78 ? 77  ASN A OD1 1 
ATOM   604  N  ND2 . ASN A 1 77  ? -11.803 10.511  11.285  1.00 35.43 ? 77  ASN A ND2 1 
ATOM   605  N  N   . THR A 1 78  ? -12.210 6.722   7.556   1.00 27.64 ? 78  THR A N   1 
ATOM   606  C  CA  . THR A 1 78  ? -12.862 5.930   6.519   1.00 28.09 ? 78  THR A CA  1 
ATOM   607  C  C   . THR A 1 78  ? -12.222 4.555   6.336   1.00 28.14 ? 78  THR A C   1 
ATOM   608  O  O   . THR A 1 78  ? -12.933 3.560   6.157   1.00 27.22 ? 78  THR A O   1 
ATOM   609  C  CB  . THR A 1 78  ? -12.831 6.695   5.197   1.00 36.50 ? 78  THR A CB  1 
ATOM   610  O  OG1 . THR A 1 78  ? -13.269 8.040   5.423   1.00 35.96 ? 78  THR A OG1 1 
ATOM   611  C  CG2 . THR A 1 78  ? -13.741 6.021   4.170   1.00 33.83 ? 78  THR A CG2 1 
ATOM   612  N  N   . PHE A 1 79  ? -10.895 4.466   6.329   1.00 25.45 ? 79  PHE A N   1 
ATOM   613  C  CA  . PHE A 1 79  ? -10.261 3.192   5.999   1.00 25.60 ? 79  PHE A CA  1 
ATOM   614  C  C   . PHE A 1 79  ? -10.355 2.217   7.166   1.00 27.77 ? 79  PHE A C   1 
ATOM   615  O  O   . PHE A 1 79  ? -10.299 2.606   8.333   1.00 29.20 ? 79  PHE A O   1 
ATOM   616  C  CB  . PHE A 1 79  ? -8.802  3.406   5.581   1.00 24.63 ? 79  PHE A CB  1 
ATOM   617  C  CG  . PHE A 1 79  ? -8.659  3.988   4.199   1.00 24.28 ? 79  PHE A CG  1 
ATOM   618  C  CD1 . PHE A 1 79  ? -8.849  3.195   3.072   1.00 28.41 ? 79  PHE A CD1 1 
ATOM   619  C  CD2 . PHE A 1 79  ? -8.360  5.325   4.028   1.00 21.92 ? 79  PHE A CD2 1 
ATOM   620  C  CE1 . PHE A 1 79  ? -8.731  3.737   1.790   1.00 25.78 ? 79  PHE A CE1 1 
ATOM   621  C  CE2 . PHE A 1 79  ? -8.259  5.879   2.749   1.00 24.72 ? 79  PHE A CE2 1 
ATOM   622  C  CZ  . PHE A 1 79  ? -8.440  5.075   1.635   1.00 26.03 ? 79  PHE A CZ  1 
ATOM   623  N  N   . ASP A 1 80  ? -10.542 0.941   6.836   1.00 28.31 ? 80  ASP A N   1 
ATOM   624  C  CA  . ASP A 1 80  ? -10.545 -0.109  7.842   1.00 26.31 ? 80  ASP A CA  1 
ATOM   625  C  C   . ASP A 1 80  ? -9.137  -0.554  8.209   1.00 27.20 ? 80  ASP A C   1 
ATOM   626  O  O   . ASP A 1 80  ? -8.879  -0.902  9.363   1.00 23.16 ? 80  ASP A O   1 
ATOM   627  C  CB  . ASP A 1 80  ? -11.347 -1.304  7.331   1.00 28.99 ? 80  ASP A CB  1 
ATOM   628  C  CG  . ASP A 1 80  ? -12.782 -0.942  7.016   1.00 32.77 ? 80  ASP A CG  1 
ATOM   629  O  OD1 . ASP A 1 80  ? -13.391 -0.204  7.826   1.00 31.29 ? 80  ASP A OD1 1 
ATOM   630  O  OD2 . ASP A 1 80  ? -13.291 -1.389  5.965   1.00 30.46 ? 80  ASP A OD2 1 
ATOM   631  N  N   . TYR A 1 81  ? -8.221  -0.555  7.245   1.00 25.34 ? 81  TYR A N   1 
ATOM   632  C  CA  . TYR A 1 81  ? -6.867  -1.020  7.466   1.00 23.02 ? 81  TYR A CA  1 
ATOM   633  C  C   . TYR A 1 81  ? -5.920  -0.032  6.811   1.00 25.31 ? 81  TYR A C   1 
ATOM   634  O  O   . TYR A 1 81  ? -6.038  0.246   5.618   1.00 25.06 ? 81  TYR A O   1 
ATOM   635  C  CB  . TYR A 1 81  ? -6.660  -2.424  6.886   1.00 24.71 ? 81  TYR A CB  1 
ATOM   636  C  CG  . TYR A 1 81  ? -7.704  -3.427  7.329   1.00 29.93 ? 81  TYR A CG  1 
ATOM   637  C  CD1 . TYR A 1 81  ? -8.904  -3.562  6.634   1.00 28.46 ? 81  TYR A CD1 1 
ATOM   638  C  CD2 . TYR A 1 81  ? -7.491  -4.238  8.436   1.00 26.36 ? 81  TYR A CD2 1 
ATOM   639  C  CE1 . TYR A 1 81  ? -9.866  -4.477  7.035   1.00 29.58 ? 81  TYR A CE1 1 
ATOM   640  C  CE2 . TYR A 1 81  ? -8.449  -5.156  8.849   1.00 28.68 ? 81  TYR A CE2 1 
ATOM   641  C  CZ  . TYR A 1 81  ? -9.632  -5.272  8.141   1.00 31.83 ? 81  TYR A CZ  1 
ATOM   642  O  OH  . TYR A 1 81  ? -10.591 -6.182  8.533   1.00 33.41 ? 81  TYR A OH  1 
ATOM   643  N  N   . ILE A 1 82  ? -4.997  0.498   7.594   1.00 24.17 ? 82  ILE A N   1 
ATOM   644  C  CA  . ILE A 1 82  ? -4.014  1.457   7.125   1.00 22.71 ? 82  ILE A CA  1 
ATOM   645  C  C   . ILE A 1 82  ? -2.671  0.789   7.342   1.00 25.00 ? 82  ILE A C   1 
ATOM   646  O  O   . ILE A 1 82  ? -2.263  0.564   8.488   1.00 24.01 ? 82  ILE A O   1 
ATOM   647  C  CB  . ILE A 1 82  ? -4.123  2.787   7.874   1.00 22.81 ? 82  ILE A CB  1 
ATOM   648  C  CG1 . ILE A 1 82  ? -5.566  3.287   7.762   1.00 23.35 ? 82  ILE A CG1 1 
ATOM   649  C  CG2 . ILE A 1 82  ? -3.148  3.782   7.307   1.00 21.68 ? 82  ILE A CG2 1 
ATOM   650  C  CD1 . ILE A 1 82  ? -5.935  4.393   8.725   1.00 28.95 ? 82  ILE A CD1 1 
ATOM   651  N  N   . ILE A 1 83  ? -2.003  0.437   6.247   1.00 19.29 ? 83  ILE A N   1 
ATOM   652  C  CA  . ILE A 1 83  ? -0.896  -0.507  6.274   1.00 18.64 ? 83  ILE A CA  1 
ATOM   653  C  C   . ILE A 1 83  ? 0.360   0.252   5.855   1.00 20.11 ? 83  ILE A C   1 
ATOM   654  O  O   . ILE A 1 83  ? 0.481   0.670   4.703   1.00 20.07 ? 83  ILE A O   1 
ATOM   655  C  CB  . ILE A 1 83  ? -1.168  -1.715  5.362   1.00 22.29 ? 83  ILE A CB  1 
ATOM   656  C  CG1 . ILE A 1 83  ? -2.475  -2.409  5.772   1.00 21.63 ? 83  ILE A CG1 1 
ATOM   657  C  CG2 . ILE A 1 83  ? -0.005  -2.694  5.378   1.00 17.85 ? 83  ILE A CG2 1 
ATOM   658  C  CD1 . ILE A 1 83  ? -2.897  -3.546  4.869   1.00 19.88 ? 83  ILE A CD1 1 
ATOM   659  N  N   . GLY A 1 84  ? 1.276   0.454   6.799   1.00 19.37 ? 84  GLY A N   1 
ATOM   660  C  CA  . GLY A 1 84  ? 2.501   1.174   6.511   1.00 18.89 ? 84  GLY A CA  1 
ATOM   661  C  C   . GLY A 1 84  ? 3.564   0.231   5.967   1.00 19.21 ? 84  GLY A C   1 
ATOM   662  O  O   . GLY A 1 84  ? 3.654   -0.929  6.362   1.00 17.96 ? 84  GLY A O   1 
ATOM   663  N  N   . MET A 1 85  ? 4.368   0.742   5.024   1.00 18.66 ? 85  MET A N   1 
ATOM   664  C  CA  . MET A 1 85  ? 5.296   -0.130  4.317   1.00 19.39 ? 85  MET A CA  1 
ATOM   665  C  C   . MET A 1 85  ? 6.539   -0.467  5.135   1.00 20.36 ? 85  MET A C   1 
ATOM   666  O  O   . MET A 1 85  ? 7.164   -1.505  4.878   1.00 22.40 ? 85  MET A O   1 
ATOM   667  C  CB  . MET A 1 85  ? 5.668   0.495   2.958   1.00 19.04 ? 85  MET A CB  1 
ATOM   668  C  CG  . MET A 1 85  ? 4.453   0.709   2.039   1.00 17.64 ? 85  MET A CG  1 
ATOM   669  S  SD  . MET A 1 85  ? 3.374   -0.758  1.820   1.00 21.60 ? 85  MET A SD  1 
ATOM   670  C  CE  . MET A 1 85  ? 4.490   -1.849  0.910   1.00 20.85 ? 85  MET A CE  1 
ATOM   671  N  N   . ASP A 1 86  ? 6.915   0.366   6.109   1.00 20.77 ? 86  ASP A N   1 
ATOM   672  C  CA  . ASP A 1 86  ? 7.970   0.014   7.055   1.00 23.76 ? 86  ASP A CA  1 
ATOM   673  C  C   . ASP A 1 86  ? 7.632   0.637   8.405   1.00 24.75 ? 86  ASP A C   1 
ATOM   674  O  O   . ASP A 1 86  ? 6.661   1.383   8.542   1.00 20.88 ? 86  ASP A O   1 
ATOM   675  C  CB  . ASP A 1 86  ? 9.378   0.428   6.555   1.00 29.86 ? 86  ASP A CB  1 
ATOM   676  C  CG  . ASP A 1 86  ? 9.599   1.960   6.494   1.00 28.76 ? 86  ASP A CG  1 
ATOM   677  O  OD1 . ASP A 1 86  ? 8.970   2.731   7.247   1.00 27.14 ? 86  ASP A OD1 1 
ATOM   678  O  OD2 . ASP A 1 86  ? 10.460  2.396   5.690   1.00 30.80 ? 86  ASP A OD2 1 
ATOM   679  N  N   . SER A 1 87  ? 8.459   0.326   9.411   1.00 25.07 ? 87  SER A N   1 
ATOM   680  C  CA  . SER A 1 87  ? 8.139   0.722   10.779  1.00 28.66 ? 87  SER A CA  1 
ATOM   681  C  C   . SER A 1 87  ? 8.135   2.235   10.947  1.00 31.88 ? 87  SER A C   1 
ATOM   682  O  O   . SER A 1 87  ? 7.411   2.756   11.803  1.00 31.36 ? 87  SER A O   1 
ATOM   683  C  CB  . SER A 1 87  ? 9.124   0.087   11.759  1.00 30.84 ? 87  SER A CB  1 
ATOM   684  O  OG  . SER A 1 87  ? 10.424  0.601   11.555  1.00 37.36 ? 87  SER A OG  1 
ATOM   685  N  N   . ASP A 1 88  ? 8.945   2.955   10.167  1.00 32.07 ? 88  ASP A N   1 
ATOM   686  C  CA  . ASP A 1 88  ? 8.887   4.417   10.211  1.00 32.24 ? 88  ASP A CA  1 
ATOM   687  C  C   . ASP A 1 88  ? 7.516   4.923   9.791   1.00 26.44 ? 88  ASP A C   1 
ATOM   688  O  O   . ASP A 1 88  ? 6.971   5.847   10.409  1.00 26.77 ? 88  ASP A O   1 
ATOM   689  C  CB  . ASP A 1 88  ? 9.962   5.037   9.314   1.00 31.09 ? 88  ASP A CB  1 
ATOM   690  C  CG  . ASP A 1 88  ? 11.374  4.775   9.811   1.00 39.69 ? 88  ASP A CG  1 
ATOM   691  O  OD1 . ASP A 1 88  ? 11.573  4.723   11.044  1.00 42.15 ? 88  ASP A OD1 1 
ATOM   692  O  OD2 . ASP A 1 88  ? 12.285  4.636   8.959   1.00 39.62 ? 88  ASP A OD2 1 
ATOM   693  N  N   . ASN A 1 89  ? 6.952   4.356   8.716   1.00 24.78 ? 89  ASN A N   1 
ATOM   694  C  CA  . ASN A 1 89  ? 5.615   4.778   8.306   1.00 25.75 ? 89  ASN A CA  1 
ATOM   695  C  C   . ASN A 1 89  ? 4.607   4.497   9.403   1.00 26.80 ? 89  ASN A C   1 
ATOM   696  O  O   . ASN A 1 89  ? 3.701   5.299   9.656   1.00 25.64 ? 89  ASN A O   1 
ATOM   697  C  CB  . ASN A 1 89  ? 5.184   4.067   7.022   1.00 22.46 ? 89  ASN A CB  1 
ATOM   698  C  CG  . ASN A 1 89  ? 6.211   4.152   5.929   1.00 25.50 ? 89  ASN A CG  1 
ATOM   699  O  OD1 . ASN A 1 89  ? 6.465   3.165   5.228   1.00 23.62 ? 89  ASN A OD1 1 
ATOM   700  N  ND2 . ASN A 1 89  ? 6.802   5.336   5.756   1.00 24.98 ? 89  ASN A ND2 1 
ATOM   701  N  N   . VAL A 1 90  ? 4.752   3.349   10.066  1.00 24.58 ? 90  VAL A N   1 
ATOM   702  C  CA  . VAL A 1 90  ? 3.813   2.972   11.115  1.00 22.01 ? 90  VAL A CA  1 
ATOM   703  C  C   . VAL A 1 90  ? 3.875   3.964   12.269  1.00 25.93 ? 90  VAL A C   1 
ATOM   704  O  O   . VAL A 1 90  ? 2.839   4.447   12.749  1.00 30.16 ? 90  VAL A O   1 
ATOM   705  C  CB  . VAL A 1 90  ? 4.088   1.527   11.581  1.00 23.86 ? 90  VAL A CB  1 
ATOM   706  C  CG1 . VAL A 1 90  ? 3.380   1.257   12.905  1.00 26.16 ? 90  VAL A CG1 1 
ATOM   707  C  CG2 . VAL A 1 90  ? 3.603   0.544   10.525  1.00 19.70 ? 90  VAL A CG2 1 
ATOM   708  N  N   . LYS A 1 91  ? 5.088   4.291   12.728  1.00 29.37 ? 91  LYS A N   1 
ATOM   709  C  CA  . LYS A 1 91  ? 5.241   5.229   13.840  1.00 33.50 ? 91  LYS A CA  1 
ATOM   710  C  C   . LYS A 1 91  ? 4.670   6.592   13.486  1.00 33.66 ? 91  LYS A C   1 
ATOM   711  O  O   . LYS A 1 91  ? 3.929   7.195   14.270  1.00 36.36 ? 91  LYS A O   1 
ATOM   712  C  CB  . LYS A 1 91  ? 6.715   5.377   14.228  1.00 38.57 ? 91  LYS A CB  1 
ATOM   713  C  CG  . LYS A 1 91  ? 7.409   4.110   14.670  1.00 41.21 ? 91  LYS A CG  1 
ATOM   714  C  CD  . LYS A 1 91  ? 8.910   4.353   14.844  1.00 44.31 ? 91  LYS A CD  1 
ATOM   715  C  CE  . LYS A 1 91  ? 9.723   3.062   14.673  1.00 44.81 ? 91  LYS A CE  1 
ATOM   716  N  NZ  . LYS A 1 91  ? 9.291   2.006   15.633  1.00 47.07 ? 91  LYS A NZ  1 
ATOM   717  N  N   . ASN A 1 92  ? 5.007   7.092   12.296  1.00 32.40 ? 92  ASN A N   1 
ATOM   718  C  CA  . ASN A 1 92  ? 4.525   8.407   11.898  1.00 32.08 ? 92  ASN A CA  1 
ATOM   719  C  C   . ASN A 1 92  ? 3.015   8.418   11.739  1.00 33.88 ? 92  ASN A C   1 
ATOM   720  O  O   . ASN A 1 92  ? 2.361   9.404   12.099  1.00 30.78 ? 92  ASN A O   1 
ATOM   721  C  CB  . ASN A 1 92  ? 5.215   8.850   10.611  1.00 31.69 ? 92  ASN A CB  1 
ATOM   722  C  CG  . ASN A 1 92  ? 6.650   9.245   10.842  1.00 35.56 ? 92  ASN A CG  1 
ATOM   723  O  OD1 . ASN A 1 92  ? 6.968   9.870   11.850  1.00 40.53 ? 92  ASN A OD1 1 
ATOM   724  N  ND2 . ASN A 1 92  ? 7.531   8.872   9.919   1.00 33.30 ? 92  ASN A ND2 1 
ATOM   725  N  N   . LEU A 1 93  ? 2.438   7.324   11.228  1.00 32.42 ? 93  LEU A N   1 
ATOM   726  C  CA  . LEU A 1 93  ? 0.983   7.243   11.122  1.00 28.15 ? 93  LEU A CA  1 
ATOM   727  C  C   . LEU A 1 93  ? 0.320   7.376   12.483  1.00 31.99 ? 93  LEU A C   1 
ATOM   728  O  O   . LEU A 1 93  ? -0.751  7.986   12.600  1.00 31.34 ? 93  LEU A O   1 
ATOM   729  C  CB  . LEU A 1 93  ? 0.566   5.931   10.466  1.00 27.96 ? 93  LEU A CB  1 
ATOM   730  C  CG  . LEU A 1 93  ? 0.604   5.910   8.932   1.00 23.64 ? 93  LEU A CG  1 
ATOM   731  C  CD1 . LEU A 1 93  ? 0.564   4.463   8.436   1.00 23.41 ? 93  LEU A CD1 1 
ATOM   732  C  CD2 . LEU A 1 93  ? -0.556  6.700   8.375   1.00 22.31 ? 93  LEU A CD2 1 
ATOM   733  N  N   . LYS A 1 94  ? 0.937   6.806   13.522  1.00 32.26 ? 94  LYS A N   1 
ATOM   734  C  CA  . LYS A 1 94  ? 0.324   6.849   14.845  1.00 33.99 ? 94  LYS A CA  1 
ATOM   735  C  C   . LYS A 1 94  ? 0.448   8.236   15.474  1.00 33.34 ? 94  LYS A C   1 
ATOM   736  O  O   . LYS A 1 94  ? -0.513  8.729   16.077  1.00 36.99 ? 94  LYS A O   1 
ATOM   737  C  CB  . LYS A 1 94  ? 0.937   5.773   15.743  1.00 29.20 ? 94  LYS A CB  1 
ATOM   738  C  CG  . LYS A 1 94  ? 0.476   4.351   15.404  1.00 26.81 ? 94  LYS A CG  1 
ATOM   739  C  CD  . LYS A 1 94  ? 1.193   3.334   16.268  1.00 29.12 ? 94  LYS A CD  1 
ATOM   740  C  CE  . LYS A 1 94  ? 0.798   1.910   15.918  1.00 26.87 ? 94  LYS A CE  1 
ATOM   741  N  NZ  . LYS A 1 94  ? 1.630   0.934   16.653  1.00 26.87 ? 94  LYS A NZ  1 
ATOM   742  N  N   . GLU A 1 95  ? 1.603   8.895   15.324  1.00 34.48 ? 95  GLU A N   1 
ATOM   743  C  CA  . GLU A 1 95  ? 1.767   10.213  15.941  1.00 39.95 ? 95  GLU A CA  1 
ATOM   744  C  C   . GLU A 1 95  ? 0.897   11.255  15.252  1.00 40.50 ? 95  GLU A C   1 
ATOM   745  O  O   . GLU A 1 95  ? 0.211   12.041  15.918  1.00 43.17 ? 95  GLU A O   1 
ATOM   746  C  CB  . GLU A 1 95  ? 3.233   10.666  15.923  1.00 39.27 ? 95  GLU A CB  1 
ATOM   747  C  CG  . GLU A 1 95  ? 4.292   9.595   16.159  1.00 43.13 ? 95  GLU A CG  1 
ATOM   748  C  CD  . GLU A 1 95  ? 4.219   8.916   17.528  1.00 53.27 ? 95  GLU A CD  1 
ATOM   749  O  OE1 . GLU A 1 95  ? 3.338   9.247   18.376  1.00 54.76 ? 95  GLU A OE1 1 
ATOM   750  O  OE2 . GLU A 1 95  ? 5.075   8.025   17.794  1.00 51.32 ? 95  GLU A OE2 1 
ATOM   751  N  N   . MET A 1 96  ? 0.899   11.273  13.916  1.00 37.71 ? 96  MET A N   1 
ATOM   752  C  CA  . MET A 1 96  ? 0.121   12.287  13.212  1.00 35.08 ? 96  MET A CA  1 
ATOM   753  C  C   . MET A 1 96  ? -1.371  12.151  13.475  1.00 35.36 ? 96  MET A C   1 
ATOM   754  O  O   . MET A 1 96  ? -2.105  13.139  13.341  1.00 38.21 ? 96  MET A O   1 
ATOM   755  C  CB  . MET A 1 96  ? 0.418   12.245  11.706  1.00 37.07 ? 96  MET A CB  1 
ATOM   756  C  CG  . MET A 1 96  ? -0.094  11.029  10.955  1.00 33.56 ? 96  MET A CG  1 
ATOM   757  S  SD  . MET A 1 96  ? 0.535   11.005  9.256   1.00 32.13 ? 96  MET A SD  1 
ATOM   758  C  CE  . MET A 1 96  ? -0.192  12.523  8.591   1.00 28.34 ? 96  MET A CE  1 
ATOM   759  N  N   . SER A 1 97  ? -1.840  10.970  13.887  1.00 33.41 ? 97  SER A N   1 
ATOM   760  C  CA  . SER A 1 97  ? -3.233  10.790  14.279  1.00 36.54 ? 97  SER A CA  1 
ATOM   761  C  C   . SER A 1 97  ? -3.426  10.747  15.796  1.00 33.45 ? 97  SER A C   1 
ATOM   762  O  O   . SER A 1 97  ? -4.516  10.388  16.254  1.00 33.91 ? 97  SER A O   1 
ATOM   763  C  CB  . SER A 1 97  ? -3.805  9.516   13.647  1.00 32.39 ? 97  SER A CB  1 
ATOM   764  O  OG  . SER A 1 97  ? -3.123  8.367   14.122  1.00 32.87 ? 97  SER A OG  1 
ATOM   765  N  N   . GLN A 1 98  ? -2.393  11.086  16.579  1.00 34.34 ? 98  GLN A N   1 
ATOM   766  C  CA  . GLN A 1 98  ? -2.454  11.105  18.053  1.00 39.01 ? 98  GLN A CA  1 
ATOM   767  C  C   . GLN A 1 98  ? -3.016  9.808   18.621  1.00 36.09 ? 98  GLN A C   1 
ATOM   768  O  O   . GLN A 1 98  ? -3.792  9.806   19.582  1.00 38.42 ? 98  GLN A O   1 
ATOM   769  C  CB  . GLN A 1 98  ? -3.263  12.293  18.574  1.00 41.72 ? 98  GLN A CB  1 
ATOM   770  C  CG  . GLN A 1 98  ? -2.849  13.630  18.015  1.00 40.31 ? 98  GLN A CG  1 
ATOM   771  C  CD  . GLN A 1 98  ? -3.852  14.121  17.006  1.00 46.68 ? 98  GLN A CD  1 
ATOM   772  O  OE1 . GLN A 1 98  ? -5.029  14.287  17.331  1.00 54.88 ? 98  GLN A OE1 1 
ATOM   773  N  NE2 . GLN A 1 98  ? -3.408  14.335  15.771  1.00 42.58 ? 98  GLN A NE2 1 
ATOM   774  N  N   . HIS A 1 99  ? -2.642  8.696   18.006  1.00 34.96 ? 99  HIS A N   1 
ATOM   775  C  CA  . HIS A 1 99  ? -2.913  7.368   18.544  1.00 30.20 ? 99  HIS A CA  1 
ATOM   776  C  C   . HIS A 1 99  ? -4.402  7.102   18.724  1.00 31.88 ? 99  HIS A C   1 
ATOM   777  O  O   . HIS A 1 99  ? -4.785  6.243   19.523  1.00 36.50 ? 99  HIS A O   1 
ATOM   778  C  CB  . HIS A 1 99  ? -2.165  7.167   19.862  1.00 32.93 ? 99  HIS A CB  1 
ATOM   779  C  CG  . HIS A 1 99  ? -0.676  7.129   19.710  1.00 30.88 ? 99  HIS A CG  1 
ATOM   780  N  ND1 . HIS A 1 99  ? 0.020   5.960   19.488  1.00 26.85 ? 99  HIS A ND1 1 
ATOM   781  C  CD2 . HIS A 1 99  ? 0.252   8.113   19.762  1.00 35.33 ? 99  HIS A CD2 1 
ATOM   782  C  CE1 . HIS A 1 99  ? 1.311   6.223   19.411  1.00 32.07 ? 99  HIS A CE1 1 
ATOM   783  N  NE2 . HIS A 1 99  ? 1.479   7.523   19.569  1.00 39.15 ? 99  HIS A NE2 1 
ATOM   784  N  N   . GLN A 1 100 ? -5.256  7.814   17.982  1.00 30.56 ? 100 GLN A N   1 
ATOM   785  C  CA  . GLN A 1 100 ? -6.700  7.641   18.065  1.00 31.32 ? 100 GLN A CA  1 
ATOM   786  C  C   . GLN A 1 100 ? -7.201  6.410   17.320  1.00 33.01 ? 100 GLN A C   1 
ATOM   787  O  O   . GLN A 1 100 ? -8.352  5.996   17.536  1.00 30.87 ? 100 GLN A O   1 
ATOM   788  C  CB  . GLN A 1 100 ? -7.407  8.874   17.509  1.00 33.71 ? 100 GLN A CB  1 
ATOM   789  C  CG  . GLN A 1 100 ? -7.034  10.175  18.186  1.00 37.72 ? 100 GLN A CG  1 
ATOM   790  C  CD  . GLN A 1 100 ? -7.705  11.379  17.524  1.00 45.81 ? 100 GLN A CD  1 
ATOM   791  O  OE1 . GLN A 1 100 ? -7.030  12.253  16.967  1.00 44.46 ? 100 GLN A OE1 1 
ATOM   792  N  NE2 . GLN A 1 100 ? -9.037  11.428  17.582  1.00 42.24 ? 100 GLN A NE2 1 
ATOM   793  N  N   . TRP A 1 101 ? -6.363  5.816   16.468  1.00 26.18 ? 101 TRP A N   1 
ATOM   794  C  CA  . TRP A 1 101 ? -6.764  4.758   15.553  1.00 29.89 ? 101 TRP A CA  1 
ATOM   795  C  C   . TRP A 1 101 ? -5.730  3.636   15.486  1.00 29.03 ? 101 TRP A C   1 
ATOM   796  O  O   . TRP A 1 101 ? -5.586  2.993   14.440  1.00 25.25 ? 101 TRP A O   1 
ATOM   797  C  CB  . TRP A 1 101 ? -6.961  5.312   14.143  1.00 30.76 ? 101 TRP A CB  1 
ATOM   798  C  CG  . TRP A 1 101 ? -7.838  6.510   14.087  1.00 33.46 ? 101 TRP A CG  1 
ATOM   799  C  CD1 . TRP A 1 101 ? -7.451  7.830   14.019  1.00 32.11 ? 101 TRP A CD1 1 
ATOM   800  C  CD2 . TRP A 1 101 ? -9.261  6.504   14.097  1.00 33.90 ? 101 TRP A CD2 1 
ATOM   801  N  NE1 . TRP A 1 101 ? -8.569  8.643   13.982  1.00 38.67 ? 101 TRP A NE1 1 
ATOM   802  C  CE2 . TRP A 1 101 ? -9.689  7.852   14.029  1.00 37.78 ? 101 TRP A CE2 1 
ATOM   803  C  CE3 . TRP A 1 101 ? -10.222 5.490   14.156  1.00 33.14 ? 101 TRP A CE3 1 
ATOM   804  C  CZ2 . TRP A 1 101 ? -11.033 8.202   14.018  1.00 39.49 ? 101 TRP A CZ2 1 
ATOM   805  C  CZ3 . TRP A 1 101 ? -11.563 5.843   14.133  1.00 35.33 ? 101 TRP A CZ3 1 
ATOM   806  C  CH2 . TRP A 1 101 ? -11.953 7.183   14.069  1.00 38.70 ? 101 TRP A CH2 1 
ATOM   807  N  N   . ASP A 1 102 ? -4.989  3.392   16.570  1.00 25.50 ? 102 ASP A N   1 
ATOM   808  C  CA  . ASP A 1 102 ? -3.831  2.506   16.451  1.00 25.62 ? 102 ASP A CA  1 
ATOM   809  C  C   . ASP A 1 102 ? -4.233  1.106   16.016  1.00 24.06 ? 102 ASP A C   1 
ATOM   810  O  O   . ASP A 1 102 ? -3.443  0.413   15.368  1.00 25.32 ? 102 ASP A O   1 
ATOM   811  C  CB  . ASP A 1 102 ? -3.060  2.453   17.764  1.00 26.89 ? 102 ASP A CB  1 
ATOM   812  C  CG  . ASP A 1 102 ? -2.225  3.677   17.980  1.00 27.54 ? 102 ASP A CG  1 
ATOM   813  O  OD1 . ASP A 1 102 ? -2.203  4.541   17.083  1.00 27.09 ? 102 ASP A OD1 1 
ATOM   814  O  OD2 . ASP A 1 102 ? -1.576  3.771   19.036  1.00 29.17 ? 102 ASP A OD2 1 
ATOM   815  N  N   . SER A 1 103 ? -5.458  0.678   16.334  1.00 23.86 ? 103 SER A N   1 
ATOM   816  C  CA  . SER A 1 103 ? -5.875  -0.668  15.973  1.00 25.26 ? 103 SER A CA  1 
ATOM   817  C  C   . SER A 1 103 ? -6.205  -0.824  14.492  1.00 23.28 ? 103 SER A C   1 
ATOM   818  O  O   . SER A 1 103 ? -6.390  -1.961  14.038  1.00 24.32 ? 103 SER A O   1 
ATOM   819  C  CB  . SER A 1 103 ? -7.078  -1.116  16.815  1.00 22.54 ? 103 SER A CB  1 
ATOM   820  O  OG  . SER A 1 103 ? -8.269  -0.535  16.336  1.00 28.39 ? 103 SER A OG  1 
ATOM   821  N  N   . LYS A 1 104 ? -6.276  0.251   13.711  1.00 25.83 ? 104 LYS A N   1 
ATOM   822  C  CA  . LYS A 1 104 ? -6.348  0.057   12.264  1.00 22.95 ? 104 LYS A CA  1 
ATOM   823  C  C   . LYS A 1 104 ? -4.993  0.175   11.566  1.00 24.10 ? 104 LYS A C   1 
ATOM   824  O  O   . LYS A 1 104 ? -4.937  0.051   10.339  1.00 22.20 ? 104 LYS A O   1 
ATOM   825  C  CB  . LYS A 1 104 ? -7.360  1.018   11.620  1.00 27.92 ? 104 LYS A CB  1 
ATOM   826  C  CG  . LYS A 1 104 ? -7.724  2.234   12.417  1.00 33.41 ? 104 LYS A CG  1 
ATOM   827  C  CD  . LYS A 1 104 ? -8.614  3.198   11.616  1.00 33.46 ? 104 LYS A CD  1 
ATOM   828  C  CE  . LYS A 1 104 ? -10.077 2.755   11.550  1.00 31.45 ? 104 LYS A CE  1 
ATOM   829  N  NZ  . LYS A 1 104 ? -10.921 3.815   10.891  1.00 28.14 ? 104 LYS A NZ  1 
ATOM   830  N  N   . ILE A 1 105 ? -3.901  0.370   12.300  1.00 21.74 ? 105 ILE A N   1 
ATOM   831  C  CA  . ILE A 1 105 ? -2.593  0.609   11.687  1.00 21.51 ? 105 ILE A CA  1 
ATOM   832  C  C   . ILE A 1 105 ? -1.732  -0.645  11.800  1.00 24.56 ? 105 ILE A C   1 
ATOM   833  O  O   . ILE A 1 105 ? -1.536  -1.187  12.898  1.00 20.11 ? 105 ILE A O   1 
ATOM   834  C  CB  . ILE A 1 105 ? -1.917  1.834   12.319  1.00 20.81 ? 105 ILE A CB  1 
ATOM   835  C  CG1 . ILE A 1 105 ? -2.803  3.076   12.065  1.00 22.98 ? 105 ILE A CG1 1 
ATOM   836  C  CG2 . ILE A 1 105 ? -0.526  2.047   11.749  1.00 22.23 ? 105 ILE A CG2 1 
ATOM   837  C  CD1 . ILE A 1 105 ? -2.310  4.361   12.720  1.00 26.38 ? 105 ILE A CD1 1 
ATOM   838  N  N   . TYR A 1 106 ? -1.212  -1.101  10.652  1.00 23.92 ? 106 TYR A N   1 
ATOM   839  C  CA  . TYR A 1 106 ? -0.490  -2.358  10.513  1.00 19.42 ? 106 TYR A CA  1 
ATOM   840  C  C   . TYR A 1 106 ? 0.827   -2.140  9.779   1.00 21.21 ? 106 TYR A C   1 
ATOM   841  O  O   . TYR A 1 106 ? 0.964   -1.225  8.965   1.00 21.98 ? 106 TYR A O   1 
ATOM   842  C  CB  . TYR A 1 106 ? -1.283  -3.404  9.705   1.00 19.91 ? 106 TYR A CB  1 
ATOM   843  C  CG  . TYR A 1 106 ? -2.635  -3.825  10.271  1.00 23.42 ? 106 TYR A CG  1 
ATOM   844  C  CD1 . TYR A 1 106 ? -3.751  -3.006  10.133  1.00 22.91 ? 106 TYR A CD1 1 
ATOM   845  C  CD2 . TYR A 1 106 ? -2.801  -5.065  10.889  1.00 24.54 ? 106 TYR A CD2 1 
ATOM   846  C  CE1 . TYR A 1 106 ? -4.991  -3.388  10.624  1.00 22.31 ? 106 TYR A CE1 1 
ATOM   847  C  CE2 . TYR A 1 106 ? -4.052  -5.461  11.387  1.00 23.43 ? 106 TYR A CE2 1 
ATOM   848  C  CZ  . TYR A 1 106 ? -5.137  -4.615  11.238  1.00 24.01 ? 106 TYR A CZ  1 
ATOM   849  O  OH  . TYR A 1 106 ? -6.389  -4.965  11.708  1.00 27.51 ? 106 TYR A OH  1 
ATOM   850  N  N   . LEU A 1 107 ? 1.783   -3.019  10.046  1.00 19.04 ? 107 LEU A N   1 
ATOM   851  C  CA  . LEU A 1 107 ? 3.007   -3.096  9.261   1.00 20.68 ? 107 LEU A CA  1 
ATOM   852  C  C   . LEU A 1 107 ? 2.792   -4.042  8.083   1.00 21.73 ? 107 LEU A C   1 
ATOM   853  O  O   . LEU A 1 107 ? 2.308   -5.163  8.263   1.00 21.43 ? 107 LEU A O   1 
ATOM   854  C  CB  . LEU A 1 107 ? 4.168   -3.580  10.130  1.00 20.74 ? 107 LEU A CB  1 
ATOM   855  C  CG  . LEU A 1 107 ? 5.525   -3.674  9.425   1.00 21.57 ? 107 LEU A CG  1 
ATOM   856  C  CD1 . LEU A 1 107 ? 5.984   -2.299  8.978   1.00 19.38 ? 107 LEU A CD1 1 
ATOM   857  C  CD2 . LEU A 1 107 ? 6.548   -4.294  10.372  1.00 25.07 ? 107 LEU A CD2 1 
ATOM   858  N  N   . PHE A 1 108 ? 3.183   -3.595  6.883   1.00 18.46 ? 108 PHE A N   1 
ATOM   859  C  CA  . PHE A 1 108 ? 2.951   -4.385  5.674   1.00 18.87 ? 108 PHE A CA  1 
ATOM   860  C  C   . PHE A 1 108 ? 3.512   -5.801  5.777   1.00 22.12 ? 108 PHE A C   1 
ATOM   861  O  O   . PHE A 1 108 ? 2.856   -6.760  5.353   1.00 20.90 ? 108 PHE A O   1 
ATOM   862  C  CB  . PHE A 1 108 ? 3.549   -3.674  4.453   1.00 16.13 ? 108 PHE A CB  1 
ATOM   863  C  CG  . PHE A 1 108 ? 3.322   -4.406  3.166   1.00 17.34 ? 108 PHE A CG  1 
ATOM   864  C  CD1 . PHE A 1 108 ? 2.131   -4.253  2.469   1.00 20.20 ? 108 PHE A CD1 1 
ATOM   865  C  CD2 . PHE A 1 108 ? 4.313   -5.228  2.632   1.00 19.97 ? 108 PHE A CD2 1 
ATOM   866  C  CE1 . PHE A 1 108 ? 1.913   -4.924  1.274   1.00 18.81 ? 108 PHE A CE1 1 
ATOM   867  C  CE2 . PHE A 1 108 ? 4.108   -5.896  1.441   1.00 20.38 ? 108 PHE A CE2 1 
ATOM   868  C  CZ  . PHE A 1 108 ? 2.899   -5.750  0.761   1.00 20.06 ? 108 PHE A CZ  1 
ATOM   869  N  N   . ARG A 1 109 ? 4.730   -5.951  6.298   1.00 17.40 ? 109 ARG A N   1 
ATOM   870  C  CA  . ARG A 1 109 ? 5.312   -7.269  6.481   1.00 24.59 ? 109 ARG A CA  1 
ATOM   871  C  C   . ARG A 1 109 ? 6.358   -7.179  7.582   1.00 24.70 ? 109 ARG A C   1 
ATOM   872  O  O   . ARG A 1 109 ? 7.081   -6.186  7.682   1.00 25.44 ? 109 ARG A O   1 
ATOM   873  C  CB  . ARG A 1 109 ? 5.928   -7.811  5.174   1.00 29.23 ? 109 ARG A CB  1 
ATOM   874  C  CG  . ARG A 1 109 ? 7.218   -7.126  4.747   1.00 30.80 ? 109 ARG A CG  1 
ATOM   875  C  CD  . ARG A 1 109 ? 7.769   -7.706  3.423   1.00 32.37 ? 109 ARG A CD  1 
ATOM   876  N  NE  . ARG A 1 109 ? 8.091   -9.130  3.501   1.00 34.88 ? 109 ARG A NE  1 
ATOM   877  C  CZ  . ARG A 1 109 ? 9.263   -9.614  3.907   1.00 38.45 ? 109 ARG A CZ  1 
ATOM   878  N  NH1 . ARG A 1 109 ? 10.228  -8.790  4.291   1.00 37.69 ? 109 ARG A NH1 1 
ATOM   879  N  NH2 . ARG A 1 109 ? 9.472   -10.926 3.941   1.00 40.52 ? 109 ARG A NH2 1 
ATOM   880  N  N   . GLU A 1 110 ? 6.417   -8.209  8.418   1.00 27.61 ? 110 GLU A N   1 
ATOM   881  C  CA  . GLU A 1 110 ? 7.385   -8.215  9.505   1.00 29.22 ? 110 GLU A CA  1 
ATOM   882  C  C   . GLU A 1 110 ? 8.803   -8.158  8.949   1.00 26.09 ? 110 GLU A C   1 
ATOM   883  O  O   . GLU A 1 110 ? 9.130   -8.832  7.969   1.00 30.95 ? 110 GLU A O   1 
ATOM   884  C  CB  . GLU A 1 110 ? 7.180   -9.460  10.373  1.00 26.68 ? 110 GLU A CB  1 
ATOM   885  C  CG  . GLU A 1 110 ? 5.847   -9.410  11.123  1.00 22.29 ? 110 GLU A CG  1 
ATOM   886  C  CD  . GLU A 1 110 ? 5.774   -8.224  12.062  1.00 23.83 ? 110 GLU A CD  1 
ATOM   887  O  OE1 . GLU A 1 110 ? 6.627   -8.126  12.966  1.00 23.60 ? 110 GLU A OE1 1 
ATOM   888  O  OE2 . GLU A 1 110 ? 4.874   -7.364  11.894  1.00 24.73 ? 110 GLU A OE2 1 
ATOM   889  N  N   . GLY A 1 111 ? 9.637   -7.324  9.571   1.00 27.93 ? 111 GLY A N   1 
ATOM   890  C  CA  . GLY A 1 111 ? 10.945  -6.992  9.020   1.00 39.40 ? 111 GLY A CA  1 
ATOM   891  C  C   . GLY A 1 111 ? 10.936  -5.824  8.046   1.00 43.47 ? 111 GLY A C   1 
ATOM   892  O  O   . GLY A 1 111 ? 11.843  -4.982  8.057   1.00 48.21 ? 111 GLY A O   1 
ATOM   893  N  N   . GLY A 1 112 ? 9.939   -5.779  7.171   1.00 39.31 ? 112 GLY A N   1 
ATOM   894  C  CA  . GLY A 1 112 ? 9.666   -4.607  6.362   1.00 37.13 ? 112 GLY A CA  1 
ATOM   895  C  C   . GLY A 1 112 ? 9.979   -4.840  4.893   1.00 29.86 ? 112 GLY A C   1 
ATOM   896  O  O   . GLY A 1 112 ? 10.420  -5.910  4.475   1.00 31.40 ? 112 GLY A O   1 
ATOM   897  N  N   . VAL A 1 113 ? 9.710   -3.807  4.109   1.00 32.83 ? 113 VAL A N   1 
ATOM   898  C  CA  . VAL A 1 113 ? 10.010  -3.794  2.681   1.00 29.12 ? 113 VAL A CA  1 
ATOM   899  C  C   . VAL A 1 113 ? 11.176  -2.835  2.467   1.00 25.62 ? 113 VAL A C   1 
ATOM   900  O  O   . VAL A 1 113 ? 11.058  -1.649  2.804   1.00 26.23 ? 113 VAL A O   1 
ATOM   901  C  CB  . VAL A 1 113 ? 8.785   -3.378  1.855   1.00 26.43 ? 113 VAL A CB  1 
ATOM   902  C  CG1 . VAL A 1 113 ? 9.135   -3.312  0.395   1.00 26.07 ? 113 VAL A CG1 1 
ATOM   903  C  CG2 . VAL A 1 113 ? 7.652   -4.365  2.072   1.00 22.10 ? 113 VAL A CG2 1 
ATOM   904  N  N   . PRO A 1 114 ? 12.315  -3.299  1.954   1.00 28.91 ? 114 PRO A N   1 
ATOM   905  C  CA  . PRO A 1 114 ? 13.439  -2.389  1.702   1.00 27.18 ? 114 PRO A CA  1 
ATOM   906  C  C   . PRO A 1 114 ? 12.993  -1.207  0.850   1.00 25.88 ? 114 PRO A C   1 
ATOM   907  O  O   . PRO A 1 114 ? 12.169  -1.343  -0.054  1.00 25.36 ? 114 PRO A O   1 
ATOM   908  C  CB  . PRO A 1 114 ? 14.456  -3.270  0.969   1.00 25.65 ? 114 PRO A CB  1 
ATOM   909  C  CG  . PRO A 1 114 ? 14.112  -4.667  1.398   1.00 31.68 ? 114 PRO A CG  1 
ATOM   910  C  CD  . PRO A 1 114 ? 12.620  -4.683  1.557   1.00 29.09 ? 114 PRO A CD  1 
ATOM   911  N  N   . ASP A 1 115 ? 13.500  -0.042  1.195   1.00 24.13 ? 115 ASP A N   1 
ATOM   912  C  CA  . ASP A 1 115 ? 13.115  1.222   0.594   1.00 22.84 ? 115 ASP A CA  1 
ATOM   913  C  C   . ASP A 1 115 ? 13.904  1.418   -0.695  1.00 22.62 ? 115 ASP A C   1 
ATOM   914  O  O   . ASP A 1 115 ? 15.117  1.670   -0.650  1.00 25.00 ? 115 ASP A O   1 
ATOM   915  C  CB  . ASP A 1 115 ? 13.367  2.357   1.589   1.00 22.66 ? 115 ASP A CB  1 
ATOM   916  C  CG  . ASP A 1 115 ? 12.818  3.684   1.115   1.00 24.63 ? 115 ASP A CG  1 
ATOM   917  O  OD1 . ASP A 1 115 ? 12.309  3.763   -0.024  1.00 22.49 ? 115 ASP A OD1 1 
ATOM   918  O  OD2 . ASP A 1 115 ? 12.909  4.659   1.886   1.00 27.56 ? 115 ASP A OD2 1 
ATOM   919  N  N   . PRO A 1 116 ? 13.265  1.311   -1.864  1.00 22.35 ? 116 PRO A N   1 
ATOM   920  C  CA  . PRO A 1 116 ? 14.020  1.455   -3.116  1.00 21.97 ? 116 PRO A CA  1 
ATOM   921  C  C   . PRO A 1 116 ? 14.397  2.891   -3.420  1.00 23.65 ? 116 PRO A C   1 
ATOM   922  O  O   . PRO A 1 116 ? 15.126  3.127   -4.391  1.00 22.50 ? 116 PRO A O   1 
ATOM   923  C  CB  . PRO A 1 116 ? 13.051  0.912   -4.168  1.00 22.54 ? 116 PRO A CB  1 
ATOM   924  C  CG  . PRO A 1 116 ? 11.709  1.341   -3.637  1.00 21.28 ? 116 PRO A CG  1 
ATOM   925  C  CD  . PRO A 1 116 ? 11.816  1.187   -2.115  1.00 22.52 ? 116 PRO A CD  1 
ATOM   926  N  N   . TRP A 1 117 ? 13.909  3.854   -2.634  1.00 22.70 ? 117 TRP A N   1 
ATOM   927  C  CA  . TRP A 1 117 ? 14.508  5.181   -2.670  1.00 28.42 ? 117 TRP A CA  1 
ATOM   928  C  C   . TRP A 1 117 ? 15.989  5.116   -2.323  1.00 30.55 ? 117 TRP A C   1 
ATOM   929  O  O   . TRP A 1 117 ? 16.770  5.965   -2.772  1.00 27.92 ? 117 TRP A O   1 
ATOM   930  C  CB  . TRP A 1 117 ? 13.776  6.136   -1.720  1.00 28.56 ? 117 TRP A CB  1 
ATOM   931  C  CG  . TRP A 1 117 ? 14.286  7.569   -1.803  1.00 27.12 ? 117 TRP A CG  1 
ATOM   932  C  CD1 . TRP A 1 117 ? 15.221  8.161   -0.997  1.00 27.75 ? 117 TRP A CD1 1 
ATOM   933  C  CD2 . TRP A 1 117 ? 13.891  8.560   -2.751  1.00 28.87 ? 117 TRP A CD2 1 
ATOM   934  N  NE1 . TRP A 1 117 ? 15.429  9.457   -1.386  1.00 28.61 ? 117 TRP A NE1 1 
ATOM   935  C  CE2 . TRP A 1 117 ? 14.621  9.732   -2.460  1.00 33.09 ? 117 TRP A CE2 1 
ATOM   936  C  CE3 . TRP A 1 117 ? 12.980  8.575   -3.818  1.00 30.62 ? 117 TRP A CE3 1 
ATOM   937  C  CZ2 . TRP A 1 117 ? 14.466  10.911  -3.196  1.00 32.03 ? 117 TRP A CZ2 1 
ATOM   938  C  CZ3 . TRP A 1 117 ? 12.829  9.743   -4.544  1.00 31.14 ? 117 TRP A CZ3 1 
ATOM   939  C  CH2 . TRP A 1 117 ? 13.573  10.893  -4.233  1.00 33.04 ? 117 TRP A CH2 1 
ATOM   940  N  N   . TYR A 1 118 ? 16.395  4.121   -1.535  1.00 24.48 ? 118 TYR A N   1 
ATOM   941  C  CA  . TYR A 1 118 ? 17.800  3.929   -1.201  1.00 27.18 ? 118 TYR A CA  1 
ATOM   942  C  C   . TYR A 1 118 ? 18.435  2.757   -1.937  1.00 27.18 ? 118 TYR A C   1 
ATOM   943  O  O   . TYR A 1 118 ? 19.563  2.881   -2.412  1.00 30.89 ? 118 TYR A O   1 
ATOM   944  C  CB  . TYR A 1 118 ? 17.969  3.750   0.317   1.00 27.89 ? 118 TYR A CB  1 
ATOM   945  C  CG  . TYR A 1 118 ? 17.556  4.994   1.070   1.00 32.58 ? 118 TYR A CG  1 
ATOM   946  C  CD1 . TYR A 1 118 ? 18.369  6.130   1.079   1.00 34.40 ? 118 TYR A CD1 1 
ATOM   947  C  CD2 . TYR A 1 118 ? 16.339  5.057   1.728   1.00 31.32 ? 118 TYR A CD2 1 
ATOM   948  C  CE1 . TYR A 1 118 ? 17.975  7.294   1.744   1.00 34.21 ? 118 TYR A CE1 1 
ATOM   949  C  CE2 . TYR A 1 118 ? 15.941  6.205   2.401   1.00 34.92 ? 118 TYR A CE2 1 
ATOM   950  C  CZ  . TYR A 1 118 ? 16.760  7.320   2.408   1.00 37.50 ? 118 TYR A CZ  1 
ATOM   951  O  OH  . TYR A 1 118 ? 16.346  8.462   3.070   1.00 34.33 ? 118 TYR A OH  1 
ATOM   952  N  N   . THR A 1 119 ? 17.743  1.619   -2.055  1.00 22.52 ? 119 THR A N   1 
ATOM   953  C  CA  . THR A 1 119 ? 18.347  0.462   -2.713  1.00 22.57 ? 119 THR A CA  1 
ATOM   954  C  C   . THR A 1 119 ? 18.299  0.572   -4.226  1.00 23.82 ? 119 THR A C   1 
ATOM   955  O  O   . THR A 1 119 ? 19.114  -0.063  -4.909  1.00 21.88 ? 119 THR A O   1 
ATOM   956  C  CB  . THR A 1 119 ? 17.635  -0.834  -2.321  1.00 21.59 ? 119 THR A CB  1 
ATOM   957  O  OG1 . THR A 1 119 ? 16.348  -0.856  -2.950  1.00 19.59 ? 119 THR A OG1 1 
ATOM   958  C  CG2 . THR A 1 119 ? 17.481  -0.947  -0.801  1.00 21.82 ? 119 THR A CG2 1 
ATOM   959  N  N   . ASN A 1 120 ? 17.329  1.322   -4.754  1.00 22.36 ? 120 ASN A N   1 
ATOM   960  C  CA  . ASN A 1 120 ? 17.036  1.386   -6.185  1.00 22.76 ? 120 ASN A CA  1 
ATOM   961  C  C   . ASN A 1 120 ? 16.789  0.001   -6.785  1.00 22.44 ? 120 ASN A C   1 
ATOM   962  O  O   . ASN A 1 120 ? 16.919  -0.193  -7.997  1.00 24.22 ? 120 ASN A O   1 
ATOM   963  C  CB  . ASN A 1 120 ? 18.145  2.110   -6.959  1.00 24.80 ? 120 ASN A CB  1 
ATOM   964  C  CG  . ASN A 1 120 ? 17.705  2.504   -8.338  1.00 24.15 ? 120 ASN A CG  1 
ATOM   965  O  OD1 . ASN A 1 120 ? 16.612  3.020   -8.510  1.00 20.89 ? 120 ASN A OD1 1 
ATOM   966  N  ND2 . ASN A 1 120 ? 18.527  2.214   -9.338  1.00 23.66 ? 120 ASN A ND2 1 
ATOM   967  N  N   . ASP A 1 121 ? 16.428  -0.984  -5.966  1.00 24.17 ? 121 ASP A N   1 
ATOM   968  C  CA  . ASP A 1 121 ? 16.156  -2.336  -6.453  1.00 20.94 ? 121 ASP A CA  1 
ATOM   969  C  C   . ASP A 1 121 ? 14.643  -2.556  -6.446  1.00 21.42 ? 121 ASP A C   1 
ATOM   970  O  O   . ASP A 1 121 ? 14.075  -3.142  -5.519  1.00 21.74 ? 121 ASP A O   1 
ATOM   971  C  CB  . ASP A 1 121 ? 16.885  -3.354  -5.600  1.00 25.73 ? 121 ASP A CB  1 
ATOM   972  C  CG  . ASP A 1 121 ? 16.799  -4.742  -6.163  1.00 23.82 ? 121 ASP A CG  1 
ATOM   973  O  OD1 . ASP A 1 121 ? 15.965  -4.980  -7.061  1.00 22.98 ? 121 ASP A OD1 1 
ATOM   974  O  OD2 . ASP A 1 121 ? 17.578  -5.595  -5.706  1.00 29.68 ? 121 ASP A OD2 1 
ATOM   975  N  N   . PHE A 1 122 ? 13.983  -2.095  -7.508  1.00 23.04 ? 122 PHE A N   1 
ATOM   976  C  CA  . PHE A 1 122 ? 12.529  -2.209  -7.565  1.00 23.55 ? 122 PHE A CA  1 
ATOM   977  C  C   . PHE A 1 122 ? 12.069  -3.630  -7.863  1.00 25.02 ? 122 PHE A C   1 
ATOM   978  O  O   . PHE A 1 122 ? 10.898  -3.947  -7.636  1.00 23.81 ? 122 PHE A O   1 
ATOM   979  C  CB  . PHE A 1 122 ? 11.964  -1.236  -8.596  1.00 23.93 ? 122 PHE A CB  1 
ATOM   980  C  CG  . PHE A 1 122 ? 12.060  0.196   -8.165  1.00 25.25 ? 122 PHE A CG  1 
ATOM   981  C  CD1 . PHE A 1 122 ? 13.245  0.897   -8.320  1.00 21.54 ? 122 PHE A CD1 1 
ATOM   982  C  CD2 . PHE A 1 122 ? 10.978  0.826   -7.564  1.00 22.20 ? 122 PHE A CD2 1 
ATOM   983  C  CE1 . PHE A 1 122 ? 13.337  2.222   -7.910  1.00 25.79 ? 122 PHE A CE1 1 
ATOM   984  C  CE2 . PHE A 1 122 ? 11.067  2.146   -7.146  1.00 23.16 ? 122 PHE A CE2 1 
ATOM   985  C  CZ  . PHE A 1 122 ? 12.251  2.840   -7.314  1.00 22.82 ? 122 PHE A CZ  1 
ATOM   986  N  N   . GLU A 1 123 ? 12.962  -4.485  -8.362  1.00 21.67 ? 123 GLU A N   1 
ATOM   987  C  CA  . GLU A 1 123 ? 12.644  -5.903  -8.503  1.00 24.67 ? 123 GLU A CA  1 
ATOM   988  C  C   . GLU A 1 123 ? 12.471  -6.565  -7.142  1.00 22.55 ? 123 GLU A C   1 
ATOM   989  O  O   . GLU A 1 123 ? 11.486  -7.275  -6.910  1.00 24.18 ? 123 GLU A O   1 
ATOM   990  C  CB  . GLU A 1 123 ? 13.739  -6.600  -9.306  1.00 25.06 ? 123 GLU A CB  1 
ATOM   991  C  CG  . GLU A 1 123 ? 13.668  -8.118  -9.272  1.00 28.25 ? 123 GLU A CG  1 
ATOM   992  C  CD  . GLU A 1 123 ? 12.474  -8.670  -10.015 1.00 28.46 ? 123 GLU A CD  1 
ATOM   993  O  OE1 . GLU A 1 123 ? 11.850  -7.917  -10.786 1.00 26.96 ? 123 GLU A OE1 1 
ATOM   994  O  OE2 . GLU A 1 123 ? 12.163  -9.865  -9.832  1.00 30.58 ? 123 GLU A OE2 1 
ATOM   995  N  N   . GLU A 1 124 ? 13.431  -6.358  -6.233  1.00 23.21 ? 124 GLU A N   1 
ATOM   996  C  CA  . GLU A 1 124 ? 13.283  -6.830  -4.857  1.00 26.26 ? 124 GLU A CA  1 
ATOM   997  C  C   . GLU A 1 124 ? 11.997  -6.302  -4.237  1.00 27.78 ? 124 GLU A C   1 
ATOM   998  O  O   . GLU A 1 124 ? 11.264  -7.046  -3.572  1.00 24.73 ? 124 GLU A O   1 
ATOM   999  C  CB  . GLU A 1 124 ? 14.489  -6.409  -4.009  1.00 26.11 ? 124 GLU A CB  1 
ATOM   1000 C  CG  . GLU A 1 124 ? 14.370  -6.810  -2.511  1.00 32.08 ? 124 GLU A CG  1 
ATOM   1001 C  CD  . GLU A 1 124 ? 15.604  -6.449  -1.665  1.00 35.92 ? 124 GLU A CD  1 
ATOM   1002 O  OE1 . GLU A 1 124 ? 16.110  -5.303  -1.755  1.00 35.94 ? 124 GLU A OE1 1 
ATOM   1003 O  OE2 . GLU A 1 124 ? 16.072  -7.320  -0.899  1.00 46.79 ? 124 GLU A OE2 1 
ATOM   1004 N  N   . THR A 1 125 ? 11.713  -5.011  -4.447  1.00 24.34 ? 125 THR A N   1 
ATOM   1005 C  CA  . THR A 1 125 ? 10.491  -4.405  -3.925  1.00 21.99 ? 125 THR A CA  1 
ATOM   1006 C  C   . THR A 1 125 ? 9.264   -5.125  -4.459  1.00 24.83 ? 125 THR A C   1 
ATOM   1007 O  O   . THR A 1 125 ? 8.340   -5.463  -3.705  1.00 25.69 ? 125 THR A O   1 
ATOM   1008 C  CB  . THR A 1 125 ? 10.425  -2.916  -4.300  1.00 23.29 ? 125 THR A CB  1 
ATOM   1009 O  OG1 . THR A 1 125 ? 11.610  -2.246  -3.855  1.00 22.70 ? 125 THR A OG1 1 
ATOM   1010 C  CG2 . THR A 1 125 ? 9.201   -2.251  -3.666  1.00 20.54 ? 125 THR A CG2 1 
ATOM   1011 N  N   . TYR A 1 126 ? 9.235   -5.360  -5.768  1.00 22.81 ? 126 TYR A N   1 
ATOM   1012 C  CA  . TYR A 1 126 ? 8.076   -6.006  -6.362  1.00 23.34 ? 126 TYR A CA  1 
ATOM   1013 C  C   . TYR A 1 126 ? 7.863   -7.388  -5.765  1.00 23.17 ? 126 TYR A C   1 
ATOM   1014 O  O   . TYR A 1 126 ? 6.744   -7.737  -5.377  1.00 27.78 ? 126 TYR A O   1 
ATOM   1015 C  CB  . TYR A 1 126 ? 8.229   -6.092  -7.881  1.00 26.31 ? 126 TYR A CB  1 
ATOM   1016 C  CG  . TYR A 1 126 ? 7.149   -6.934  -8.507  1.00 25.84 ? 126 TYR A CG  1 
ATOM   1017 C  CD1 . TYR A 1 126 ? 5.874   -6.433  -8.686  1.00 24.90 ? 126 TYR A CD1 1 
ATOM   1018 C  CD2 . TYR A 1 126 ? 7.400   -8.248  -8.889  1.00 29.67 ? 126 TYR A CD2 1 
ATOM   1019 C  CE1 . TYR A 1 126 ? 4.873   -7.212  -9.229  1.00 29.54 ? 126 TYR A CE1 1 
ATOM   1020 C  CE2 . TYR A 1 126 ? 6.399   -9.030  -9.440  1.00 31.08 ? 126 TYR A CE2 1 
ATOM   1021 C  CZ  . TYR A 1 126 ? 5.141   -8.503  -9.603  1.00 28.13 ? 126 TYR A CZ  1 
ATOM   1022 O  OH  . TYR A 1 126 ? 4.146   -9.270  -10.154 1.00 35.11 ? 126 TYR A OH  1 
ATOM   1023 N  N   . GLN A 1 127 ? 8.928   -8.192  -5.679  1.00 24.31 ? 127 GLN A N   1 
ATOM   1024 C  CA  . GLN A 1 127 ? 8.772   -9.554  -5.171  1.00 25.37 ? 127 GLN A CA  1 
ATOM   1025 C  C   . GLN A 1 127 ? 8.244   -9.552  -3.740  1.00 24.79 ? 127 GLN A C   1 
ATOM   1026 O  O   . GLN A 1 127 ? 7.388   -10.369 -3.386  1.00 24.74 ? 127 GLN A O   1 
ATOM   1027 C  CB  . GLN A 1 127 ? 10.097  -10.318 -5.246  1.00 26.41 ? 127 GLN A CB  1 
ATOM   1028 C  CG  . GLN A 1 127 ? 10.691  -10.469 -6.652  1.00 27.54 ? 127 GLN A CG  1 
ATOM   1029 C  CD  . GLN A 1 127 ? 9.769   -11.211 -7.617  1.00 34.12 ? 127 GLN A CD  1 
ATOM   1030 O  OE1 . GLN A 1 127 ? 8.894   -11.981 -7.206  1.00 33.30 ? 127 GLN A OE1 1 
ATOM   1031 N  NE2 . GLN A 1 127 ? 9.965   -10.983 -8.911  1.00 36.63 ? 127 GLN A NE2 1 
ATOM   1032 N  N   . LEU A 1 128 ? 8.738   -8.636  -2.901  1.00 22.06 ? 128 LEU A N   1 
ATOM   1033 C  CA  . LEU A 1 128 ? 8.274   -8.593  -1.511  1.00 25.88 ? 128 LEU A CA  1 
ATOM   1034 C  C   . LEU A 1 128 ? 6.869   -8.022  -1.394  1.00 24.51 ? 128 LEU A C   1 
ATOM   1035 O  O   . LEU A 1 128 ? 6.097   -8.438  -0.516  1.00 23.88 ? 128 LEU A O   1 
ATOM   1036 C  CB  . LEU A 1 128 ? 9.253   -7.784  -0.666  1.00 22.54 ? 128 LEU A CB  1 
ATOM   1037 C  CG  . LEU A 1 128 ? 10.596  -8.500  -0.604  1.00 31.28 ? 128 LEU A CG  1 
ATOM   1038 C  CD1 . LEU A 1 128 ? 11.674  -7.612  -0.021  1.00 36.43 ? 128 LEU A CD1 1 
ATOM   1039 C  CD2 . LEU A 1 128 ? 10.443  -9.784  0.202   1.00 29.95 ? 128 LEU A CD2 1 
ATOM   1040 N  N   . VAL A 1 129 ? 6.525   -7.051  -2.243  1.00 23.37 ? 129 VAL A N   1 
ATOM   1041 C  CA  . VAL A 1 129 ? 5.178   -6.491  -2.224  1.00 23.76 ? 129 VAL A CA  1 
ATOM   1042 C  C   . VAL A 1 129 ? 4.180   -7.524  -2.714  1.00 24.57 ? 129 VAL A C   1 
ATOM   1043 O  O   . VAL A 1 129 ? 3.076   -7.662  -2.178  1.00 24.27 ? 129 VAL A O   1 
ATOM   1044 C  CB  . VAL A 1 129 ? 5.140   -5.219  -3.086  1.00 21.35 ? 129 VAL A CB  1 
ATOM   1045 C  CG1 . VAL A 1 129 ? 3.706   -4.853  -3.456  1.00 20.74 ? 129 VAL A CG1 1 
ATOM   1046 C  CG2 . VAL A 1 129 ? 5.814   -4.097  -2.350  1.00 21.07 ? 129 VAL A CG2 1 
ATOM   1047 N  N   . ARG A 1 130 ? 4.572   -8.265  -3.747  1.00 26.50 ? 130 ARG A N   1 
ATOM   1048 C  CA  . ARG A 1 130 ? 3.721   -9.285  -4.340  1.00 27.76 ? 130 ARG A CA  1 
ATOM   1049 C  C   . ARG A 1 130 ? 3.424   -10.404 -3.343  1.00 35.02 ? 130 ARG A C   1 
ATOM   1050 O  O   . ARG A 1 130 ? 2.278   -10.863 -3.237  1.00 31.70 ? 130 ARG A O   1 
ATOM   1051 C  CB  . ARG A 1 130 ? 4.409   -9.808  -5.610  1.00 31.23 ? 130 ARG A CB  1 
ATOM   1052 C  CG  . ARG A 1 130 ? 3.833   -11.071 -6.236  1.00 39.43 ? 130 ARG A CG  1 
ATOM   1053 C  CD  . ARG A 1 130 ? 2.618   -10.722 -7.019  1.00 50.39 ? 130 ARG A CD  1 
ATOM   1054 N  NE  . ARG A 1 130 ? 1.820   -11.914 -7.359  1.00 58.28 ? 130 ARG A NE  1 
ATOM   1055 C  CZ  . ARG A 1 130 ? 0.678   -11.864 -8.045  1.00 63.31 ? 130 ARG A CZ  1 
ATOM   1056 N  NH1 . ARG A 1 130 ? 0.033   -12.995 -8.295  1.00 64.13 ? 130 ARG A NH1 1 
ATOM   1057 N  NH2 . ARG A 1 130 ? 0.206   -10.678 -8.479  1.00 56.31 ? 130 ARG A NH2 1 
ATOM   1058 N  N   . LYS A 1 131 ? 4.439   -10.838 -2.583  1.00 30.17 ? 131 LYS A N   1 
ATOM   1059 C  CA  . LYS A 1 131 ? 4.221   -11.855 -1.557  1.00 31.62 ? 131 LYS A CA  1 
ATOM   1060 C  C   . LYS A 1 131 ? 3.420   -11.303 -0.381  1.00 31.16 ? 131 LYS A C   1 
ATOM   1061 O  O   . LYS A 1 131 ? 2.537   -11.988 0.150   1.00 26.54 ? 131 LYS A O   1 
ATOM   1062 C  CB  . LYS A 1 131 ? 5.565   -12.414 -1.079  1.00 32.48 ? 131 LYS A CB  1 
ATOM   1063 C  CG  . LYS A 1 131 ? 6.348   -13.161 -2.164  1.00 39.07 ? 131 LYS A CG  1 
ATOM   1064 C  CD  . LYS A 1 131 ? 7.545   -13.955 -1.609  1.00 45.55 ? 131 LYS A CD  1 
ATOM   1065 C  CE  . LYS A 1 131 ? 8.696   -13.057 -1.148  1.00 47.71 ? 131 LYS A CE  1 
ATOM   1066 N  NZ  . LYS A 1 131 ? 9.866   -13.837 -0.632  1.00 54.10 ? 131 LYS A NZ  1 
ATOM   1067 N  N   . GLY A 1 132 ? 3.723   -10.075 0.049   1.00 26.11 ? 132 GLY A N   1 
ATOM   1068 C  CA  . GLY A 1 132 ? 2.989   -9.479  1.153   1.00 26.55 ? 132 GLY A CA  1 
ATOM   1069 C  C   . GLY A 1 132 ? 1.534   -9.205  0.814   1.00 26.61 ? 132 GLY A C   1 
ATOM   1070 O  O   . GLY A 1 132 ? 0.655   -9.294  1.681   1.00 21.85 ? 132 GLY A O   1 
ATOM   1071 N  N   . CYS A 1 133 ? 1.255   -8.858  -0.440  1.00 23.66 ? 133 CYS A N   1 
ATOM   1072 C  CA  . CYS A 1 133 ? -0.133  -8.708  -0.857  1.00 27.48 ? 133 CYS A CA  1 
ATOM   1073 C  C   . CYS A 1 133 ? -0.868  -10.038 -0.776  1.00 29.88 ? 133 CYS A C   1 
ATOM   1074 O  O   . CYS A 1 133 ? -2.033  -10.083 -0.364  1.00 26.40 ? 133 CYS A O   1 
ATOM   1075 C  CB  . CYS A 1 133 ? -0.207  -8.124  -2.269  1.00 26.87 ? 133 CYS A CB  1 
ATOM   1076 S  SG  . CYS A 1 133 ? 0.137   -6.338  -2.314  1.00 24.58 ? 133 CYS A SG  1 
ATOM   1077 N  N   . GLN A 1 134 ? -0.196  -11.135 -1.143  1.00 27.87 ? 134 GLN A N   1 
ATOM   1078 C  CA  . GLN A 1 134 ? -0.810  -12.454 -1.015  1.00 27.66 ? 134 GLN A CA  1 
ATOM   1079 C  C   . GLN A 1 134 ? -1.133  -12.765 0.440   1.00 30.50 ? 134 GLN A C   1 
ATOM   1080 O  O   . GLN A 1 134 ? -2.197  -13.315 0.744   1.00 31.71 ? 134 GLN A O   1 
ATOM   1081 C  CB  . GLN A 1 134 ? 0.111   -13.529 -1.597  1.00 32.13 ? 134 GLN A CB  1 
ATOM   1082 C  CG  . GLN A 1 134 ? 0.044   -13.651 -3.115  1.00 35.37 ? 134 GLN A CG  1 
ATOM   1083 C  CD  . GLN A 1 134 ? -1.324  -14.106 -3.596  1.00 45.90 ? 134 GLN A CD  1 
ATOM   1084 O  OE1 . GLN A 1 134 ? -2.056  -14.785 -2.870  1.00 48.55 ? 134 GLN A OE1 1 
ATOM   1085 N  NE2 . GLN A 1 134 ? -1.686  -13.717 -4.821  1.00 45.93 ? 134 GLN A NE2 1 
ATOM   1086 N  N   . ASP A 1 135 ? -0.225  -12.413 1.355   1.00 27.01 ? 135 ASP A N   1 
ATOM   1087 C  CA  . ASP A 1 135 ? -0.466  -12.659 2.768   1.00 28.70 ? 135 ASP A CA  1 
ATOM   1088 C  C   . ASP A 1 135 ? -1.626  -11.826 3.290   1.00 30.41 ? 135 ASP A C   1 
ATOM   1089 O  O   . ASP A 1 135 ? -2.456  -12.333 4.051   1.00 27.04 ? 135 ASP A O   1 
ATOM   1090 C  CB  . ASP A 1 135 ? 0.797   -12.391 3.572   1.00 30.32 ? 135 ASP A CB  1 
ATOM   1091 C  CG  . ASP A 1 135 ? 1.876   -13.426 3.305   1.00 39.56 ? 135 ASP A CG  1 
ATOM   1092 O  OD1 . ASP A 1 135 ? 1.609   -14.401 2.555   1.00 40.37 ? 135 ASP A OD1 1 
ATOM   1093 O  OD2 . ASP A 1 135 ? 2.981   -13.272 3.861   1.00 46.11 ? 135 ASP A OD2 1 
ATOM   1094 N  N   . TRP A 1 136 ? -1.706  -10.549 2.893   1.00 27.62 ? 136 TRP A N   1 
ATOM   1095 C  CA  . TRP A 1 136 ? -2.833  -9.722  3.321   1.00 27.52 ? 136 TRP A CA  1 
ATOM   1096 C  C   . TRP A 1 136 ? -4.154  -10.273 2.805   1.00 30.02 ? 136 TRP A C   1 
ATOM   1097 O  O   . TRP A 1 136 ? -5.167  -10.234 3.511   1.00 30.11 ? 136 TRP A O   1 
ATOM   1098 C  CB  . TRP A 1 136 ? -2.638  -8.266  2.886   1.00 25.84 ? 136 TRP A CB  1 
ATOM   1099 C  CG  . TRP A 1 136 ? -1.692  -7.580  3.816   1.00 26.33 ? 136 TRP A CG  1 
ATOM   1100 C  CD1 . TRP A 1 136 ? -0.423  -7.138  3.535   1.00 26.23 ? 136 TRP A CD1 1 
ATOM   1101 C  CD2 . TRP A 1 136 ? -1.905  -7.333  5.207   1.00 24.72 ? 136 TRP A CD2 1 
ATOM   1102 N  NE1 . TRP A 1 136 ? 0.155   -6.615  4.670   1.00 23.99 ? 136 TRP A NE1 1 
ATOM   1103 C  CE2 . TRP A 1 136 ? -0.740  -6.721  5.708   1.00 25.04 ? 136 TRP A CE2 1 
ATOM   1104 C  CE3 . TRP A 1 136 ? -2.974  -7.570  6.082   1.00 29.25 ? 136 TRP A CE3 1 
ATOM   1105 C  CZ2 . TRP A 1 136 ? -0.615  -6.337  7.040   1.00 26.56 ? 136 TRP A CZ2 1 
ATOM   1106 C  CZ3 . TRP A 1 136 ? -2.851  -7.180  7.403   1.00 26.86 ? 136 TRP A CZ3 1 
ATOM   1107 C  CH2 . TRP A 1 136 ? -1.683  -6.574  7.871   1.00 27.47 ? 136 TRP A CH2 1 
ATOM   1108 N  N   . LEU A 1 137 ? -4.157  -10.827 1.593   1.00 28.90 ? 137 LEU A N   1 
ATOM   1109 C  CA  . LEU A 1 137 ? -5.373  -11.439 1.068   1.00 28.45 ? 137 LEU A CA  1 
ATOM   1110 C  C   . LEU A 1 137 ? -5.839  -12.583 1.963   1.00 30.63 ? 137 LEU A C   1 
ATOM   1111 O  O   . LEU A 1 137 ? -7.019  -12.664 2.325   1.00 30.43 ? 137 LEU A O   1 
ATOM   1112 C  CB  . LEU A 1 137 ? -5.121  -11.935 -0.353  1.00 31.63 ? 137 LEU A CB  1 
ATOM   1113 C  CG  . LEU A 1 137 ? -6.348  -12.338 -1.167  1.00 32.85 ? 137 LEU A CG  1 
ATOM   1114 C  CD1 . LEU A 1 137 ? -7.066  -11.103 -1.683  1.00 32.87 ? 137 LEU A CD1 1 
ATOM   1115 C  CD2 . LEU A 1 137 ? -5.941  -13.287 -2.312  1.00 32.68 ? 137 LEU A CD2 1 
ATOM   1116 N  N   . SER A 1 138 ? -4.920  -13.481 2.328   1.00 27.67 ? 138 SER A N   1 
ATOM   1117 C  CA  . SER A 1 138 ? -5.286  -14.612 3.168   1.00 30.94 ? 138 SER A CA  1 
ATOM   1118 C  C   . SER A 1 138 ? -5.682  -14.152 4.561   1.00 34.86 ? 138 SER A C   1 
ATOM   1119 O  O   . SER A 1 138 ? -6.468  -14.817 5.242   1.00 33.17 ? 138 SER A O   1 
ATOM   1120 C  CB  . SER A 1 138 ? -4.130  -15.601 3.251   1.00 32.06 ? 138 SER A CB  1 
ATOM   1121 O  OG  . SER A 1 138 ? -3.184  -15.143 4.193   1.00 37.46 ? 138 SER A OG  1 
ATOM   1122 N  N   . ARG A 1 139 ? -5.161  -13.010 4.989   1.00 29.38 ? 139 ARG A N   1 
ATOM   1123 C  CA  . ARG A 1 139 ? -5.506  -12.481 6.295   1.00 31.07 ? 139 ARG A CA  1 
ATOM   1124 C  C   . ARG A 1 139 ? -6.879  -11.813 6.291   1.00 30.13 ? 139 ARG A C   1 
ATOM   1125 O  O   . ARG A 1 139 ? -7.655  -11.968 7.243   1.00 31.85 ? 139 ARG A O   1 
ATOM   1126 C  CB  . ARG A 1 139 ? -4.420  -11.501 6.727   1.00 33.75 ? 139 ARG A CB  1 
ATOM   1127 C  CG  . ARG A 1 139 ? -4.496  -11.096 8.148   1.00 33.97 ? 139 ARG A CG  1 
ATOM   1128 C  CD  . ARG A 1 139 ? -3.305  -11.612 8.945   1.00 33.45 ? 139 ARG A CD  1 
ATOM   1129 N  NE  . ARG A 1 139 ? -3.337  -10.925 10.227  1.00 38.00 ? 139 ARG A NE  1 
ATOM   1130 C  CZ  . ARG A 1 139 ? -2.447  -10.025 10.622  1.00 35.16 ? 139 ARG A CZ  1 
ATOM   1131 N  NH1 . ARG A 1 139 ? -1.396  -9.744  9.858   1.00 37.71 ? 139 ARG A NH1 1 
ATOM   1132 N  NH2 . ARG A 1 139 ? -2.600  -9.428  11.802  1.00 32.07 ? 139 ARG A NH2 1 
ATOM   1133 N  N   . LEU A 1 140 ? -7.204  -11.088 5.222   1.00 29.96 ? 140 LEU A N   1 
ATOM   1134 C  CA  . LEU A 1 140 ? -8.396  -10.250 5.187   1.00 32.55 ? 140 LEU A CA  1 
ATOM   1135 C  C   . LEU A 1 140 ? -9.613  -10.924 4.563   1.00 34.51 ? 140 LEU A C   1 
ATOM   1136 O  O   . LEU A 1 140 ? -10.738 -10.506 4.849   1.00 34.00 ? 140 LEU A O   1 
ATOM   1137 C  CB  . LEU A 1 140 ? -8.097  -8.952  4.425   1.00 29.03 ? 140 LEU A CB  1 
ATOM   1138 C  CG  . LEU A 1 140 ? -7.011  -8.108  5.087   1.00 27.03 ? 140 LEU A CG  1 
ATOM   1139 C  CD1 . LEU A 1 140 ? -6.601  -6.968  4.182   1.00 29.73 ? 140 LEU A CD1 1 
ATOM   1140 C  CD2 . LEU A 1 140 ? -7.532  -7.578  6.411   1.00 30.26 ? 140 LEU A CD2 1 
ATOM   1141 N  N   . MET A 1 141 ? -9.437  -11.942 3.725   1.00 29.31 ? 141 MET A N   1 
ATOM   1142 C  CA  . MET A 1 141 ? -10.575 -12.561 3.068   1.00 29.45 ? 141 MET A CA  1 
ATOM   1143 C  C   . MET A 1 141 ? -11.043 -13.785 3.847   1.00 30.56 ? 141 MET A C   1 
ATOM   1144 O  O   . MET A 1 141 ? -10.271 -14.435 4.557   1.00 27.69 ? 141 MET A O   1 
ATOM   1145 C  CB  . MET A 1 141 ? -10.239 -12.944 1.628   1.00 29.11 ? 141 MET A CB  1 
ATOM   1146 C  CG  . MET A 1 141 ? -9.707  -11.787 0.781   1.00 30.52 ? 141 MET A CG  1 
ATOM   1147 S  SD  . MET A 1 141 ? -10.748 -10.314 0.727   1.00 34.32 ? 141 MET A SD  1 
ATOM   1148 C  CE  . MET A 1 141 ? -12.199 -10.937 -0.110  1.00 33.00 ? 141 MET A CE  1 
ATOM   1149 N  N   . SER A 1 142 ? -12.332 -14.081 3.726   1.00 33.36 ? 142 SER A N   1 
ATOM   1150 C  CA  . SER A 1 142 ? -12.887 -15.256 4.380   1.00 29.17 ? 142 SER A CA  1 
ATOM   1151 C  C   . SER A 1 142 ? -12.298 -16.522 3.773   1.00 30.76 ? 142 SER A C   1 
ATOM   1152 O  O   . SER A 1 142 ? -11.800 -16.528 2.643   1.00 28.58 ? 142 SER A O   1 
ATOM   1153 C  CB  . SER A 1 142 ? -14.405 -15.294 4.226   1.00 30.33 ? 142 SER A CB  1 
ATOM   1154 O  OG  . SER A 1 142 ? -14.751 -15.565 2.876   1.00 29.74 ? 142 SER A OG  1 
ATOM   1155 N  N   . LYS A 1 143 ? -12.378 -17.617 4.531   1.00 32.22 ? 143 LYS A N   1 
ATOM   1156 C  CA  . LYS A 1 143 ? -11.912 -18.892 4.000   1.00 32.94 ? 143 LYS A CA  1 
ATOM   1157 C  C   . LYS A 1 143 ? -12.696 -19.287 2.757   1.00 31.58 ? 143 LYS A C   1 
ATOM   1158 O  O   . LYS A 1 143 ? -12.125 -19.820 1.797   1.00 31.53 ? 143 LYS A O   1 
ATOM   1159 C  CB  . LYS A 1 143 ? -12.003 -19.979 5.066   1.00 36.26 ? 143 LYS A CB  1 
ATOM   1160 C  CG  . LYS A 1 143 ? -11.421 -21.294 4.598   1.00 38.01 ? 143 LYS A CG  1 
ATOM   1161 C  CD  . LYS A 1 143 ? -11.167 -22.225 5.757   1.00 40.64 ? 143 LYS A CD  1 
ATOM   1162 C  CE  . LYS A 1 143 ? -10.858 -23.628 5.248   1.00 41.07 ? 143 LYS A CE  1 
ATOM   1163 N  NZ  . LYS A 1 143 ? -9.856  -23.595 4.151   1.00 34.31 ? 143 LYS A NZ  1 
ATOM   1164 N  N   . GLU A 1 144 ? -14.001 -19.003 2.743   1.00 32.57 ? 144 GLU A N   1 
ATOM   1165 C  CA  . GLU A 1 144 ? -14.830 -19.333 1.589   1.00 31.31 ? 144 GLU A CA  1 
ATOM   1166 C  C   . GLU A 1 144 ? -14.386 -18.561 0.355   1.00 30.31 ? 144 GLU A C   1 
ATOM   1167 O  O   . GLU A 1 144 ? -14.328 -19.120 -0.749  1.00 29.35 ? 144 GLU A O   1 
ATOM   1168 C  CB  . GLU A 1 144 ? -16.301 -19.044 1.902   1.00 32.31 ? 144 GLU A CB  1 
ATOM   1169 C  CG  . GLU A 1 144 ? -16.768 -19.582 3.274   1.00 44.18 ? 144 GLU A CG  1 
ATOM   1170 C  CD  . GLU A 1 144 ? -16.583 -18.573 4.427   1.00 46.78 ? 144 GLU A CD  1 
ATOM   1171 O  OE1 . GLU A 1 144 ? -17.412 -17.626 4.557   1.00 58.30 ? 144 GLU A OE1 1 
ATOM   1172 O  OE2 . GLU A 1 144 ? -15.618 -18.701 5.223   1.00 51.19 ? 144 GLU A OE2 1 
ATOM   1173 N  N   . TYR A 1 145 ? -14.058 -17.276 0.514   1.00 28.09 ? 145 TYR A N   1 
ATOM   1174 C  CA  . TYR A 1 145 ? -13.509 -16.527 -0.613  1.00 29.67 ? 145 TYR A CA  1 
ATOM   1175 C  C   . TYR A 1 145 ? -12.226 -17.177 -1.112  1.00 31.93 ? 145 TYR A C   1 
ATOM   1176 O  O   . TYR A 1 145 ? -12.046 -17.384 -2.320  1.00 29.00 ? 145 TYR A O   1 
ATOM   1177 C  CB  . TYR A 1 145 ? -13.251 -15.064 -0.235  1.00 31.53 ? 145 TYR A CB  1 
ATOM   1178 C  CG  . TYR A 1 145 ? -12.612 -14.256 -1.357  1.00 30.74 ? 145 TYR A CG  1 
ATOM   1179 C  CD1 . TYR A 1 145 ? -11.231 -14.251 -1.538  1.00 28.33 ? 145 TYR A CD1 1 
ATOM   1180 C  CD2 . TYR A 1 145 ? -13.385 -13.507 -2.233  1.00 33.18 ? 145 TYR A CD2 1 
ATOM   1181 C  CE1 . TYR A 1 145 ? -10.640 -13.526 -2.558  1.00 31.01 ? 145 TYR A CE1 1 
ATOM   1182 C  CE2 . TYR A 1 145 ? -12.798 -12.766 -3.259  1.00 34.09 ? 145 TYR A CE2 1 
ATOM   1183 C  CZ  . TYR A 1 145 ? -11.421 -12.796 -3.418  1.00 35.25 ? 145 TYR A CZ  1 
ATOM   1184 O  OH  . TYR A 1 145 ? -10.820 -12.079 -4.423  1.00 33.55 ? 145 TYR A OH  1 
ATOM   1185 N  N   . LEU A 1 146 ? -11.320 -17.503 -0.189  1.00 30.20 ? 146 LEU A N   1 
ATOM   1186 C  CA  . LEU A 1 146 ? -10.036 -18.071 -0.583  1.00 32.28 ? 146 LEU A CA  1 
ATOM   1187 C  C   . LEU A 1 146 ? -10.224 -19.346 -1.393  1.00 29.54 ? 146 LEU A C   1 
ATOM   1188 O  O   . LEU A 1 146 ? -9.549  -19.549 -2.407  1.00 32.54 ? 146 LEU A O   1 
ATOM   1189 C  CB  . LEU A 1 146 ? -9.184  -18.337 0.656   1.00 30.27 ? 146 LEU A CB  1 
ATOM   1190 C  CG  . LEU A 1 146 ? -8.752  -17.086 1.426   1.00 32.14 ? 146 LEU A CG  1 
ATOM   1191 C  CD1 . LEU A 1 146 ? -7.976  -17.462 2.688   1.00 29.29 ? 146 LEU A CD1 1 
ATOM   1192 C  CD2 . LEU A 1 146 ? -7.936  -16.159 0.515   1.00 27.85 ? 146 LEU A CD2 1 
ATOM   1193 N  N   . GLU A 1 147 ? -11.188 -20.185 -0.995  1.00 31.19 ? 147 GLU A N   1 
ATOM   1194 C  CA  . GLU A 1 147 ? -11.341 -21.491 -1.616  1.00 32.12 ? 147 GLU A CA  1 
ATOM   1195 C  C   . GLU A 1 147 ? -11.867 -21.401 -3.039  1.00 28.19 ? 147 GLU A C   1 
ATOM   1196 O  O   . GLU A 1 147 ? -11.693 -22.353 -3.799  1.00 31.91 ? 147 GLU A O   1 
ATOM   1197 C  CB  . GLU A 1 147 ? -12.258 -22.386 -0.775  1.00 28.44 ? 147 GLU A CB  1 
ATOM   1198 C  CG  . GLU A 1 147 ? -11.686 -22.788 0.565   1.00 31.16 ? 147 GLU A CG  1 
ATOM   1199 C  CD  . GLU A 1 147 ? -12.529 -23.839 1.274   1.00 33.80 ? 147 GLU A CD  1 
ATOM   1200 O  OE1 . GLU A 1 147 ? -13.272 -24.577 0.594   1.00 35.49 ? 147 GLU A OE1 1 
ATOM   1201 O  OE2 . GLU A 1 147 ? -12.452 -23.937 2.511   1.00 34.87 ? 147 GLU A OE2 1 
ATOM   1202 N  N   . HIS A 1 148 ? -12.498 -20.293 -3.426  1.00 28.16 ? 148 HIS A N   1 
ATOM   1203 C  CA  . HIS A 1 148 ? -13.043 -20.155 -4.774  1.00 31.09 ? 148 HIS A CA  1 
ATOM   1204 C  C   . HIS A 1 148 ? -12.232 -19.225 -5.662  1.00 34.46 ? 148 HIS A C   1 
ATOM   1205 O  O   . HIS A 1 148 ? -12.637 -18.959 -6.802  1.00 35.79 ? 148 HIS A O   1 
ATOM   1206 C  CB  . HIS A 1 148 ? -14.501 -19.691 -4.713  1.00 30.67 ? 148 HIS A CB  1 
ATOM   1207 C  CG  . HIS A 1 148 ? -15.428 -20.743 -4.179  1.00 30.85 ? 148 HIS A CG  1 
ATOM   1208 N  ND1 . HIS A 1 148 ? -15.925 -21.765 -4.961  1.00 28.09 ? 148 HIS A ND1 1 
ATOM   1209 C  CD2 . HIS A 1 148 ? -15.917 -20.949 -2.934  1.00 28.50 ? 148 HIS A CD2 1 
ATOM   1210 C  CE1 . HIS A 1 148 ? -16.702 -22.541 -4.226  1.00 26.91 ? 148 HIS A CE1 1 
ATOM   1211 N  NE2 . HIS A 1 148 ? -16.713 -22.067 -2.992  1.00 29.67 ? 148 HIS A NE2 1 
ATOM   1212 N  N   . HIS A 1 149 ? -11.105 -18.726 -5.179  1.00 32.57 ? 149 HIS A N   1 
ATOM   1213 C  CA  . HIS A 1 149 ? -10.178 -17.988 -6.032  1.00 40.86 ? 149 HIS A CA  1 
ATOM   1214 C  C   . HIS A 1 149 ? -8.794  -18.640 -5.862  1.00 41.27 ? 149 HIS A C   1 
ATOM   1215 O  O   . HIS A 1 149 ? -8.099  -18.369 -4.888  1.00 48.71 ? 149 HIS A O   1 
ATOM   1216 C  CB  . HIS A 1 149 ? -10.161 -16.498 -5.660  1.00 35.24 ? 149 HIS A CB  1 
ATOM   1217 C  CG  . HIS A 1 149 ? -11.478 -15.789 -5.862  1.00 40.93 ? 149 HIS A CG  1 
ATOM   1218 N  ND1 . HIS A 1 149 ? -12.487 -15.787 -4.917  1.00 38.79 ? 149 HIS A ND1 1 
ATOM   1219 C  CD2 . HIS A 1 149 ? -11.938 -15.037 -6.894  1.00 37.96 ? 149 HIS A CD2 1 
ATOM   1220 C  CE1 . HIS A 1 149 ? -13.509 -15.077 -5.365  1.00 36.43 ? 149 HIS A CE1 1 
ATOM   1221 N  NE2 . HIS A 1 149 ? -13.201 -14.609 -6.560  1.00 33.37 ? 149 HIS A NE2 1 
ATOM   1222 N  N   . HIS A 1 150 ? -8.377  -19.493 -6.791  1.00 50.41 ? 150 HIS A N   1 
ATOM   1223 C  CA  . HIS A 1 150 ? -8.996  -19.648 -8.104  1.00 54.43 ? 150 HIS A CA  1 
ATOM   1224 C  C   . HIS A 1 150 ? -9.643  -21.027 -8.273  1.00 51.97 ? 150 HIS A C   1 
ATOM   1225 O  O   . HIS A 1 150 ? -10.818 -21.143 -8.649  1.00 46.17 ? 150 HIS A O   1 
ATOM   1226 C  CB  . HIS A 1 150 ? -7.947  -19.431 -9.190  1.00 54.11 ? 150 HIS A CB  1 
ATOM   1227 C  CG  . HIS A 1 150 ? -7.015  -18.280 -8.924  1.00 58.74 ? 150 HIS A CG  1 
ATOM   1228 N  ND1 . HIS A 1 150 ? -6.202  -18.205 -7.807  1.00 59.03 ? 150 HIS A ND1 1 
ATOM   1229 C  CD2 . HIS A 1 150 ? -6.765  -17.154 -9.639  1.00 61.89 ? 150 HIS A CD2 1 
ATOM   1230 C  CE1 . HIS A 1 150 ? -5.501  -17.083 -7.847  1.00 59.36 ? 150 HIS A CE1 1 
ATOM   1231 N  NE2 . HIS A 1 150 ? -5.822  -16.428 -8.949  1.00 66.35 ? 150 HIS A NE2 1 
HETATM 1232 CL CL  . CL  B 2 .   ? 9.318   8.246   -0.591  1.00 28.64 ? 201 CL  A CL  1 
HETATM 1233 CL CL  . CL  C 2 .   ? 6.103   -1.187  13.374  1.00 32.50 ? 202 CL  A CL  1 
HETATM 1234 CL CL  . CL  D 2 .   ? -7.568  -9.496  10.546  1.00 57.60 ? 203 CL  A CL  1 
HETATM 1235 O  O   . HOH E 3 .   ? -0.907  -10.127 -10.034 1.00 45.30 ? 301 HOH A O   1 
HETATM 1236 O  O   . HOH E 3 .   ? 12.326  -3.076  -1.535  1.00 29.74 ? 302 HOH A O   1 
HETATM 1237 O  O   . HOH E 3 .   ? 8.570   -9.127  13.710  1.00 29.04 ? 303 HOH A O   1 
HETATM 1238 O  O   . HOH E 3 .   ? 11.367  -7.927  6.135   1.00 40.80 ? 304 HOH A O   1 
HETATM 1239 O  O   . HOH E 3 .   ? 10.640  5.119   -1.003  1.00 25.44 ? 305 HOH A O   1 
HETATM 1240 O  O   . HOH E 3 .   ? -5.831  4.083   19.450  1.00 31.21 ? 306 HOH A O   1 
HETATM 1241 O  O   . HOH E 3 .   ? -12.119 -10.691 -6.024  1.00 44.18 ? 307 HOH A O   1 
HETATM 1242 O  O   . HOH E 3 .   ? -13.001 -20.233 -9.467  1.00 36.95 ? 308 HOH A O   1 
HETATM 1243 O  O   . HOH E 3 .   ? -6.600  -7.488  11.803  1.00 37.28 ? 309 HOH A O   1 
HETATM 1244 O  O   . HOH E 3 .   ? -15.636 0.826   7.229   1.00 39.73 ? 310 HOH A O   1 
HETATM 1245 O  O   . HOH E 3 .   ? 13.716  -11.095 -8.238  1.00 32.75 ? 311 HOH A O   1 
HETATM 1246 O  O   . HOH E 3 .   ? -3.702  6.245   15.423  1.00 26.40 ? 312 HOH A O   1 
HETATM 1247 O  O   . HOH E 3 .   ? -1.058  18.054  -4.406  1.00 43.55 ? 313 HOH A O   1 
HETATM 1248 O  O   . HOH E 3 .   ? 11.618  6.787   2.525   1.00 31.07 ? 314 HOH A O   1 
HETATM 1249 O  O   . HOH E 3 .   ? -3.864  15.075  1.370   1.00 34.05 ? 315 HOH A O   1 
HETATM 1250 O  O   . HOH E 3 .   ? 18.074  10.327  3.484   1.00 38.26 ? 316 HOH A O   1 
HETATM 1251 O  O   . HOH E 3 .   ? 1.335   8.184   -14.843 1.00 45.06 ? 317 HOH A O   1 
HETATM 1252 O  O   . HOH E 3 .   ? 14.897  -2.989  -2.575  1.00 23.29 ? 318 HOH A O   1 
HETATM 1253 O  O   . HOH E 3 .   ? 4.609   16.544  5.493   1.00 32.31 ? 319 HOH A O   1 
HETATM 1254 O  O   . HOH E 3 .   ? -9.938  3.927   17.848  1.00 43.46 ? 320 HOH A O   1 
HETATM 1255 O  O   . HOH E 3 .   ? -17.983 -22.726 -0.781  1.00 31.89 ? 321 HOH A O   1 
HETATM 1256 O  O   . HOH E 3 .   ? -8.334  -3.514  13.158  1.00 30.35 ? 322 HOH A O   1 
HETATM 1257 O  O   . HOH E 3 .   ? 20.968  -1.712  -3.989  1.00 35.03 ? 323 HOH A O   1 
HETATM 1258 O  O   . HOH E 3 .   ? -5.481  5.293   -7.436  1.00 33.95 ? 324 HOH A O   1 
HETATM 1259 O  O   . HOH E 3 .   ? -4.457  5.789   -4.244  1.00 27.32 ? 325 HOH A O   1 
HETATM 1260 O  O   . HOH E 3 .   ? -5.820  -11.650 10.925  1.00 33.85 ? 326 HOH A O   1 
HETATM 1261 O  O   . HOH E 3 .   ? -3.913  -3.333  -10.822 1.00 30.60 ? 327 HOH A O   1 
HETATM 1262 O  O   . HOH E 3 .   ? 8.711   5.651   1.972   1.00 23.63 ? 328 HOH A O   1 
HETATM 1263 O  O   . HOH E 3 .   ? 14.944  -0.074  3.459   1.00 38.32 ? 329 HOH A O   1 
HETATM 1264 O  O   . HOH E 3 .   ? -12.732 -26.436 3.476   1.00 38.54 ? 330 HOH A O   1 
HETATM 1265 O  O   . HOH E 3 .   ? -1.594  -5.250  -18.034 1.00 46.20 ? 331 HOH A O   1 
HETATM 1266 O  O   . HOH E 3 .   ? 15.080  7.785   -8.242  1.00 32.07 ? 332 HOH A O   1 
HETATM 1267 O  O   . HOH E 3 .   ? 13.761  4.229   4.423   1.00 32.09 ? 333 HOH A O   1 
HETATM 1268 O  O   . HOH E 3 .   ? -7.412  4.577   -9.469  1.00 41.43 ? 334 HOH A O   1 
HETATM 1269 O  O   . HOH E 3 .   ? 16.895  -4.417  -9.567  1.00 28.90 ? 335 HOH A O   1 
HETATM 1270 O  O   . HOH E 3 .   ? 1.468   7.957   -11.655 1.00 32.54 ? 336 HOH A O   1 
HETATM 1271 O  O   . HOH E 3 .   ? 3.659   13.390  -0.475  1.00 25.77 ? 337 HOH A O   1 
HETATM 1272 O  O   . HOH E 3 .   ? -0.791  15.084  16.187  1.00 47.16 ? 338 HOH A O   1 
HETATM 1273 O  O   . HOH E 3 .   ? 8.215   3.955   -0.741  1.00 21.94 ? 339 HOH A O   1 
HETATM 1274 O  O   . HOH E 3 .   ? 15.740  4.872   -6.465  1.00 22.87 ? 340 HOH A O   1 
HETATM 1275 O  O   . HOH E 3 .   ? -15.426 -3.080  6.555   1.00 45.75 ? 341 HOH A O   1 
HETATM 1276 O  O   . HOH E 3 .   ? -17.478 -14.985 3.002   1.00 39.13 ? 342 HOH A O   1 
HETATM 1277 O  O   . HOH E 3 .   ? 4.253   1.826   16.248  1.00 30.86 ? 343 HOH A O   1 
HETATM 1278 O  O   . HOH E 3 .   ? 5.135   18.620  -4.383  1.00 38.81 ? 344 HOH A O   1 
HETATM 1279 O  O   . HOH E 3 .   ? -11.150 8.555   2.626   1.00 30.15 ? 345 HOH A O   1 
HETATM 1280 O  O   . HOH E 3 .   ? 4.617   -10.287 7.844   1.00 27.14 ? 346 HOH A O   1 
HETATM 1281 O  O   . HOH E 3 .   ? 10.306  -1.768  9.098   1.00 26.29 ? 347 HOH A O   1 
HETATM 1282 O  O   . HOH E 3 .   ? -9.958  -2.104  -5.373  1.00 37.40 ? 348 HOH A O   1 
HETATM 1283 O  O   . HOH E 3 .   ? -9.126  2.898   -5.729  1.00 38.01 ? 349 HOH A O   1 
HETATM 1284 O  O   . HOH E 3 .   ? 0.904   -1.558  -16.584 1.00 39.18 ? 350 HOH A O   1 
HETATM 1285 O  O   . HOH E 3 .   ? -1.399  -1.301  16.307  1.00 31.28 ? 351 HOH A O   1 
HETATM 1286 O  O   . HOH E 3 .   ? 5.729   12.044  7.652   1.00 25.76 ? 352 HOH A O   1 
HETATM 1287 O  O   . HOH E 3 .   ? -9.958  -2.385  11.524  1.00 33.10 ? 353 HOH A O   1 
HETATM 1288 O  O   . HOH E 3 .   ? 12.183  -0.450  -11.858 1.00 25.99 ? 354 HOH A O   1 
HETATM 1289 O  O   . HOH E 3 .   ? 6.655   7.733   7.280   1.00 29.12 ? 355 HOH A O   1 
HETATM 1290 O  O   . HOH E 3 .   ? -0.457  -15.952 4.273   1.00 31.15 ? 356 HOH A O   1 
HETATM 1291 O  O   . HOH E 3 .   ? -15.202 3.753   10.054  1.00 32.38 ? 357 HOH A O   1 
HETATM 1292 O  O   . HOH E 3 .   ? 2.709   -7.487  10.041  1.00 28.53 ? 358 HOH A O   1 
HETATM 1293 O  O   . HOH E 3 .   ? -12.725 -23.067 -7.683  1.00 34.62 ? 359 HOH A O   1 
HETATM 1294 O  O   . HOH E 3 .   ? 2.048   8.591   -6.889  1.00 28.04 ? 360 HOH A O   1 
HETATM 1295 O  O   . HOH E 3 .   ? 21.986  2.073   -3.774  1.00 35.46 ? 361 HOH A O   1 
HETATM 1296 O  O   . HOH E 3 .   ? 14.578  -9.796  -1.207  1.00 45.39 ? 362 HOH A O   1 
HETATM 1297 O  O   . HOH E 3 .   ? -4.362  9.857   -4.639  1.00 30.32 ? 363 HOH A O   1 
HETATM 1298 O  O   . HOH E 3 .   ? -13.601 4.119   12.022  1.00 38.52 ? 364 HOH A O   1 
HETATM 1299 O  O   . HOH E 3 .   ? -1.569  15.785  -0.166  1.00 32.87 ? 365 HOH A O   1 
HETATM 1300 O  O   . HOH E 3 .   ? 7.856   17.803  -5.244  1.00 41.58 ? 366 HOH A O   1 
HETATM 1301 O  O   . HOH E 3 .   ? 7.406   11.419  -9.138  1.00 31.43 ? 367 HOH A O   1 
HETATM 1302 O  O   . HOH E 3 .   ? -16.787 -1.657  -7.694  1.00 54.66 ? 368 HOH A O   1 
HETATM 1303 O  O   . HOH E 3 .   ? 5.169   -11.360 3.465   1.00 39.78 ? 369 HOH A O   1 
HETATM 1304 O  O   . HOH E 3 .   ? -11.370 9.669   17.840  1.00 44.57 ? 370 HOH A O   1 
HETATM 1305 O  O   . HOH E 3 .   ? 8.171   3.790   -16.718 1.00 39.03 ? 371 HOH A O   1 
HETATM 1306 O  O   . HOH E 3 .   ? -10.189 7.202   19.490  1.00 46.56 ? 372 HOH A O   1 
HETATM 1307 O  O   . HOH E 3 .   ? -0.993  16.740  -9.172  1.00 40.50 ? 373 HOH A O   1 
HETATM 1308 O  O   . HOH E 3 .   ? -3.375  -6.066  -13.933 1.00 40.18 ? 374 HOH A O   1 
HETATM 1309 O  O   . HOH E 3 .   ? -9.059  2.267   15.828  1.00 36.60 ? 375 HOH A O   1 
HETATM 1310 O  O   . HOH E 3 .   ? 12.890  -6.508  -13.171 1.00 38.19 ? 376 HOH A O   1 
HETATM 1311 O  O   . HOH E 3 .   ? -10.436 -6.996  11.373  1.00 40.10 ? 377 HOH A O   1 
HETATM 1312 O  O   . HOH E 3 .   ? -6.361  16.073  7.610   1.00 40.50 ? 378 HOH A O   1 
HETATM 1313 O  O   . HOH E 3 .   ? 16.997  -8.246  -6.904  1.00 32.77 ? 379 HOH A O   1 
HETATM 1314 O  O   . HOH E 3 .   ? -7.132  1.914   18.482  1.00 30.45 ? 380 HOH A O   1 
HETATM 1315 O  O   . HOH E 3 .   ? -8.977  12.238  1.724   1.00 38.60 ? 381 HOH A O   1 
HETATM 1316 O  O   . HOH E 3 .   ? -19.032 -16.963 2.111   1.00 40.90 ? 382 HOH A O   1 
HETATM 1317 O  O   . HOH E 3 .   ? 0.994   -1.968  16.164  1.00 32.18 ? 383 HOH A O   1 
HETATM 1318 O  O   . HOH E 3 .   ? -14.093 -12.042 2.311   1.00 38.87 ? 384 HOH A O   1 
HETATM 1319 O  O   . HOH E 3 .   ? -2.766  14.475  -4.919  1.00 43.53 ? 385 HOH A O   1 
HETATM 1320 O  O   . HOH E 3 .   ? 9.139   12.870  -7.720  1.00 32.64 ? 386 HOH A O   1 
HETATM 1321 O  O   . HOH E 3 .   ? 7.634   -11.379 7.187   1.00 40.72 ? 387 HOH A O   1 
HETATM 1322 O  O   . HOH E 3 .   ? 15.267  -2.387  -10.265 1.00 27.31 ? 388 HOH A O   1 
HETATM 1323 O  O   . HOH E 3 .   ? 13.316  -6.936  4.273   1.00 39.97 ? 389 HOH A O   1 
HETATM 1324 O  O   . HOH E 3 .   ? 4.358   9.807   -15.181 1.00 35.64 ? 390 HOH A O   1 
HETATM 1325 O  O   . HOH E 3 .   ? 12.471  -1.567  12.422  1.00 44.63 ? 391 HOH A O   1 
HETATM 1326 O  O   . HOH E 3 .   ? 3.339   18.523  -7.709  1.00 41.63 ? 392 HOH A O   1 
HETATM 1327 O  O   . HOH E 3 .   ? 10.032  5.577   4.835   1.00 29.85 ? 393 HOH A O   1 
HETATM 1328 O  O   . HOH E 3 .   ? -7.366  1.753   -10.116 1.00 38.53 ? 394 HOH A O   1 
HETATM 1329 O  O   . HOH E 3 .   ? 12.510  0.016   5.161   1.00 38.76 ? 395 HOH A O   1 
HETATM 1330 O  O   . HOH E 3 .   ? 0.524   -10.613 7.460   1.00 38.85 ? 396 HOH A O   1 
HETATM 1331 O  O   . HOH E 3 .   ? 9.202   -5.846  12.373  1.00 35.88 ? 397 HOH A O   1 
HETATM 1332 O  O   . HOH E 3 .   ? -10.590 0.039   -5.219  1.00 37.95 ? 398 HOH A O   1 
HETATM 1333 O  O   . HOH E 3 .   ? -13.652 -17.637 7.537   1.00 43.83 ? 399 HOH A O   1 
HETATM 1334 O  O   . HOH E 3 .   ? -7.075  -15.319 -5.037  1.00 46.45 ? 400 HOH A O   1 
HETATM 1335 O  O   . HOH E 3 .   ? -9.311  -3.912  -8.138  1.00 38.09 ? 401 HOH A O   1 
HETATM 1336 O  O   . HOH E 3 .   ? -4.600  10.491  -7.680  1.00 34.10 ? 402 HOH A O   1 
HETATM 1337 O  O   . HOH E 3 .   ? 7.708   7.206   -1.816  1.00 19.52 ? 403 HOH A O   1 
HETATM 1338 O  O   . HOH E 3 .   ? 10.747  -7.901  12.632  1.00 37.24 ? 404 HOH A O   1 
HETATM 1339 O  O   . HOH E 3 .   ? -5.328  4.180   -16.291 1.00 46.06 ? 405 HOH A O   1 
HETATM 1340 O  O   . HOH E 3 .   ? 19.924  -6.319  -8.074  1.00 38.44 ? 406 HOH A O   1 
HETATM 1341 O  O   . HOH E 3 .   ? -12.578 -10.519 8.575   1.00 49.96 ? 407 HOH A O   1 
HETATM 1342 O  O   . HOH E 3 .   ? 10.322  -4.000  10.958  1.00 41.82 ? 408 HOH A O   1 
HETATM 1343 O  O   . HOH E 3 .   ? 21.749  4.505   -0.331  1.00 43.89 ? 409 HOH A O   1 
HETATM 1344 O  O   . HOH E 3 .   ? 7.913   -13.148 -10.609 1.00 34.61 ? 410 HOH A O   1 
HETATM 1345 O  O   . HOH E 3 .   ? -3.020  16.998  3.213   1.00 40.68 ? 411 HOH A O   1 
HETATM 1346 O  O   . HOH E 3 .   ? -2.889  -16.153 -6.939  1.00 52.52 ? 412 HOH A O   1 
HETATM 1347 O  O   . HOH E 3 .   ? -2.101  -0.116  -17.271 1.00 47.71 ? 413 HOH A O   1 
HETATM 1348 O  O   . HOH E 3 .   ? -11.564 -12.768 7.336   1.00 44.22 ? 414 HOH A O   1 
HETATM 1349 O  O   . HOH E 3 .   ? 2.032   -10.001 9.431   1.00 39.14 ? 415 HOH A O   1 
HETATM 1350 O  O   . HOH E 3 .   ? -6.440  8.742   -9.168  1.00 42.86 ? 416 HOH A O   1 
HETATM 1351 O  O   . HOH E 3 .   ? 0.466   -17.056 0.613   1.00 44.17 ? 417 HOH A O   1 
HETATM 1352 O  O   . HOH E 3 .   ? -0.699  1.616   -17.126 1.00 44.69 ? 418 HOH A O   1 
HETATM 1353 O  O   . HOH E 3 .   ? 12.142  0.881   8.486   1.00 42.01 ? 419 HOH A O   1 
HETATM 1354 O  O   . HOH E 3 .   ? -13.712 -4.500  8.599   1.00 47.91 ? 420 HOH A O   1 
HETATM 1355 O  O   . HOH E 3 .   ? -13.550 13.085  9.580   1.00 28.88 ? 421 HOH A O   1 
HETATM 1356 O  O   . HOH E 3 .   ? 5.646   18.586  5.971   1.00 45.84 ? 422 HOH A O   1 
HETATM 1357 O  O   . HOH E 3 .   ? 9.112   15.122  -9.117  1.00 35.75 ? 423 HOH A O   1 
HETATM 1358 O  O   . HOH E 3 .   ? 1.977   10.673  -15.242 1.00 47.76 ? 424 HOH A O   1 
HETATM 1359 O  O   . HOH E 3 .   ? -8.973  -8.843  -9.745  1.00 49.61 ? 425 HOH A O   1 
HETATM 1360 O  O   . HOH E 3 .   ? -6.359  0.941   -14.233 1.00 43.89 ? 426 HOH A O   1 
HETATM 1361 O  O   . HOH E 3 .   ? -13.419 -26.004 5.429   1.00 44.48 ? 427 HOH A O   1 
HETATM 1362 O  O   . HOH E 3 .   ? -5.873  0.541   -11.693 1.00 34.31 ? 428 HOH A O   1 
HETATM 1363 O  O   . HOH E 3 .   ? -6.551  7.138   -5.417  1.00 41.09 ? 429 HOH A O   1 
HETATM 1364 O  O   . HOH E 3 .   ? 4.250   12.589  11.663  1.00 40.38 ? 430 HOH A O   1 
HETATM 1365 O  O   . HOH E 3 .   ? -11.112 1.505   14.982  1.00 35.89 ? 431 HOH A O   1 
HETATM 1366 O  O   . HOH E 3 .   ? -15.391 -10.892 -6.440  1.00 45.38 ? 432 HOH A O   1 
HETATM 1367 O  O   . HOH E 3 .   ? -19.534 -19.280 1.901   1.00 42.28 ? 433 HOH A O   1 
HETATM 1368 O  O   . HOH E 3 .   ? 14.904  -9.824  -5.801  1.00 37.18 ? 434 HOH A O   1 
HETATM 1369 O  O   . HOH E 3 .   ? 17.516  6.796   6.284   1.00 44.74 ? 435 HOH A O   1 
HETATM 1370 O  O   . HOH E 3 .   ? -3.822  13.590  9.922   1.00 41.26 ? 436 HOH A O   1 
HETATM 1371 O  O   . HOH E 3 .   ? 9.664   7.756   6.884   1.00 35.52 ? 437 HOH A O   1 
HETATM 1372 O  O   . HOH E 3 .   ? -6.131  -1.949  -11.281 1.00 34.67 ? 438 HOH A O   1 
HETATM 1373 O  O   . HOH E 3 .   ? 10.320  -12.192 9.552   1.00 40.53 ? 439 HOH A O   1 
HETATM 1374 O  O   . HOH E 3 .   ? 0.254   -3.473  -18.447 1.00 47.31 ? 440 HOH A O   1 
HETATM 1375 O  O   . HOH E 3 .   ? -5.867  12.192  12.356  1.00 41.66 ? 441 HOH A O   1 
HETATM 1376 O  O   . HOH E 3 .   ? -9.365  -0.426  -9.378  1.00 48.04 ? 442 HOH A O   1 
HETATM 1377 O  O   . HOH E 3 .   ? -9.752  -12.494 -8.633  1.00 52.90 ? 443 HOH A O   1 
HETATM 1378 O  O   . HOH E 3 .   ? 8.399   9.074   15.626  1.00 46.21 ? 444 HOH A O   1 
HETATM 1379 O  O   . HOH E 3 .   ? -12.363 -2.979  10.728  1.00 43.97 ? 445 HOH A O   1 
HETATM 1380 O  O   . HOH E 3 .   ? 12.799  -13.725 -7.598  1.00 40.35 ? 446 HOH A O   1 
HETATM 1381 O  O   . HOH E 3 .   ? 16.120  -11.187 -9.652  1.00 43.43 ? 447 HOH A O   1 
HETATM 1382 O  O   . HOH E 3 .   ? 8.931   -10.674 -16.334 1.00 49.31 ? 448 HOH A O   1 
HETATM 1383 O  O   . HOH E 3 .   ? -15.776 -12.069 0.791   1.00 39.38 ? 449 HOH A O   1 
HETATM 1384 O  O   . HOH E 3 .   ? -4.030  -18.199 1.355   1.00 38.17 ? 450 HOH A O   1 
HETATM 1385 O  O   . HOH E 3 .   ? -0.255  11.868  20.819  1.00 46.96 ? 451 HOH A O   1 
HETATM 1386 O  O   . HOH E 3 .   ? -10.115 -16.583 -9.552  1.00 46.27 ? 452 HOH A O   1 
HETATM 1387 O  O   . HOH E 3 .   ? -4.731  2.184   21.621  1.00 31.08 ? 453 HOH A O   1 
HETATM 1388 O  O   . HOH E 3 .   ? 14.601  -8.531  3.055   1.00 40.73 ? 454 HOH A O   1 
HETATM 1389 O  O   . HOH E 3 .   ? 6.198   14.514  7.962   1.00 43.33 ? 455 HOH A O   1 
HETATM 1390 O  O   . HOH E 3 .   ? 15.931  2.717   4.442   1.00 44.64 ? 456 HOH A O   1 
HETATM 1391 O  O   . HOH E 3 .   ? 17.284  -8.609  -9.359  1.00 34.85 ? 457 HOH A O   1 
HETATM 1392 O  O   . HOH E 3 .   ? -1.667  15.887  -11.899 1.00 53.60 ? 458 HOH A O   1 
HETATM 1393 O  O   . HOH E 3 .   ? 7.292   14.533  11.247  1.00 50.78 ? 459 HOH A O   1 
HETATM 1394 O  O   . HOH E 3 .   ? 18.782  3.831   4.469   1.00 48.20 ? 460 HOH A O   1 
HETATM 1395 O  O   . HOH E 3 .   ? 17.444  -12.849 -5.737  1.00 51.10 ? 461 HOH A O   1 
# 
